data_7DKR
# 
_entry.id   7DKR 
# 
_audit_conform.dict_name       mmcif_pdbx.dic 
_audit_conform.dict_version    5.380 
_audit_conform.dict_location   http://mmcif.pdb.org/dictionaries/ascii/mmcif_pdbx.dic 
# 
loop_
_database_2.database_id 
_database_2.database_code 
_database_2.pdbx_database_accession 
_database_2.pdbx_DOI 
PDB   7DKR         pdb_00007dkr 10.2210/pdb7dkr/pdb 
WWPDB D_1300018708 ?            ?                   
# 
_pdbx_database_status.status_code                     REL 
_pdbx_database_status.status_code_sf                  REL 
_pdbx_database_status.status_code_mr                  ? 
_pdbx_database_status.entry_id                        7DKR 
_pdbx_database_status.recvd_initial_deposition_date   2020-11-25 
_pdbx_database_status.SG_entry                        N 
_pdbx_database_status.deposit_site                    PDBJ 
_pdbx_database_status.process_site                    PDBJ 
_pdbx_database_status.status_code_cs                  ? 
_pdbx_database_status.status_code_nmr_data            ? 
_pdbx_database_status.methods_development_category    ? 
_pdbx_database_status.pdb_format_compatible           Y 
# 
loop_
_audit_author.name 
_audit_author.pdbx_ordinal 
_audit_author.identifier_ORCID 
'Sreekumar, S.N.' 1 0000-0002-2871-0237 
'Arockiasamy, A.' 2 0000-0002-4606-8006 
# 
_citation.abstract                  ? 
_citation.abstract_id_CAS           ? 
_citation.book_id_ISBN              ? 
_citation.book_publisher            ? 
_citation.book_publisher_city       ? 
_citation.book_title                ? 
_citation.coordinate_linkage        ? 
_citation.country                   ? 
_citation.database_id_Medline       ? 
_citation.details                   ? 
_citation.id                        primary 
_citation.journal_abbrev            'To Be Published' 
_citation.journal_id_ASTM           ? 
_citation.journal_id_CSD            0353 
_citation.journal_id_ISSN           ? 
_citation.journal_full              ? 
_citation.journal_issue             ? 
_citation.journal_volume            ? 
_citation.language                  ? 
_citation.page_first                ? 
_citation.page_last                 ? 
_citation.title                     'Crystal structure of native E. coli Grx2 at 2.38 A' 
_citation.year                      ? 
_citation.database_id_CSD           ? 
_citation.pdbx_database_id_DOI      ? 
_citation.pdbx_database_id_PubMed   ? 
_citation.unpublished_flag          ? 
# 
loop_
_citation_author.citation_id 
_citation_author.name 
_citation_author.ordinal 
_citation_author.identifier_ORCID 
primary 'Sreekumar, S.N.' 1 0000-0002-2871-0237 
primary 'Arockiasamy, A.' 2 0000-0002-4606-8006 
# 
_cell.angle_alpha                  90.000 
_cell.angle_alpha_esd              ? 
_cell.angle_beta                   90.000 
_cell.angle_beta_esd               ? 
_cell.angle_gamma                  90.000 
_cell.angle_gamma_esd              ? 
_cell.entry_id                     7DKR 
_cell.details                      ? 
_cell.formula_units_Z              ? 
_cell.length_a                     28.470 
_cell.length_a_esd                 ? 
_cell.length_b                     78.950 
_cell.length_b_esd                 ? 
_cell.length_c                     89.280 
_cell.length_c_esd                 ? 
_cell.volume                       ? 
_cell.volume_esd                   ? 
_cell.Z_PDB                        4 
_cell.reciprocal_angle_alpha       ? 
_cell.reciprocal_angle_beta        ? 
_cell.reciprocal_angle_gamma       ? 
_cell.reciprocal_angle_alpha_esd   ? 
_cell.reciprocal_angle_beta_esd    ? 
_cell.reciprocal_angle_gamma_esd   ? 
_cell.reciprocal_length_a          ? 
_cell.reciprocal_length_b          ? 
_cell.reciprocal_length_c          ? 
_cell.reciprocal_length_a_esd      ? 
_cell.reciprocal_length_b_esd      ? 
_cell.reciprocal_length_c_esd      ? 
_cell.pdbx_unique_axis             ? 
# 
_symmetry.entry_id                         7DKR 
_symmetry.cell_setting                     ? 
_symmetry.Int_Tables_number                19 
_symmetry.space_group_name_Hall            ? 
_symmetry.space_group_name_H-M             'P 21 21 21' 
_symmetry.pdbx_full_space_group_name_H-M   ? 
# 
_entity.id                         1 
_entity.type                       polymer 
_entity.src_method                 man 
_entity.pdbx_description           Glutaredoxin 
_entity.formula_weight             24383.229 
_entity.pdbx_number_of_molecules   1 
_entity.pdbx_ec                    ? 
_entity.pdbx_mutation              ? 
_entity.pdbx_fragment              ? 
_entity.details                    ? 
# 
_entity_name_com.entity_id   1 
_entity_name_com.name        
'Glutaredoxin 2 (Grx2),Glutaredoxin glutaredoxin,Glutaredoxin,GrxB family,Glutaredoxin-2,Glutaredoxin-2 Grx2' 
# 
_entity_poly.entity_id                      1 
_entity_poly.type                           'polypeptide(L)' 
_entity_poly.nstd_linkage                   no 
_entity_poly.nstd_monomer                   no 
_entity_poly.pdbx_seq_one_letter_code       
;MKLYIYDHCPYCLKARMIFGLKNIPVELHVLLNDDAETPTRMVGQKQVPILQKDDSRYMPESMDIVHYVDKLDGKPLLTG
KRSPAIEEWLRKVNGYANKLLLPRFAKSAFDEFSTPAARKYFVDKKEASAGNFADLLAHSDGLIKNISDDLRALDKLIVK
PNAVNGELSEDDIQLFPLLRNLTLVAGINWPSRVADYRDNMAKQTQINLLSSMAI
;
_entity_poly.pdbx_seq_one_letter_code_can   
;MKLYIYDHCPYCLKARMIFGLKNIPVELHVLLNDDAETPTRMVGQKQVPILQKDDSRYMPESMDIVHYVDKLDGKPLLTG
KRSPAIEEWLRKVNGYANKLLLPRFAKSAFDEFSTPAARKYFVDKKEASAGNFADLLAHSDGLIKNISDDLRALDKLIVK
PNAVNGELSEDDIQLFPLLRNLTLVAGINWPSRVADYRDNMAKQTQINLLSSMAI
;
_entity_poly.pdbx_strand_id                 A 
_entity_poly.pdbx_target_identifier         ? 
# 
loop_
_entity_poly_seq.entity_id 
_entity_poly_seq.num 
_entity_poly_seq.mon_id 
_entity_poly_seq.hetero 
1 1   MET n 
1 2   LYS n 
1 3   LEU n 
1 4   TYR n 
1 5   ILE n 
1 6   TYR n 
1 7   ASP n 
1 8   HIS n 
1 9   CYS n 
1 10  PRO n 
1 11  TYR n 
1 12  CYS n 
1 13  LEU n 
1 14  LYS n 
1 15  ALA n 
1 16  ARG n 
1 17  MET n 
1 18  ILE n 
1 19  PHE n 
1 20  GLY n 
1 21  LEU n 
1 22  LYS n 
1 23  ASN n 
1 24  ILE n 
1 25  PRO n 
1 26  VAL n 
1 27  GLU n 
1 28  LEU n 
1 29  HIS n 
1 30  VAL n 
1 31  LEU n 
1 32  LEU n 
1 33  ASN n 
1 34  ASP n 
1 35  ASP n 
1 36  ALA n 
1 37  GLU n 
1 38  THR n 
1 39  PRO n 
1 40  THR n 
1 41  ARG n 
1 42  MET n 
1 43  VAL n 
1 44  GLY n 
1 45  GLN n 
1 46  LYS n 
1 47  GLN n 
1 48  VAL n 
1 49  PRO n 
1 50  ILE n 
1 51  LEU n 
1 52  GLN n 
1 53  LYS n 
1 54  ASP n 
1 55  ASP n 
1 56  SER n 
1 57  ARG n 
1 58  TYR n 
1 59  MET n 
1 60  PRO n 
1 61  GLU n 
1 62  SER n 
1 63  MET n 
1 64  ASP n 
1 65  ILE n 
1 66  VAL n 
1 67  HIS n 
1 68  TYR n 
1 69  VAL n 
1 70  ASP n 
1 71  LYS n 
1 72  LEU n 
1 73  ASP n 
1 74  GLY n 
1 75  LYS n 
1 76  PRO n 
1 77  LEU n 
1 78  LEU n 
1 79  THR n 
1 80  GLY n 
1 81  LYS n 
1 82  ARG n 
1 83  SER n 
1 84  PRO n 
1 85  ALA n 
1 86  ILE n 
1 87  GLU n 
1 88  GLU n 
1 89  TRP n 
1 90  LEU n 
1 91  ARG n 
1 92  LYS n 
1 93  VAL n 
1 94  ASN n 
1 95  GLY n 
1 96  TYR n 
1 97  ALA n 
1 98  ASN n 
1 99  LYS n 
1 100 LEU n 
1 101 LEU n 
1 102 LEU n 
1 103 PRO n 
1 104 ARG n 
1 105 PHE n 
1 106 ALA n 
1 107 LYS n 
1 108 SER n 
1 109 ALA n 
1 110 PHE n 
1 111 ASP n 
1 112 GLU n 
1 113 PHE n 
1 114 SER n 
1 115 THR n 
1 116 PRO n 
1 117 ALA n 
1 118 ALA n 
1 119 ARG n 
1 120 LYS n 
1 121 TYR n 
1 122 PHE n 
1 123 VAL n 
1 124 ASP n 
1 125 LYS n 
1 126 LYS n 
1 127 GLU n 
1 128 ALA n 
1 129 SER n 
1 130 ALA n 
1 131 GLY n 
1 132 ASN n 
1 133 PHE n 
1 134 ALA n 
1 135 ASP n 
1 136 LEU n 
1 137 LEU n 
1 138 ALA n 
1 139 HIS n 
1 140 SER n 
1 141 ASP n 
1 142 GLY n 
1 143 LEU n 
1 144 ILE n 
1 145 LYS n 
1 146 ASN n 
1 147 ILE n 
1 148 SER n 
1 149 ASP n 
1 150 ASP n 
1 151 LEU n 
1 152 ARG n 
1 153 ALA n 
1 154 LEU n 
1 155 ASP n 
1 156 LYS n 
1 157 LEU n 
1 158 ILE n 
1 159 VAL n 
1 160 LYS n 
1 161 PRO n 
1 162 ASN n 
1 163 ALA n 
1 164 VAL n 
1 165 ASN n 
1 166 GLY n 
1 167 GLU n 
1 168 LEU n 
1 169 SER n 
1 170 GLU n 
1 171 ASP n 
1 172 ASP n 
1 173 ILE n 
1 174 GLN n 
1 175 LEU n 
1 176 PHE n 
1 177 PRO n 
1 178 LEU n 
1 179 LEU n 
1 180 ARG n 
1 181 ASN n 
1 182 LEU n 
1 183 THR n 
1 184 LEU n 
1 185 VAL n 
1 186 ALA n 
1 187 GLY n 
1 188 ILE n 
1 189 ASN n 
1 190 TRP n 
1 191 PRO n 
1 192 SER n 
1 193 ARG n 
1 194 VAL n 
1 195 ALA n 
1 196 ASP n 
1 197 TYR n 
1 198 ARG n 
1 199 ASP n 
1 200 ASN n 
1 201 MET n 
1 202 ALA n 
1 203 LYS n 
1 204 GLN n 
1 205 THR n 
1 206 GLN n 
1 207 ILE n 
1 208 ASN n 
1 209 LEU n 
1 210 LEU n 
1 211 SER n 
1 212 SER n 
1 213 MET n 
1 214 ALA n 
1 215 ILE n 
# 
_entity_src_gen.entity_id                          1 
_entity_src_gen.pdbx_src_id                        1 
_entity_src_gen.pdbx_alt_source_flag               sample 
_entity_src_gen.pdbx_seq_type                      'Biological sequence' 
_entity_src_gen.pdbx_beg_seq_num                   1 
_entity_src_gen.pdbx_end_seq_num                   215 
_entity_src_gen.gene_src_common_name               ? 
_entity_src_gen.gene_src_genus                     ? 
_entity_src_gen.pdbx_gene_src_gene                 ? 
_entity_src_gen.gene_src_species                   ? 
_entity_src_gen.gene_src_strain                    ? 
_entity_src_gen.gene_src_tissue                    ? 
_entity_src_gen.gene_src_tissue_fraction           ? 
_entity_src_gen.gene_src_details                   ? 
_entity_src_gen.pdbx_gene_src_fragment             ? 
_entity_src_gen.pdbx_gene_src_scientific_name      'Escherichia coli' 
_entity_src_gen.pdbx_gene_src_ncbi_taxonomy_id     562 
_entity_src_gen.pdbx_gene_src_variant              ? 
_entity_src_gen.pdbx_gene_src_cell_line            ? 
_entity_src_gen.pdbx_gene_src_atcc                 ? 
_entity_src_gen.pdbx_gene_src_organ                ? 
_entity_src_gen.pdbx_gene_src_organelle            ? 
_entity_src_gen.pdbx_gene_src_cell                 ? 
_entity_src_gen.pdbx_gene_src_cellular_location    ? 
_entity_src_gen.host_org_common_name               ? 
_entity_src_gen.pdbx_host_org_scientific_name      'Escherichia coli BL21(DE3)' 
_entity_src_gen.pdbx_host_org_ncbi_taxonomy_id     469008 
_entity_src_gen.host_org_genus                     ? 
_entity_src_gen.pdbx_host_org_gene                 ? 
_entity_src_gen.pdbx_host_org_organ                ? 
_entity_src_gen.host_org_species                   ? 
_entity_src_gen.pdbx_host_org_tissue               ? 
_entity_src_gen.pdbx_host_org_tissue_fraction      ? 
_entity_src_gen.pdbx_host_org_strain               ? 
_entity_src_gen.pdbx_host_org_variant              ? 
_entity_src_gen.pdbx_host_org_cell_line            ? 
_entity_src_gen.pdbx_host_org_atcc                 ? 
_entity_src_gen.pdbx_host_org_culture_collection   ? 
_entity_src_gen.pdbx_host_org_cell                 ? 
_entity_src_gen.pdbx_host_org_organelle            ? 
_entity_src_gen.pdbx_host_org_cellular_location    ? 
_entity_src_gen.pdbx_host_org_vector_type          ? 
_entity_src_gen.pdbx_host_org_vector               ? 
_entity_src_gen.host_org_details                   ? 
_entity_src_gen.expression_system_id               ? 
_entity_src_gen.plasmid_name                       ? 
_entity_src_gen.plasmid_details                    ? 
_entity_src_gen.pdbx_description                   ? 
# 
_struct_ref.id                         1 
_struct_ref.db_name                    UNP 
_struct_ref.db_code                    C3TEC2_ECOLX 
_struct_ref.pdbx_db_accession          C3TEC2 
_struct_ref.pdbx_db_isoform            ? 
_struct_ref.entity_id                  1 
_struct_ref.pdbx_seq_one_letter_code   
;MKLYIYDHCPYCLKARMIFGLKNIPVELHVLLNDDAETPTRMVGQKQVPILQKDDSRYMPESMDIVHYVDKLDGKPLLTG
KRSPAIEEWLRKVNGYANKLLLPRFAKSAFDEFSTPAARKYFVDKKEASAGNFADLLAHSDGLIKNISDDLRALDKLIVK
PNAVNGELSEDDIQLFPLLRNLTLVAGINWPSRVADYRDNMAKQTQINLLSSMAI
;
_struct_ref.pdbx_align_begin           1 
# 
_struct_ref_seq.align_id                      1 
_struct_ref_seq.ref_id                        1 
_struct_ref_seq.pdbx_PDB_id_code              7DKR 
_struct_ref_seq.pdbx_strand_id                A 
_struct_ref_seq.seq_align_beg                 1 
_struct_ref_seq.pdbx_seq_align_beg_ins_code   ? 
_struct_ref_seq.seq_align_end                 215 
_struct_ref_seq.pdbx_seq_align_end_ins_code   ? 
_struct_ref_seq.pdbx_db_accession             C3TEC2 
_struct_ref_seq.db_align_beg                  1 
_struct_ref_seq.pdbx_db_align_beg_ins_code    ? 
_struct_ref_seq.db_align_end                  215 
_struct_ref_seq.pdbx_db_align_end_ins_code    ? 
_struct_ref_seq.pdbx_auth_seq_align_beg       1 
_struct_ref_seq.pdbx_auth_seq_align_end       215 
# 
loop_
_chem_comp.id 
_chem_comp.type 
_chem_comp.mon_nstd_flag 
_chem_comp.name 
_chem_comp.pdbx_synonyms 
_chem_comp.formula 
_chem_comp.formula_weight 
ALA 'L-peptide linking' y ALANINE         ? 'C3 H7 N O2'     89.093  
ARG 'L-peptide linking' y ARGININE        ? 'C6 H15 N4 O2 1' 175.209 
ASN 'L-peptide linking' y ASPARAGINE      ? 'C4 H8 N2 O3'    132.118 
ASP 'L-peptide linking' y 'ASPARTIC ACID' ? 'C4 H7 N O4'     133.103 
CYS 'L-peptide linking' y CYSTEINE        ? 'C3 H7 N O2 S'   121.158 
GLN 'L-peptide linking' y GLUTAMINE       ? 'C5 H10 N2 O3'   146.144 
GLU 'L-peptide linking' y 'GLUTAMIC ACID' ? 'C5 H9 N O4'     147.129 
GLY 'peptide linking'   y GLYCINE         ? 'C2 H5 N O2'     75.067  
HIS 'L-peptide linking' y HISTIDINE       ? 'C6 H10 N3 O2 1' 156.162 
ILE 'L-peptide linking' y ISOLEUCINE      ? 'C6 H13 N O2'    131.173 
LEU 'L-peptide linking' y LEUCINE         ? 'C6 H13 N O2'    131.173 
LYS 'L-peptide linking' y LYSINE          ? 'C6 H15 N2 O2 1' 147.195 
MET 'L-peptide linking' y METHIONINE      ? 'C5 H11 N O2 S'  149.211 
PHE 'L-peptide linking' y PHENYLALANINE   ? 'C9 H11 N O2'    165.189 
PRO 'L-peptide linking' y PROLINE         ? 'C5 H9 N O2'     115.130 
SER 'L-peptide linking' y SERINE          ? 'C3 H7 N O3'     105.093 
THR 'L-peptide linking' y THREONINE       ? 'C4 H9 N O3'     119.119 
TRP 'L-peptide linking' y TRYPTOPHAN      ? 'C11 H12 N2 O2'  204.225 
TYR 'L-peptide linking' y TYROSINE        ? 'C9 H11 N O3'    181.189 
VAL 'L-peptide linking' y VALINE          ? 'C5 H11 N O2'    117.146 
# 
_exptl.absorpt_coefficient_mu     ? 
_exptl.absorpt_correction_T_max   ? 
_exptl.absorpt_correction_T_min   ? 
_exptl.absorpt_correction_type    ? 
_exptl.absorpt_process_details    ? 
_exptl.entry_id                   7DKR 
_exptl.crystals_number            1 
_exptl.details                    ? 
_exptl.method                     'X-RAY DIFFRACTION' 
_exptl.method_details             ? 
# 
_exptl_crystal.colour                      ? 
_exptl_crystal.density_diffrn              ? 
_exptl_crystal.density_Matthews            2.06 
_exptl_crystal.density_method              ? 
_exptl_crystal.density_percent_sol         39.90 
_exptl_crystal.description                 '2D Crystals' 
_exptl_crystal.F_000                       ? 
_exptl_crystal.id                          1 
_exptl_crystal.preparation                 ? 
_exptl_crystal.size_max                    ? 
_exptl_crystal.size_mid                    ? 
_exptl_crystal.size_min                    ? 
_exptl_crystal.size_rad                    ? 
_exptl_crystal.colour_lustre               ? 
_exptl_crystal.colour_modifier             ? 
_exptl_crystal.colour_primary              ? 
_exptl_crystal.density_meas                ? 
_exptl_crystal.density_meas_esd            ? 
_exptl_crystal.density_meas_gt             ? 
_exptl_crystal.density_meas_lt             ? 
_exptl_crystal.density_meas_temp           ? 
_exptl_crystal.density_meas_temp_esd       ? 
_exptl_crystal.density_meas_temp_gt        ? 
_exptl_crystal.density_meas_temp_lt        ? 
_exptl_crystal.pdbx_crystal_image_url      ? 
_exptl_crystal.pdbx_crystal_image_format   ? 
_exptl_crystal.pdbx_mosaicity              ? 
_exptl_crystal.pdbx_mosaicity_esd          ? 
# 
_exptl_crystal_grow.apparatus       ? 
_exptl_crystal_grow.atmosphere      ? 
_exptl_crystal_grow.crystal_id      1 
_exptl_crystal_grow.details         ? 
_exptl_crystal_grow.method          'VAPOR DIFFUSION, SITTING DROP' 
_exptl_crystal_grow.method_ref      ? 
_exptl_crystal_grow.pH              7.5 
_exptl_crystal_grow.pressure        ? 
_exptl_crystal_grow.pressure_esd    ? 
_exptl_crystal_grow.seeding         ? 
_exptl_crystal_grow.seeding_ref     ? 
_exptl_crystal_grow.temp            293.15 
_exptl_crystal_grow.temp_details    ? 
_exptl_crystal_grow.temp_esd        ? 
_exptl_crystal_grow.time            ? 
_exptl_crystal_grow.pdbx_details    
;Protein solution: 25mg/ml in 25mM Tris pH 8.0, 150 mM NaCl, Reservoir condition:0.1M HEPES pH:7.5, 20% w/v PEG 10000, Protein/reservoir mixed in 1:1, 1:2 and 2:1 ratio, set up using MRC Swissci 3 well plates with the drop size of 150 nl
;
_exptl_crystal_grow.pdbx_pH_range   ? 
# 
_diffrn.ambient_environment              ? 
_diffrn.ambient_temp                     100 
_diffrn.ambient_temp_details             ? 
_diffrn.ambient_temp_esd                 ? 
_diffrn.crystal_id                       1 
_diffrn.crystal_support                  ? 
_diffrn.crystal_treatment                ? 
_diffrn.details                          ? 
_diffrn.id                               1 
_diffrn.ambient_pressure                 ? 
_diffrn.ambient_pressure_esd             ? 
_diffrn.ambient_pressure_gt              ? 
_diffrn.ambient_pressure_lt              ? 
_diffrn.ambient_temp_gt                  ? 
_diffrn.ambient_temp_lt                  ? 
_diffrn.pdbx_serial_crystal_experiment   N 
# 
_diffrn_detector.details                      ? 
_diffrn_detector.detector                     PIXEL 
_diffrn_detector.diffrn_id                    1 
_diffrn_detector.type                         'DECTRIS PILATUS 6M' 
_diffrn_detector.area_resol_mean              ? 
_diffrn_detector.dtime                        ? 
_diffrn_detector.pdbx_frames_total            ? 
_diffrn_detector.pdbx_collection_time_total   ? 
_diffrn_detector.pdbx_collection_date         2020-02-12 
_diffrn_detector.pdbx_frequency               ? 
# 
_diffrn_radiation.collimation                      ? 
_diffrn_radiation.diffrn_id                        1 
_diffrn_radiation.filter_edge                      ? 
_diffrn_radiation.inhomogeneity                    ? 
_diffrn_radiation.monochromator                    ? 
_diffrn_radiation.polarisn_norm                    ? 
_diffrn_radiation.polarisn_ratio                   ? 
_diffrn_radiation.probe                            ? 
_diffrn_radiation.type                             ? 
_diffrn_radiation.xray_symbol                      ? 
_diffrn_radiation.wavelength_id                    1 
_diffrn_radiation.pdbx_monochromatic_or_laue_m_l   M 
_diffrn_radiation.pdbx_wavelength_list             ? 
_diffrn_radiation.pdbx_wavelength                  ? 
_diffrn_radiation.pdbx_diffrn_protocol             'SINGLE WAVELENGTH' 
_diffrn_radiation.pdbx_analyzer                    ? 
_diffrn_radiation.pdbx_scattering_type             x-ray 
# 
_diffrn_radiation_wavelength.id           1 
_diffrn_radiation_wavelength.wavelength   1.0 
_diffrn_radiation_wavelength.wt           1.0 
# 
_diffrn_source.current                     ? 
_diffrn_source.details                     ? 
_diffrn_source.diffrn_id                   1 
_diffrn_source.power                       ? 
_diffrn_source.size                        ? 
_diffrn_source.source                      SYNCHROTRON 
_diffrn_source.target                      ? 
_diffrn_source.type                        'ELETTRA BEAMLINE 11.2C' 
_diffrn_source.voltage                     ? 
_diffrn_source.take-off_angle              ? 
_diffrn_source.pdbx_wavelength_list        1.0 
_diffrn_source.pdbx_wavelength             ? 
_diffrn_source.pdbx_synchrotron_beamline   11.2C 
_diffrn_source.pdbx_synchrotron_site       ELETTRA 
# 
_reflns.B_iso_Wilson_estimate            19.0 
_reflns.entry_id                         7DKR 
_reflns.data_reduction_details           ? 
_reflns.data_reduction_method            ? 
_reflns.d_resolution_high                2.380 
_reflns.d_resolution_low                 89.280 
_reflns.details                          ? 
_reflns.limit_h_max                      ? 
_reflns.limit_h_min                      ? 
_reflns.limit_k_max                      ? 
_reflns.limit_k_min                      ? 
_reflns.limit_l_max                      ? 
_reflns.limit_l_min                      ? 
_reflns.number_all                       ? 
_reflns.number_obs                       8647 
_reflns.observed_criterion               ? 
_reflns.observed_criterion_F_max         ? 
_reflns.observed_criterion_F_min         ? 
_reflns.observed_criterion_I_max         ? 
_reflns.observed_criterion_I_min         ? 
_reflns.observed_criterion_sigma_F       ? 
_reflns.observed_criterion_sigma_I       ? 
_reflns.percent_possible_obs             100.000 
_reflns.R_free_details                   ? 
_reflns.Rmerge_F_all                     ? 
_reflns.Rmerge_F_obs                     ? 
_reflns.Friedel_coverage                 ? 
_reflns.number_gt                        ? 
_reflns.threshold_expression             ? 
_reflns.pdbx_redundancy                  11.000 
_reflns.pdbx_Rmerge_I_obs                0.115 
_reflns.pdbx_Rmerge_I_all                ? 
_reflns.pdbx_Rsym_value                  ? 
_reflns.pdbx_netI_over_av_sigmaI         ? 
_reflns.pdbx_netI_over_sigmaI            15.200 
_reflns.pdbx_res_netI_over_av_sigmaI_2   ? 
_reflns.pdbx_res_netI_over_sigmaI_2      ? 
_reflns.pdbx_chi_squared                 0.92 
_reflns.pdbx_scaling_rejects             ? 
_reflns.pdbx_d_res_high_opt              ? 
_reflns.pdbx_d_res_low_opt               ? 
_reflns.pdbx_d_res_opt_method            ? 
_reflns.phase_calculation_details        ? 
_reflns.pdbx_Rrim_I_all                  0.120 
_reflns.pdbx_Rpim_I_all                  0.036 
_reflns.pdbx_d_opt                       ? 
_reflns.pdbx_number_measured_all         ? 
_reflns.pdbx_diffrn_id                   1 
_reflns.pdbx_ordinal                     1 
_reflns.pdbx_CC_half                     0.997 
_reflns.pdbx_CC_star                     ? 
_reflns.pdbx_R_split                     ? 
# 
_reflns_shell.d_res_high                  2.380 
_reflns_shell.d_res_low                   2.470 
_reflns_shell.meanI_over_sigI_all         ? 
_reflns_shell.meanI_over_sigI_obs         6.5 
_reflns_shell.number_measured_all         ? 
_reflns_shell.number_measured_obs         ? 
_reflns_shell.number_possible             ? 
_reflns_shell.number_unique_all           ? 
_reflns_shell.number_unique_obs           877 
_reflns_shell.percent_possible_all        100.000 
_reflns_shell.percent_possible_obs        ? 
_reflns_shell.Rmerge_F_all                ? 
_reflns_shell.Rmerge_F_obs                ? 
_reflns_shell.Rmerge_I_all                ? 
_reflns_shell.Rmerge_I_obs                0.314 
_reflns_shell.meanI_over_sigI_gt          ? 
_reflns_shell.meanI_over_uI_all           ? 
_reflns_shell.meanI_over_uI_gt            ? 
_reflns_shell.number_measured_gt          ? 
_reflns_shell.number_unique_gt            ? 
_reflns_shell.percent_possible_gt         ? 
_reflns_shell.Rmerge_F_gt                 ? 
_reflns_shell.Rmerge_I_gt                 ? 
_reflns_shell.pdbx_redundancy             9.500 
_reflns_shell.pdbx_Rsym_value             ? 
_reflns_shell.pdbx_chi_squared            0.89 
_reflns_shell.pdbx_netI_over_sigmaI_all   ? 
_reflns_shell.pdbx_netI_over_sigmaI_obs   ? 
_reflns_shell.pdbx_Rrim_I_all             0.332 
_reflns_shell.pdbx_Rpim_I_all             0.106 
_reflns_shell.pdbx_rejects                ? 
_reflns_shell.pdbx_ordinal                1 
_reflns_shell.pdbx_diffrn_id              1 
_reflns_shell.pdbx_CC_half                0.973 
_reflns_shell.pdbx_CC_star                ? 
_reflns_shell.pdbx_R_split                ? 
# 
_refine.aniso_B[1][1]                            ? 
_refine.aniso_B[1][2]                            ? 
_refine.aniso_B[1][3]                            ? 
_refine.aniso_B[2][2]                            ? 
_refine.aniso_B[2][3]                            ? 
_refine.aniso_B[3][3]                            ? 
_refine.B_iso_max                                73.340 
_refine.B_iso_mean                               18.5777 
_refine.B_iso_min                                5.960 
_refine.correlation_coeff_Fo_to_Fc               ? 
_refine.correlation_coeff_Fo_to_Fc_free          ? 
_refine.details                                  ? 
_refine.diff_density_max                         ? 
_refine.diff_density_max_esd                     ? 
_refine.diff_density_min                         ? 
_refine.diff_density_min_esd                     ? 
_refine.diff_density_rms                         ? 
_refine.diff_density_rms_esd                     ? 
_refine.entry_id                                 7DKR 
_refine.pdbx_refine_id                           'X-RAY DIFFRACTION' 
_refine.ls_abs_structure_details                 ? 
_refine.ls_abs_structure_Flack                   ? 
_refine.ls_abs_structure_Flack_esd               ? 
_refine.ls_abs_structure_Rogers                  ? 
_refine.ls_abs_structure_Rogers_esd              ? 
_refine.ls_d_res_high                            2.3780 
_refine.ls_d_res_low                             39.4750 
_refine.ls_extinction_coef                       ? 
_refine.ls_extinction_coef_esd                   ? 
_refine.ls_extinction_expression                 ? 
_refine.ls_extinction_method                     ? 
_refine.ls_goodness_of_fit_all                   ? 
_refine.ls_goodness_of_fit_all_esd               ? 
_refine.ls_goodness_of_fit_obs                   ? 
_refine.ls_goodness_of_fit_obs_esd               ? 
_refine.ls_hydrogen_treatment                    ? 
_refine.ls_matrix_type                           ? 
_refine.ls_number_constraints                    ? 
_refine.ls_number_parameters                     ? 
_refine.ls_number_reflns_all                     ? 
_refine.ls_number_reflns_obs                     8601 
_refine.ls_number_reflns_R_free                  396 
_refine.ls_number_reflns_R_work                  8205 
_refine.ls_number_restraints                     ? 
_refine.ls_percent_reflns_obs                    99.9800 
_refine.ls_percent_reflns_R_free                 4.6000 
_refine.ls_R_factor_all                          ? 
_refine.ls_R_factor_obs                          0.1973 
_refine.ls_R_factor_R_free                       0.2489 
_refine.ls_R_factor_R_free_error                 ? 
_refine.ls_R_factor_R_free_error_details         ? 
_refine.ls_R_factor_R_work                       0.1947 
_refine.ls_R_Fsqd_factor_obs                     ? 
_refine.ls_R_I_factor_obs                        ? 
_refine.ls_redundancy_reflns_all                 ? 
_refine.ls_redundancy_reflns_obs                 ? 
_refine.ls_restrained_S_all                      ? 
_refine.ls_restrained_S_obs                      ? 
_refine.ls_shift_over_esd_max                    ? 
_refine.ls_shift_over_esd_mean                   ? 
_refine.ls_structure_factor_coef                 ? 
_refine.ls_weighting_details                     ? 
_refine.ls_weighting_scheme                      ? 
_refine.ls_wR_factor_all                         ? 
_refine.ls_wR_factor_obs                         ? 
_refine.ls_wR_factor_R_free                      ? 
_refine.ls_wR_factor_R_work                      ? 
_refine.occupancy_max                            ? 
_refine.occupancy_min                            ? 
_refine.solvent_model_details                    'FLAT BULK SOLVENT MODEL' 
_refine.solvent_model_param_bsol                 ? 
_refine.solvent_model_param_ksol                 ? 
_refine.pdbx_R_complete                          ? 
_refine.ls_R_factor_gt                           ? 
_refine.ls_goodness_of_fit_gt                    ? 
_refine.ls_goodness_of_fit_ref                   ? 
_refine.ls_shift_over_su_max                     ? 
_refine.ls_shift_over_su_max_lt                  ? 
_refine.ls_shift_over_su_mean                    ? 
_refine.ls_shift_over_su_mean_lt                 ? 
_refine.pdbx_ls_sigma_I                          ? 
_refine.pdbx_ls_sigma_F                          1.370 
_refine.pdbx_ls_sigma_Fsqd                       ? 
_refine.pdbx_data_cutoff_high_absF               ? 
_refine.pdbx_data_cutoff_high_rms_absF           ? 
_refine.pdbx_data_cutoff_low_absF                ? 
_refine.pdbx_isotropic_thermal_model             ? 
_refine.pdbx_ls_cross_valid_method               THROUGHOUT 
_refine.pdbx_method_to_determine_struct          'MOLECULAR REPLACEMENT' 
_refine.pdbx_starting_model                      4KX4 
_refine.pdbx_stereochemistry_target_values       ML 
_refine.pdbx_R_Free_selection_details            ? 
_refine.pdbx_stereochem_target_val_spec_case     ? 
_refine.pdbx_overall_ESU_R                       ? 
_refine.pdbx_overall_ESU_R_Free                  ? 
_refine.pdbx_solvent_vdw_probe_radii             1.1100 
_refine.pdbx_solvent_ion_probe_radii             ? 
_refine.pdbx_solvent_shrinkage_radii             0.9000 
_refine.pdbx_real_space_R                        ? 
_refine.pdbx_density_correlation                 ? 
_refine.pdbx_pd_number_of_powder_patterns        ? 
_refine.pdbx_pd_number_of_points                 ? 
_refine.pdbx_pd_meas_number_of_points            ? 
_refine.pdbx_pd_proc_ls_prof_R_factor            ? 
_refine.pdbx_pd_proc_ls_prof_wR_factor           ? 
_refine.pdbx_pd_Marquardt_correlation_coeff      ? 
_refine.pdbx_pd_Fsqrd_R_factor                   ? 
_refine.pdbx_pd_ls_matrix_band_width             ? 
_refine.pdbx_overall_phase_error                 23.5100 
_refine.pdbx_overall_SU_R_free_Cruickshank_DPI   ? 
_refine.pdbx_overall_SU_R_free_Blow_DPI          ? 
_refine.pdbx_overall_SU_R_Blow_DPI               ? 
_refine.pdbx_TLS_residual_ADP_flag               ? 
_refine.pdbx_diffrn_id                           1 
_refine.overall_SU_B                             ? 
_refine.overall_SU_ML                            0.2700 
_refine.overall_SU_R_Cruickshank_DPI             ? 
_refine.overall_SU_R_free                        ? 
_refine.overall_FOM_free_R_set                   ? 
_refine.overall_FOM_work_R_set                   ? 
_refine.pdbx_average_fsc_overall                 ? 
_refine.pdbx_average_fsc_work                    ? 
_refine.pdbx_average_fsc_free                    ? 
# 
_refine_hist.pdbx_refine_id                   'X-RAY DIFFRACTION' 
_refine_hist.cycle_id                         final 
_refine_hist.details                          ? 
_refine_hist.d_res_high                       2.3780 
_refine_hist.d_res_low                        39.4750 
_refine_hist.number_atoms_solvent             0 
_refine_hist.number_atoms_total               1712 
_refine_hist.number_reflns_all                ? 
_refine_hist.number_reflns_obs                ? 
_refine_hist.number_reflns_R_free             ? 
_refine_hist.number_reflns_R_work             ? 
_refine_hist.R_factor_all                     ? 
_refine_hist.R_factor_obs                     ? 
_refine_hist.R_factor_R_free                  ? 
_refine_hist.R_factor_R_work                  ? 
_refine_hist.pdbx_number_residues_total       215 
_refine_hist.pdbx_B_iso_mean_ligand           ? 
_refine_hist.pdbx_B_iso_mean_solvent          ? 
_refine_hist.pdbx_number_atoms_protein        1712 
_refine_hist.pdbx_number_atoms_nucleic_acid   0 
_refine_hist.pdbx_number_atoms_ligand         0 
_refine_hist.pdbx_number_atoms_lipid          ? 
_refine_hist.pdbx_number_atoms_carb           ? 
_refine_hist.pdbx_pseudo_atom_details         ? 
# 
loop_
_refine_ls_shell.pdbx_refine_id 
_refine_ls_shell.d_res_high 
_refine_ls_shell.d_res_low 
_refine_ls_shell.number_reflns_all 
_refine_ls_shell.number_reflns_obs 
_refine_ls_shell.number_reflns_R_free 
_refine_ls_shell.number_reflns_R_work 
_refine_ls_shell.percent_reflns_obs 
_refine_ls_shell.percent_reflns_R_free 
_refine_ls_shell.R_factor_all 
_refine_ls_shell.R_factor_obs 
_refine_ls_shell.R_factor_R_free 
_refine_ls_shell.R_factor_R_free_error 
_refine_ls_shell.R_factor_R_work 
_refine_ls_shell.redundancy_reflns_all 
_refine_ls_shell.redundancy_reflns_obs 
_refine_ls_shell.wR_factor_all 
_refine_ls_shell.wR_factor_obs 
_refine_ls_shell.wR_factor_R_free 
_refine_ls_shell.wR_factor_R_work 
_refine_ls_shell.pdbx_R_complete 
_refine_ls_shell.pdbx_total_number_of_bins_used 
_refine_ls_shell.pdbx_phase_error 
_refine_ls_shell.pdbx_fsc_work 
_refine_ls_shell.pdbx_fsc_free 
'X-RAY DIFFRACTION' 2.3780 2.7221 . . 125 2660 100.0000 . . . 0.2992 0.0000 0.2161 . . . . . . . . . . . 
'X-RAY DIFFRACTION' 2.7221 3.4292 . . 133 2699 100.0000 . . . 0.2784 0.0000 0.2151 . . . . . . . . . . . 
# 
_struct.entry_id                     7DKR 
_struct.title                        'Crystal structure of native E. coli Grx2 at 2.38 A' 
_struct.pdbx_model_details           ? 
_struct.pdbx_formula_weight          ? 
_struct.pdbx_formula_weight_method   ? 
_struct.pdbx_model_type_details      ? 
_struct.pdbx_CASP_flag               N 
# 
_struct_keywords.entry_id        7DKR 
_struct_keywords.text            'Oxidoreductase, E. coli Grx2, Native' 
_struct_keywords.pdbx_keywords   OXIDOREDUCTASE 
# 
_struct_asym.id                            A 
_struct_asym.pdbx_blank_PDB_chainid_flag   N 
_struct_asym.pdbx_modified                 N 
_struct_asym.entity_id                     1 
_struct_asym.details                       ? 
# 
loop_
_struct_conf.conf_type_id 
_struct_conf.id 
_struct_conf.pdbx_PDB_helix_id 
_struct_conf.beg_label_comp_id 
_struct_conf.beg_label_asym_id 
_struct_conf.beg_label_seq_id 
_struct_conf.pdbx_beg_PDB_ins_code 
_struct_conf.end_label_comp_id 
_struct_conf.end_label_asym_id 
_struct_conf.end_label_seq_id 
_struct_conf.pdbx_end_PDB_ins_code 
_struct_conf.beg_auth_comp_id 
_struct_conf.beg_auth_asym_id 
_struct_conf.beg_auth_seq_id 
_struct_conf.end_auth_comp_id 
_struct_conf.end_auth_asym_id 
_struct_conf.end_auth_seq_id 
_struct_conf.pdbx_PDB_helix_class 
_struct_conf.details 
_struct_conf.pdbx_PDB_helix_length 
HELX_P HELX_P1  AA1 CYS A 9   ? LYS A 22  ? CYS A 9   LYS A 22  1 ? 14 
HELX_P HELX_P2  AA2 ALA A 36  ? GLY A 44  ? ALA A 36  GLY A 44  1 ? 9  
HELX_P HELX_P3  AA3 GLU A 61  ? LEU A 72  ? GLU A 61  LEU A 72  1 ? 12 
HELX_P HELX_P4  AA4 SER A 83  ? ASN A 94  ? SER A 83  ASN A 94  1 ? 12 
HELX_P HELX_P5  AA5 TYR A 96  ? ALA A 106 ? TYR A 96  ALA A 106 1 ? 11 
HELX_P HELX_P6  AA6 PHE A 110 ? SER A 114 ? PHE A 110 SER A 114 5 ? 5  
HELX_P HELX_P7  AA7 THR A 115 ? GLU A 127 ? THR A 115 GLU A 127 1 ? 13 
HELX_P HELX_P8  AA8 GLY A 131 ? HIS A 139 ? GLY A 131 HIS A 139 1 ? 9  
HELX_P HELX_P9  AA9 HIS A 139 ? LYS A 156 ? HIS A 139 LYS A 156 1 ? 18 
HELX_P HELX_P10 AB1 SER A 169 ? THR A 183 ? SER A 169 THR A 183 1 ? 15 
HELX_P HELX_P11 AB2 PRO A 191 ? GLN A 206 ? PRO A 191 GLN A 206 1 ? 16 
HELX_P HELX_P12 AB3 LEU A 210 ? ALA A 214 ? LEU A 210 ALA A 214 5 ? 5  
# 
_struct_conf_type.id          HELX_P 
_struct_conf_type.criteria    ? 
_struct_conf_type.reference   ? 
# 
_struct_mon_prot_cis.pdbx_id                1 
_struct_mon_prot_cis.label_comp_id          VAL 
_struct_mon_prot_cis.label_seq_id           48 
_struct_mon_prot_cis.label_asym_id          A 
_struct_mon_prot_cis.label_alt_id           . 
_struct_mon_prot_cis.pdbx_PDB_ins_code      ? 
_struct_mon_prot_cis.auth_comp_id           VAL 
_struct_mon_prot_cis.auth_seq_id            48 
_struct_mon_prot_cis.auth_asym_id           A 
_struct_mon_prot_cis.pdbx_label_comp_id_2   PRO 
_struct_mon_prot_cis.pdbx_label_seq_id_2    49 
_struct_mon_prot_cis.pdbx_label_asym_id_2   A 
_struct_mon_prot_cis.pdbx_PDB_ins_code_2    ? 
_struct_mon_prot_cis.pdbx_auth_comp_id_2    PRO 
_struct_mon_prot_cis.pdbx_auth_seq_id_2     49 
_struct_mon_prot_cis.pdbx_auth_asym_id_2    A 
_struct_mon_prot_cis.pdbx_PDB_model_num     1 
_struct_mon_prot_cis.pdbx_omega_angle       5.33 
# 
_struct_sheet.id               AA1 
_struct_sheet.type             ? 
_struct_sheet.number_strands   4 
_struct_sheet.details          ? 
# 
loop_
_struct_sheet_order.sheet_id 
_struct_sheet_order.range_id_1 
_struct_sheet_order.range_id_2 
_struct_sheet_order.offset 
_struct_sheet_order.sense 
AA1 1 2 ? parallel      
AA1 2 3 ? anti-parallel 
AA1 3 4 ? anti-parallel 
# 
loop_
_struct_sheet_range.sheet_id 
_struct_sheet_range.id 
_struct_sheet_range.beg_label_comp_id 
_struct_sheet_range.beg_label_asym_id 
_struct_sheet_range.beg_label_seq_id 
_struct_sheet_range.pdbx_beg_PDB_ins_code 
_struct_sheet_range.end_label_comp_id 
_struct_sheet_range.end_label_asym_id 
_struct_sheet_range.end_label_seq_id 
_struct_sheet_range.pdbx_end_PDB_ins_code 
_struct_sheet_range.beg_auth_comp_id 
_struct_sheet_range.beg_auth_asym_id 
_struct_sheet_range.beg_auth_seq_id 
_struct_sheet_range.end_auth_comp_id 
_struct_sheet_range.end_auth_asym_id 
_struct_sheet_range.end_auth_seq_id 
AA1 1 GLU A 27 ? VAL A 30 ? GLU A 27 VAL A 30 
AA1 2 LYS A 2  ? ILE A 5  ? LYS A 2  ILE A 5  
AA1 3 ILE A 50 ? GLN A 52 ? ILE A 50 GLN A 52 
AA1 4 TYR A 58 ? MET A 59 ? TYR A 58 MET A 59 
# 
loop_
_pdbx_struct_sheet_hbond.sheet_id 
_pdbx_struct_sheet_hbond.range_id_1 
_pdbx_struct_sheet_hbond.range_id_2 
_pdbx_struct_sheet_hbond.range_1_label_atom_id 
_pdbx_struct_sheet_hbond.range_1_label_comp_id 
_pdbx_struct_sheet_hbond.range_1_label_asym_id 
_pdbx_struct_sheet_hbond.range_1_label_seq_id 
_pdbx_struct_sheet_hbond.range_1_PDB_ins_code 
_pdbx_struct_sheet_hbond.range_1_auth_atom_id 
_pdbx_struct_sheet_hbond.range_1_auth_comp_id 
_pdbx_struct_sheet_hbond.range_1_auth_asym_id 
_pdbx_struct_sheet_hbond.range_1_auth_seq_id 
_pdbx_struct_sheet_hbond.range_2_label_atom_id 
_pdbx_struct_sheet_hbond.range_2_label_comp_id 
_pdbx_struct_sheet_hbond.range_2_label_asym_id 
_pdbx_struct_sheet_hbond.range_2_label_seq_id 
_pdbx_struct_sheet_hbond.range_2_PDB_ins_code 
_pdbx_struct_sheet_hbond.range_2_auth_atom_id 
_pdbx_struct_sheet_hbond.range_2_auth_comp_id 
_pdbx_struct_sheet_hbond.range_2_auth_asym_id 
_pdbx_struct_sheet_hbond.range_2_auth_seq_id 
AA1 1 2 O HIS A 29 ? O HIS A 29 N LEU A 3  ? N LEU A 3  
AA1 2 3 N LYS A 2  ? N LYS A 2  O GLN A 52 ? O GLN A 52 
AA1 3 4 N LEU A 51 ? N LEU A 51 O MET A 59 ? O MET A 59 
# 
_atom_sites.entry_id                    7DKR 
_atom_sites.Cartn_transf_matrix[1][1]   ? 
_atom_sites.Cartn_transf_matrix[1][2]   ? 
_atom_sites.Cartn_transf_matrix[1][3]   ? 
_atom_sites.Cartn_transf_matrix[2][1]   ? 
_atom_sites.Cartn_transf_matrix[2][2]   ? 
_atom_sites.Cartn_transf_matrix[2][3]   ? 
_atom_sites.Cartn_transf_matrix[3][1]   ? 
_atom_sites.Cartn_transf_matrix[3][2]   ? 
_atom_sites.Cartn_transf_matrix[3][3]   ? 
_atom_sites.Cartn_transf_vector[1]      ? 
_atom_sites.Cartn_transf_vector[2]      ? 
_atom_sites.Cartn_transf_vector[3]      ? 
_atom_sites.fract_transf_matrix[1][1]   0.03143853 
_atom_sites.fract_transf_matrix[1][2]   0.00852521 
_atom_sites.fract_transf_matrix[1][3]   -0.01314173 
_atom_sites.fract_transf_matrix[2][1]   -0.00563944 
_atom_sites.fract_transf_matrix[2][2]   0.00555242 
_atom_sites.fract_transf_matrix[2][3]   -0.00988913 
_atom_sites.fract_transf_matrix[3][1]   -0.00028547 
_atom_sites.fract_transf_matrix[3][2]   0.00969337 
_atom_sites.fract_transf_matrix[3][3]   0.00560530 
_atom_sites.fract_transf_vector[1]      0.224037 
_atom_sites.fract_transf_vector[2]      0.059283 
_atom_sites.fract_transf_vector[3]      0.158530 
_atom_sites.solution_primary            ? 
_atom_sites.solution_secondary          ? 
_atom_sites.solution_hydrogens          ? 
_atom_sites.special_details             ? 
# 
loop_
_atom_type.symbol 
C 
N 
O 
S 
# 
loop_
_atom_site.group_PDB 
_atom_site.id 
_atom_site.type_symbol 
_atom_site.label_atom_id 
_atom_site.label_alt_id 
_atom_site.label_comp_id 
_atom_site.label_asym_id 
_atom_site.label_entity_id 
_atom_site.label_seq_id 
_atom_site.pdbx_PDB_ins_code 
_atom_site.Cartn_x 
_atom_site.Cartn_y 
_atom_site.Cartn_z 
_atom_site.occupancy 
_atom_site.B_iso_or_equiv 
_atom_site.pdbx_formal_charge 
_atom_site.auth_seq_id 
_atom_site.auth_comp_id 
_atom_site.auth_asym_id 
_atom_site.auth_atom_id 
_atom_site.pdbx_PDB_model_num 
ATOM 1    N N   . MET A 1 1   ? 5.846   -15.884 12.903  1.00 16.78 ? 1   MET A N   1 
ATOM 2    C CA  . MET A 1 1   ? 4.724   -15.314 12.166  1.00 20.55 ? 1   MET A CA  1 
ATOM 3    C C   . MET A 1 1   ? 5.039   -15.166 10.674  1.00 19.06 ? 1   MET A C   1 
ATOM 4    O O   . MET A 1 1   ? 6.132   -14.757 10.277  1.00 17.18 ? 1   MET A O   1 
ATOM 5    C CB  . MET A 1 1   ? 4.318   -13.960 12.763  1.00 21.85 ? 1   MET A CB  1 
ATOM 6    C CG  . MET A 1 1   ? 3.671   -14.069 14.150  1.00 25.81 ? 1   MET A CG  1 
ATOM 7    S SD  . MET A 1 1   ? 3.105   -12.482 14.792  1.00 23.46 ? 1   MET A SD  1 
ATOM 8    C CE  . MET A 1 1   ? 4.669   -11.843 15.392  1.00 19.44 ? 1   MET A CE  1 
ATOM 9    N N   . LYS A 1 2   ? 4.060   -15.519 9.850   1.00 20.94 ? 2   LYS A N   1 
ATOM 10   C CA  . LYS A 1 2   ? 4.176   -15.469 8.399   1.00 25.35 ? 2   LYS A CA  1 
ATOM 11   C C   . LYS A 1 2   ? 3.029   -14.629 7.859   1.00 19.07 ? 2   LYS A C   1 
ATOM 12   O O   . LYS A 1 2   ? 1.904   -14.699 8.365   1.00 18.07 ? 2   LYS A O   1 
ATOM 13   C CB  . LYS A 1 2   ? 4.138   -16.873 7.769   1.00 20.21 ? 2   LYS A CB  1 
ATOM 14   C CG  . LYS A 1 2   ? 5.356   -17.742 8.068   1.00 28.50 ? 2   LYS A CG  1 
ATOM 15   C CD  . LYS A 1 2   ? 5.006   -19.242 8.106   1.00 31.83 ? 2   LYS A CD  1 
ATOM 16   C CE  . LYS A 1 2   ? 5.606   -20.045 6.937   1.00 37.66 ? 2   LYS A CE  1 
ATOM 17   N NZ  . LYS A 1 2   ? 5.380   -21.546 7.040   1.00 27.16 ? 2   LYS A NZ  1 
ATOM 18   N N   . LEU A 1 3   ? 3.323   -13.830 6.841   1.00 16.92 ? 3   LEU A N   1 
ATOM 19   C CA  . LEU A 1 3   ? 2.380   -12.867 6.280   1.00 20.18 ? 3   LEU A CA  1 
ATOM 20   C C   . LEU A 1 3   ? 2.261   -13.131 4.784   1.00 17.65 ? 3   LEU A C   1 
ATOM 21   O O   . LEU A 1 3   ? 3.198   -12.865 4.024   1.00 18.52 ? 3   LEU A O   1 
ATOM 22   C CB  . LEU A 1 3   ? 2.848   -11.435 6.557   1.00 14.44 ? 3   LEU A CB  1 
ATOM 23   C CG  . LEU A 1 3   ? 1.893   -10.287 6.245   1.00 14.09 ? 3   LEU A CG  1 
ATOM 24   C CD1 . LEU A 1 3   ? 0.586   -10.453 6.984   1.00 19.62 ? 3   LEU A CD1 1 
ATOM 25   C CD2 . LEU A 1 3   ? 2.527   -8.955  6.576   1.00 15.95 ? 3   LEU A CD2 1 
ATOM 26   N N   . TYR A 1 4   ? 1.117   -13.652 4.366   1.00 13.99 ? 4   TYR A N   1 
ATOM 27   C CA  . TYR A 1 4   ? 0.863   -13.945 2.963   1.00 17.65 ? 4   TYR A CA  1 
ATOM 28   C C   . TYR A 1 4   ? 0.290   -12.717 2.261   1.00 19.20 ? 4   TYR A C   1 
ATOM 29   O O   . TYR A 1 4   ? -0.715  -12.155 2.707   1.00 17.86 ? 4   TYR A O   1 
ATOM 30   C CB  . TYR A 1 4   ? -0.073  -15.145 2.850   1.00 17.19 ? 4   TYR A CB  1 
ATOM 31   C CG  . TYR A 1 4   ? 0.631   -16.396 3.316   1.00 19.44 ? 4   TYR A CG  1 
ATOM 32   C CD1 . TYR A 1 4   ? 0.658   -16.745 4.667   1.00 21.21 ? 4   TYR A CD1 1 
ATOM 33   C CD2 . TYR A 1 4   ? 1.331   -17.192 2.420   1.00 16.82 ? 4   TYR A CD2 1 
ATOM 34   C CE1 . TYR A 1 4   ? 1.346   -17.891 5.099   1.00 28.93 ? 4   TYR A CE1 1 
ATOM 35   C CE2 . TYR A 1 4   ? 2.013   -18.333 2.841   1.00 22.84 ? 4   TYR A CE2 1 
ATOM 36   C CZ  . TYR A 1 4   ? 2.019   -18.679 4.173   1.00 26.11 ? 4   TYR A CZ  1 
ATOM 37   O OH  . TYR A 1 4   ? 2.696   -19.804 4.574   1.00 26.62 ? 4   TYR A OH  1 
ATOM 38   N N   . ILE A 1 5   ? 0.943   -12.286 1.177   1.00 16.04 ? 5   ILE A N   1 
ATOM 39   C CA  . ILE A 1 5   ? 0.688   -10.974 0.591   1.00 16.83 ? 5   ILE A CA  1 
ATOM 40   C C   . ILE A 1 5   ? 0.770   -11.018 -0.934  1.00 17.60 ? 5   ILE A C   1 
ATOM 41   O O   . ILE A 1 5   ? 1.220   -11.991 -1.546  1.00 14.12 ? 5   ILE A O   1 
ATOM 42   C CB  . ILE A 1 5   ? 1.672   -9.898  1.118   1.00 17.98 ? 5   ILE A CB  1 
ATOM 43   C CG1 . ILE A 1 5   ? 3.092   -10.163 0.615   1.00 13.62 ? 5   ILE A CG1 1 
ATOM 44   C CG2 . ILE A 1 5   ? 1.667   -9.823  2.646   1.00 15.85 ? 5   ILE A CG2 1 
ATOM 45   C CD1 . ILE A 1 5   ? 4.043   -9.048  0.961   1.00 12.17 ? 5   ILE A CD1 1 
ATOM 46   N N   . TYR A 1 6   ? 0.282   -9.940  -1.535  1.00 20.32 ? 6   TYR A N   1 
ATOM 47   C CA  . TYR A 1 6   ? 0.749   -9.428  -2.815  1.00 17.67 ? 6   TYR A CA  1 
ATOM 48   C C   . TYR A 1 6   ? 1.607   -8.214  -2.490  1.00 17.11 ? 6   TYR A C   1 
ATOM 49   O O   . TYR A 1 6   ? 1.264   -7.439  -1.593  1.00 13.63 ? 6   TYR A O   1 
ATOM 50   C CB  . TYR A 1 6   ? -0.419  -9.022  -3.732  1.00 17.24 ? 6   TYR A CB  1 
ATOM 51   C CG  . TYR A 1 6   ? -1.492  -10.085 -3.931  1.00 13.90 ? 6   TYR A CG  1 
ATOM 52   C CD1 . TYR A 1 6   ? -1.168  -11.431 -3.924  1.00 15.29 ? 6   TYR A CD1 1 
ATOM 53   C CD2 . TYR A 1 6   ? -2.820  -9.740  -4.126  1.00 13.28 ? 6   TYR A CD2 1 
ATOM 54   C CE1 . TYR A 1 6   ? -2.135  -12.411 -4.105  1.00 12.97 ? 6   TYR A CE1 1 
ATOM 55   C CE2 . TYR A 1 6   ? -3.805  -10.714 -4.303  1.00 13.02 ? 6   TYR A CE2 1 
ATOM 56   C CZ  . TYR A 1 6   ? -3.451  -12.054 -4.298  1.00 17.84 ? 6   TYR A CZ  1 
ATOM 57   O OH  . TYR A 1 6   ? -4.399  -13.050 -4.481  1.00 21.67 ? 6   TYR A OH  1 
ATOM 58   N N   . ASP A 1 7   ? 2.736   -8.066  -3.194  1.00 16.69 ? 7   ASP A N   1 
ATOM 59   C CA  . ASP A 1 7   ? 3.636   -6.947  -2.925  1.00 16.28 ? 7   ASP A CA  1 
ATOM 60   C C   . ASP A 1 7   ? 3.003   -5.592  -3.255  1.00 17.28 ? 7   ASP A C   1 
ATOM 61   O O   . ASP A 1 7   ? 3.316   -4.595  -2.595  1.00 14.52 ? 7   ASP A O   1 
ATOM 62   C CB  . ASP A 1 7   ? 4.936   -7.107  -3.713  1.00 14.98 ? 7   ASP A CB  1 
ATOM 63   C CG  . ASP A 1 7   ? 5.995   -6.106  -3.293  1.00 15.35 ? 7   ASP A CG  1 
ATOM 64   O OD1 . ASP A 1 7   ? 5.957   -5.650  -2.147  1.00 17.99 ? 7   ASP A OD1 1 
ATOM 65   O OD2 . ASP A 1 7   ? 6.878   -5.772  -4.099  1.00 22.26 ? 7   ASP A OD2 1 
ATOM 66   N N   . HIS A 1 8   ? 2.121   -5.524  -4.258  1.00 14.72 ? 8   HIS A N   1 
ATOM 67   C CA  . HIS A 1 8   ? 1.567   -4.232  -4.670  1.00 20.00 ? 8   HIS A CA  1 
ATOM 68   C C   . HIS A 1 8   ? 0.406   -3.763  -3.804  1.00 18.58 ? 8   HIS A C   1 
ATOM 69   O O   . HIS A 1 8   ? 0.120   -2.563  -3.773  1.00 19.68 ? 8   HIS A O   1 
ATOM 70   C CB  . HIS A 1 8   ? 1.074   -4.295  -6.114  1.00 14.26 ? 8   HIS A CB  1 
ATOM 71   C CG  . HIS A 1 8   ? -0.245  -4.970  -6.248  1.00 11.98 ? 8   HIS A CG  1 
ATOM 72   N ND1 . HIS A 1 8   ? -0.365  -6.333  -6.411  1.00 15.19 ? 8   HIS A ND1 1 
ATOM 73   C CD2 . HIS A 1 8   ? -1.507  -4.483  -6.182  1.00 14.28 ? 8   HIS A CD2 1 
ATOM 74   C CE1 . HIS A 1 8   ? -1.647  -6.653  -6.466  1.00 16.11 ? 8   HIS A CE1 1 
ATOM 75   N NE2 . HIS A 1 8   ? -2.361  -5.551  -6.322  1.00 14.02 ? 8   HIS A NE2 1 
ATOM 76   N N   . CYS A 1 9   ? -0.269  -4.675  -3.130  1.00 18.06 ? 9   CYS A N   1 
ATOM 77   C CA  . CYS A 1 9   ? -1.575  -4.386  -2.557  1.00 18.05 ? 9   CYS A CA  1 
ATOM 78   C C   . CYS A 1 9   ? -1.426  -3.420  -1.375  1.00 18.12 ? 9   CYS A C   1 
ATOM 79   O O   . CYS A 1 9   ? -0.596  -3.659  -0.484  1.00 14.56 ? 9   CYS A O   1 
ATOM 80   C CB  . CYS A 1 9   ? -2.214  -5.725  -2.141  1.00 17.59 ? 9   CYS A CB  1 
ATOM 81   S SG  . CYS A 1 9   ? -3.915  -5.706  -1.519  1.00 29.23 ? 9   CYS A SG  1 
ATOM 82   N N   . PRO A 1 10  ? -2.167  -2.302  -1.344  1.00 17.18 ? 10  PRO A N   1 
ATOM 83   C CA  . PRO A 1 10  ? -2.003  -1.372  -0.212  1.00 14.13 ? 10  PRO A CA  1 
ATOM 84   C C   . PRO A 1 10  ? -2.495  -1.943  1.106   1.00 17.83 ? 10  PRO A C   1 
ATOM 85   O O   . PRO A 1 10  ? -1.954  -1.577  2.157   1.00 15.78 ? 10  PRO A O   1 
ATOM 86   C CB  . PRO A 1 10  ? -2.811  -0.135  -0.634  1.00 13.43 ? 10  PRO A CB  1 
ATOM 87   C CG  . PRO A 1 10  ? -3.805  -0.639  -1.600  1.00 13.64 ? 10  PRO A CG  1 
ATOM 88   C CD  . PRO A 1 10  ? -3.085  -1.754  -2.362  1.00 18.13 ? 10  PRO A CD  1 
ATOM 89   N N   . TYR A 1 11  ? -3.489  -2.836  1.088   1.00 17.78 ? 11  TYR A N   1 
ATOM 90   C CA  . TYR A 1 11  ? -3.959  -3.440  2.330   1.00 13.62 ? 11  TYR A CA  1 
ATOM 91   C C   . TYR A 1 11  ? -2.912  -4.372  2.929   1.00 15.67 ? 11  TYR A C   1 
ATOM 92   O O   . TYR A 1 11  ? -2.797  -4.467  4.155   1.00 21.14 ? 11  TYR A O   1 
ATOM 93   C CB  . TYR A 1 11  ? -5.269  -4.191  2.088   1.00 21.66 ? 11  TYR A CB  1 
ATOM 94   C CG  . TYR A 1 11  ? -6.501  -3.305  1.952   1.00 26.61 ? 11  TYR A CG  1 
ATOM 95   C CD1 . TYR A 1 11  ? -7.148  -3.166  0.730   1.00 32.44 ? 11  TYR A CD1 1 
ATOM 96   C CD2 . TYR A 1 11  ? -7.023  -2.622  3.054   1.00 33.95 ? 11  TYR A CD2 1 
ATOM 97   C CE1 . TYR A 1 11  ? -8.276  -2.361  0.600   1.00 37.99 ? 11  TYR A CE1 1 
ATOM 98   C CE2 . TYR A 1 11  ? -8.147  -1.819  2.939   1.00 38.80 ? 11  TYR A CE2 1 
ATOM 99   C CZ  . TYR A 1 11  ? -8.773  -1.692  1.704   1.00 43.92 ? 11  TYR A CZ  1 
ATOM 100  O OH  . TYR A 1 11  ? -9.893  -0.897  1.563   1.00 45.54 ? 11  TYR A OH  1 
ATOM 101  N N   . CYS A 1 12  ? -2.127  -5.048  2.091   1.00 15.97 ? 12  CYS A N   1 
ATOM 102  C CA  . CYS A 1 12  ? -1.008  -5.830  2.607   1.00 15.41 ? 12  CYS A CA  1 
ATOM 103  C C   . CYS A 1 12  ? 0.097   -4.926  3.134   1.00 12.88 ? 12  CYS A C   1 
ATOM 104  O O   . CYS A 1 12  ? 0.810   -5.307  4.063   1.00 18.81 ? 12  CYS A O   1 
ATOM 105  C CB  . CYS A 1 12  ? -0.450  -6.762  1.526   1.00 13.20 ? 12  CYS A CB  1 
ATOM 106  S SG  . CYS A 1 12  ? -1.647  -7.940  0.824   1.00 16.90 ? 12  CYS A SG  1 
ATOM 107  N N   . LEU A 1 13  ? 0.265   -3.740  2.550   1.00 11.60 ? 13  LEU A N   1 
ATOM 108  C CA  . LEU A 1 13  ? 1.277   -2.813  3.049   1.00 18.33 ? 13  LEU A CA  1 
ATOM 109  C C   . LEU A 1 13  ? 0.942   -2.332  4.460   1.00 15.14 ? 13  LEU A C   1 
ATOM 110  O O   . LEU A 1 13  ? 1.843   -2.117  5.273   1.00 13.08 ? 13  LEU A O   1 
ATOM 111  C CB  . LEU A 1 13  ? 1.422   -1.618  2.097   1.00 17.16 ? 13  LEU A CB  1 
ATOM 112  C CG  . LEU A 1 13  ? 2.165   -1.848  0.778   1.00 14.66 ? 13  LEU A CG  1 
ATOM 113  C CD1 . LEU A 1 13  ? 1.994   -0.661  -0.175  1.00 9.74  ? 13  LEU A CD1 1 
ATOM 114  C CD2 . LEU A 1 13  ? 3.631   -2.149  1.025   1.00 10.95 ? 13  LEU A CD2 1 
ATOM 115  N N   . LYS A 1 14  ? -0.346  -2.138  4.762   1.00 15.45 ? 14  LYS A N   1 
ATOM 116  C CA  . LYS A 1 14  ? -0.731  -1.696  6.102   1.00 15.25 ? 14  LYS A CA  1 
ATOM 117  C C   . LYS A 1 14  ? -0.277  -2.702  7.152   1.00 18.87 ? 14  LYS A C   1 
ATOM 118  O O   . LYS A 1 14  ? 0.285   -2.328  8.190   1.00 15.56 ? 14  LYS A O   1 
ATOM 119  C CB  . LYS A 1 14  ? -2.247  -1.485  6.174   1.00 17.80 ? 14  LYS A CB  1 
ATOM 120  C CG  . LYS A 1 14  ? -2.794  -0.431  5.192   1.00 17.01 ? 14  LYS A CG  1 
ATOM 121  C CD  . LYS A 1 14  ? -4.294  -0.186  5.398   1.00 24.09 ? 14  LYS A CD  1 
ATOM 122  C CE  . LYS A 1 14  ? -4.970  0.212   4.099   1.00 22.71 ? 14  LYS A CE  1 
ATOM 123  N NZ  . LYS A 1 14  ? -6.427  0.477   4.281   1.00 39.91 ? 14  LYS A NZ  1 
ATOM 124  N N   . ALA A 1 15  ? -0.491  -3.997  6.884   1.00 18.12 ? 15  ALA A N   1 
ATOM 125  C CA  . ALA A 1 15  ? -0.043  -5.021  7.820   1.00 15.59 ? 15  ALA A CA  1 
ATOM 126  C C   . ALA A 1 15  ? 1.475   -5.046  7.913   1.00 15.75 ? 15  ALA A C   1 
ATOM 127  O O   . ALA A 1 15  ? 2.030   -5.177  9.014   1.00 16.75 ? 15  ALA A O   1 
ATOM 128  C CB  . ALA A 1 15  ? -0.584  -6.393  7.406   1.00 15.46 ? 15  ALA A CB  1 
ATOM 129  N N   . ARG A 1 16  ? 2.166   -4.904  6.772   1.00 11.96 ? 16  ARG A N   1 
ATOM 130  C CA  . ARG A 1 16  ? 3.628   -4.845  6.795   1.00 13.20 ? 16  ARG A CA  1 
ATOM 131  C C   . ARG A 1 16  ? 4.130   -3.666  7.631   1.00 16.55 ? 16  ARG A C   1 
ATOM 132  O O   . ARG A 1 16  ? 5.120   -3.787  8.371   1.00 11.09 ? 16  ARG A O   1 
ATOM 133  C CB  . ARG A 1 16  ? 4.170   -4.753  5.373   1.00 12.04 ? 16  ARG A CB  1 
ATOM 134  C CG  . ARG A 1 16  ? 4.362   -6.104  4.683   1.00 10.55 ? 16  ARG A CG  1 
ATOM 135  C CD  . ARG A 1 16  ? 4.543   -5.929  3.164   1.00 12.84 ? 16  ARG A CD  1 
ATOM 136  N NE  . ARG A 1 16  ? 5.916   -5.577  2.817   1.00 13.71 ? 16  ARG A NE  1 
ATOM 137  C CZ  . ARG A 1 16  ? 6.363   -5.436  1.571   1.00 16.30 ? 16  ARG A CZ  1 
ATOM 138  N NH1 . ARG A 1 16  ? 5.538   -5.626  0.537   1.00 9.48  ? 16  ARG A NH1 1 
ATOM 139  N NH2 . ARG A 1 16  ? 7.638   -5.109  1.360   1.00 10.24 ? 16  ARG A NH2 1 
ATOM 140  N N   . MET A 1 17  ? 3.446   -2.522  7.530   1.00 14.70 ? 17  MET A N   1 
ATOM 141  C CA  . MET A 1 17  ? 3.863   -1.315  8.228   1.00 15.14 ? 17  MET A CA  1 
ATOM 142  C C   . MET A 1 17  ? 4.012   -1.552  9.728   1.00 15.09 ? 17  MET A C   1 
ATOM 143  O O   . MET A 1 17  ? 5.005   -1.136  10.339  1.00 14.73 ? 17  MET A O   1 
ATOM 144  C CB  . MET A 1 17  ? 2.845   -0.202  7.975   1.00 14.13 ? 17  MET A CB  1 
ATOM 145  C CG  . MET A 1 17  ? 3.035   0.573   6.702   1.00 11.81 ? 17  MET A CG  1 
ATOM 146  S SD  . MET A 1 17  ? 1.856   1.942   6.657   1.00 12.42 ? 17  MET A SD  1 
ATOM 147  C CE  . MET A 1 17  ? 2.750   3.149   7.660   1.00 11.36 ? 17  MET A CE  1 
ATOM 148  N N   . ILE A 1 18  ? 3.013   -2.193  10.345  1.00 11.17 ? 18  ILE A N   1 
ATOM 149  C CA  . ILE A 1 18  ? 2.970   -2.230  11.803  1.00 14.63 ? 18  ILE A CA  1 
ATOM 150  C C   . ILE A 1 18  ? 4.085   -3.114  12.352  1.00 14.28 ? 18  ILE A C   1 
ATOM 151  O O   . ILE A 1 18  ? 4.647   -2.816  13.413  1.00 16.14 ? 18  ILE A O   1 
ATOM 152  C CB  . ILE A 1 18  ? 1.572   -2.662  12.296  1.00 14.34 ? 18  ILE A CB  1 
ATOM 153  C CG1 . ILE A 1 18  ? 1.435   -2.420  13.801  1.00 11.66 ? 18  ILE A CG1 1 
ATOM 154  C CG2 . ILE A 1 18  ? 1.281   -4.105  11.970  1.00 12.34 ? 18  ILE A CG2 1 
ATOM 155  C CD1 . ILE A 1 18  ? 1.565   -0.958  14.203  1.00 12.17 ? 18  ILE A CD1 1 
ATOM 156  N N   . PHE A 1 19  ? 4.448   -4.177  11.627  1.00 14.87 ? 19  PHE A N   1 
ATOM 157  C CA  . PHE A 1 19  ? 5.611   -4.991  11.983  1.00 16.90 ? 19  PHE A CA  1 
ATOM 158  C C   . PHE A 1 19  ? 6.890   -4.169  11.949  1.00 15.69 ? 19  PHE A C   1 
ATOM 159  O O   . PHE A 1 19  ? 7.724   -4.262  12.854  1.00 16.09 ? 19  PHE A O   1 
ATOM 160  C CB  . PHE A 1 19  ? 5.748   -6.179  11.026  1.00 12.01 ? 19  PHE A CB  1 
ATOM 161  C CG  . PHE A 1 19  ? 4.822   -7.317  11.332  1.00 13.65 ? 19  PHE A CG  1 
ATOM 162  C CD1 . PHE A 1 19  ? 5.114   -8.209  12.352  1.00 13.40 ? 19  PHE A CD1 1 
ATOM 163  C CD2 . PHE A 1 19  ? 3.654   -7.489  10.612  1.00 11.74 ? 19  PHE A CD2 1 
ATOM 164  C CE1 . PHE A 1 19  ? 4.265   -9.271  12.633  1.00 13.80 ? 19  PHE A CE1 1 
ATOM 165  C CE2 . PHE A 1 19  ? 2.807   -8.532  10.893  1.00 16.78 ? 19  PHE A CE2 1 
ATOM 166  C CZ  . PHE A 1 19  ? 3.112   -9.433  11.908  1.00 15.25 ? 19  PHE A CZ  1 
ATOM 167  N N   . GLY A 1 20  ? 7.077   -3.386  10.887  1.00 13.65 ? 20  GLY A N   1 
ATOM 168  C CA  . GLY A 1 20  ? 8.287   -2.592  10.777  1.00 13.65 ? 20  GLY A CA  1 
ATOM 169  C C   . GLY A 1 20  ? 8.363   -1.491  11.818  1.00 15.10 ? 20  GLY A C   1 
ATOM 170  O O   . GLY A 1 20  ? 9.437   -1.215  12.362  1.00 16.24 ? 20  GLY A O   1 
ATOM 171  N N   . LEU A 1 21  ? 7.232   -0.839  12.107  1.00 14.59 ? 21  LEU A N   1 
ATOM 172  C CA  . LEU A 1 21  ? 7.257   0.229   13.103  1.00 18.31 ? 21  LEU A CA  1 
ATOM 173  C C   . LEU A 1 21  ? 7.626   -0.309  14.475  1.00 15.53 ? 21  LEU A C   1 
ATOM 174  O O   . LEU A 1 21  ? 8.288   0.376   15.260  1.00 16.78 ? 21  LEU A O   1 
ATOM 175  C CB  . LEU A 1 21  ? 5.914   0.945   13.175  1.00 13.87 ? 21  LEU A CB  1 
ATOM 176  C CG  . LEU A 1 21  ? 5.505   1.746   11.955  1.00 17.27 ? 21  LEU A CG  1 
ATOM 177  C CD1 . LEU A 1 21  ? 3.991   1.996   11.998  1.00 14.58 ? 21  LEU A CD1 1 
ATOM 178  C CD2 . LEU A 1 21  ? 6.308   3.042   11.862  1.00 17.58 ? 21  LEU A CD2 1 
ATOM 179  N N   . LYS A 1 22  ? 7.194   -1.524  14.790  1.00 13.80 ? 22  LYS A N   1 
ATOM 180  C CA  . LYS A 1 22  ? 7.462   -2.102  16.094  1.00 17.07 ? 22  LYS A CA  1 
ATOM 181  C C   . LYS A 1 22  ? 8.688   -2.997  16.086  1.00 16.34 ? 22  LYS A C   1 
ATOM 182  O O   . LYS A 1 22  ? 8.976   -3.646  17.096  1.00 23.20 ? 22  LYS A O   1 
ATOM 183  C CB  . LYS A 1 22  ? 6.233   -2.859  16.596  1.00 17.02 ? 22  LYS A CB  1 
ATOM 184  C CG  . LYS A 1 22  ? 4.947   -2.064  16.419  1.00 17.75 ? 22  LYS A CG  1 
ATOM 185  C CD  . LYS A 1 22  ? 3.818   -2.623  17.221  1.00 16.11 ? 22  LYS A CD  1 
ATOM 186  C CE  . LYS A 1 22  ? 4.134   -2.461  18.692  1.00 20.98 ? 22  LYS A CE  1 
ATOM 187  N NZ  . LYS A 1 22  ? 2.905   -2.264  19.481  1.00 15.84 ? 22  LYS A NZ  1 
ATOM 188  N N   . ASN A 1 23  ? 9.430   -3.021  14.981  1.00 17.47 ? 23  ASN A N   1 
ATOM 189  C CA  . ASN A 1 23  ? 10.636  -3.837  14.856  1.00 18.26 ? 23  ASN A CA  1 
ATOM 190  C C   . ASN A 1 23  ? 10.369  -5.289  15.261  1.00 18.52 ? 23  ASN A C   1 
ATOM 191  O O   . ASN A 1 23  ? 11.166  -5.911  15.962  1.00 20.79 ? 23  ASN A O   1 
ATOM 192  C CB  . ASN A 1 23  ? 11.773  -3.221  15.678  1.00 19.20 ? 23  ASN A CB  1 
ATOM 193  C CG  . ASN A 1 23  ? 13.134  -3.819  15.358  1.00 21.99 ? 23  ASN A CG  1 
ATOM 194  O OD1 . ASN A 1 23  ? 13.510  -3.969  14.193  1.00 24.56 ? 23  ASN A OD1 1 
ATOM 195  N ND2 . ASN A 1 23  ? 13.889  -4.148  16.401  1.00 23.36 ? 23  ASN A ND2 1 
ATOM 196  N N   . ILE A 1 24  ? 9.224   -5.820  14.841  1.00 15.88 ? 24  ILE A N   1 
ATOM 197  C CA  . ILE A 1 24  ? 8.825   -7.201  15.126  1.00 19.72 ? 24  ILE A CA  1 
ATOM 198  C C   . ILE A 1 24  ? 9.047   -8.046  13.865  1.00 18.88 ? 24  ILE A C   1 
ATOM 199  O O   . ILE A 1 24  ? 8.450   -7.747  12.824  1.00 17.48 ? 24  ILE A O   1 
ATOM 200  C CB  . ILE A 1 24  ? 7.363   -7.281  15.596  1.00 15.97 ? 24  ILE A CB  1 
ATOM 201  C CG1 . ILE A 1 24  ? 7.212   -6.749  17.023  1.00 15.01 ? 24  ILE A CG1 1 
ATOM 202  C CG2 . ILE A 1 24  ? 6.819   -8.710  15.515  1.00 13.53 ? 24  ILE A CG2 1 
ATOM 203  C CD1 . ILE A 1 24  ? 5.738   -6.673  17.507  1.00 12.12 ? 24  ILE A CD1 1 
ATOM 204  N N   . PRO A 1 25  ? 9.865   -9.094  13.918  1.00 24.30 ? 25  PRO A N   1 
ATOM 205  C CA  . PRO A 1 25  ? 10.162  -9.855  12.689  1.00 19.94 ? 25  PRO A CA  1 
ATOM 206  C C   . PRO A 1 25  ? 8.947   -10.609 12.167  1.00 18.76 ? 25  PRO A C   1 
ATOM 207  O O   . PRO A 1 25  ? 8.137   -11.142 12.928  1.00 20.59 ? 25  PRO A O   1 
ATOM 208  C CB  . PRO A 1 25  ? 11.267  -10.834 13.122  1.00 21.58 ? 25  PRO A CB  1 
ATOM 209  C CG  . PRO A 1 25  ? 11.067  -11.003 14.631  1.00 27.36 ? 25  PRO A CG  1 
ATOM 210  C CD  . PRO A 1 25  ? 10.553  -9.638  15.113  1.00 20.93 ? 25  PRO A CD  1 
ATOM 211  N N   . VAL A 1 26  ? 8.848   -10.672 10.843  1.00 17.54 ? 26  VAL A N   1 
ATOM 212  C CA  . VAL A 1 26  ? 7.763   -11.367 10.164  1.00 20.44 ? 26  VAL A CA  1 
ATOM 213  C C   . VAL A 1 26  ? 8.312   -11.934 8.863   1.00 18.58 ? 26  VAL A C   1 
ATOM 214  O O   . VAL A 1 26  ? 9.108   -11.297 8.173   1.00 19.94 ? 26  VAL A O   1 
ATOM 215  C CB  . VAL A 1 26  ? 6.548   -10.439 9.915   1.00 15.63 ? 26  VAL A CB  1 
ATOM 216  C CG1 . VAL A 1 26  ? 6.897   -9.343  8.924   1.00 12.26 ? 26  VAL A CG1 1 
ATOM 217  C CG2 . VAL A 1 26  ? 5.335   -11.256 9.444   1.00 15.57 ? 26  VAL A CG2 1 
ATOM 218  N N   . GLU A 1 27  ? 7.879   -13.141 8.538   1.00 20.49 ? 27  GLU A N   1 
ATOM 219  C CA  . GLU A 1 27  ? 8.328   -13.848 7.343   1.00 26.83 ? 27  GLU A CA  1 
ATOM 220  C C   . GLU A 1 27  ? 7.330   -13.577 6.221   1.00 20.70 ? 27  GLU A C   1 
ATOM 221  O O   . GLU A 1 27  ? 6.185   -14.037 6.290   1.00 25.70 ? 27  GLU A O   1 
ATOM 222  C CB  . GLU A 1 27  ? 8.432   -15.338 7.658   1.00 24.21 ? 27  GLU A CB  1 
ATOM 223  C CG  . GLU A 1 27  ? 9.034   -16.243 6.602   1.00 38.90 ? 27  GLU A CG  1 
ATOM 224  C CD  . GLU A 1 27  ? 9.020   -17.700 7.066   1.00 41.21 ? 27  GLU A CD  1 
ATOM 225  O OE1 . GLU A 1 27  ? 9.375   -17.959 8.246   1.00 39.81 ? 27  GLU A OE1 1 
ATOM 226  O OE2 . GLU A 1 27  ? 8.615   -18.569 6.268   1.00 35.07 ? 27  GLU A OE2 1 
ATOM 227  N N   . LEU A 1 28  ? 7.756   -12.832 5.194   1.00 17.81 ? 28  LEU A N   1 
ATOM 228  C CA  . LEU A 1 28  ? 6.867   -12.455 4.096   1.00 18.66 ? 28  LEU A CA  1 
ATOM 229  C C   . LEU A 1 28  ? 6.767   -13.586 3.084   1.00 19.43 ? 28  LEU A C   1 
ATOM 230  O O   . LEU A 1 28  ? 7.788   -14.099 2.619   1.00 24.35 ? 28  LEU A O   1 
ATOM 231  C CB  . LEU A 1 28  ? 7.367   -11.196 3.387   1.00 12.98 ? 28  LEU A CB  1 
ATOM 232  C CG  . LEU A 1 28  ? 7.472   -9.898  4.162   1.00 18.56 ? 28  LEU A CG  1 
ATOM 233  C CD1 . LEU A 1 28  ? 7.785   -8.783  3.200   1.00 12.08 ? 28  LEU A CD1 1 
ATOM 234  C CD2 . LEU A 1 28  ? 6.185   -9.624  4.962   1.00 15.08 ? 28  LEU A CD2 1 
ATOM 235  N N   . HIS A 1 29  ? 5.544   -13.953 2.711   1.00 20.43 ? 29  HIS A N   1 
ATOM 236  C CA  . HIS A 1 29  ? 5.323   -14.950 1.663   1.00 18.38 ? 29  HIS A CA  1 
ATOM 237  C C   . HIS A 1 29  ? 4.400   -14.349 0.612   1.00 15.35 ? 29  HIS A C   1 
ATOM 238  O O   . HIS A 1 29  ? 3.234   -14.070 0.898   1.00 19.24 ? 29  HIS A O   1 
ATOM 239  C CB  . HIS A 1 29  ? 4.732   -16.242 2.236   1.00 21.35 ? 29  HIS A CB  1 
ATOM 240  C CG  . HIS A 1 29  ? 5.709   -17.067 3.020   1.00 35.06 ? 29  HIS A CG  1 
ATOM 241  N ND1 . HIS A 1 29  ? 6.790   -17.699 2.438   1.00 35.91 ? 29  HIS A ND1 1 
ATOM 242  C CD2 . HIS A 1 29  ? 5.765   -17.365 4.343   1.00 32.37 ? 29  HIS A CD2 1 
ATOM 243  C CE1 . HIS A 1 29  ? 7.471   -18.346 3.369   1.00 37.79 ? 29  HIS A CE1 1 
ATOM 244  N NE2 . HIS A 1 29  ? 6.871   -18.159 4.532   1.00 34.77 ? 29  HIS A NE2 1 
ATOM 245  N N   . VAL A 1 30  ? 4.907   -14.152 -0.595  1.00 15.08 ? 30  VAL A N   1 
ATOM 246  C CA  . VAL A 1 30  ? 4.127   -13.554 -1.673  1.00 16.17 ? 30  VAL A CA  1 
ATOM 247  C C   . VAL A 1 30  ? 3.377   -14.640 -2.432  1.00 15.28 ? 30  VAL A C   1 
ATOM 248  O O   . VAL A 1 30  ? 3.979   -15.596 -2.926  1.00 14.71 ? 30  VAL A O   1 
ATOM 249  C CB  . VAL A 1 30  ? 5.021   -12.756 -2.627  1.00 16.25 ? 30  VAL A CB  1 
ATOM 250  C CG1 . VAL A 1 30  ? 4.176   -12.255 -3.791  1.00 14.91 ? 30  VAL A CG1 1 
ATOM 251  C CG2 . VAL A 1 30  ? 5.708   -11.600 -1.892  1.00 9.59  ? 30  VAL A CG2 1 
ATOM 252  N N   . LEU A 1 31  ? 2.070   -14.463 -2.567  1.00 18.69 ? 31  LEU A N   1 
ATOM 253  C CA  . LEU A 1 31  ? 1.207   -15.382 -3.293  1.00 13.51 ? 31  LEU A CA  1 
ATOM 254  C C   . LEU A 1 31  ? 1.019   -14.916 -4.730  1.00 16.00 ? 31  LEU A C   1 
ATOM 255  O O   . LEU A 1 31  ? 0.875   -13.719 -4.991  1.00 16.42 ? 31  LEU A O   1 
ATOM 256  C CB  . LEU A 1 31  ? -0.164  -15.478 -2.626  1.00 14.94 ? 31  LEU A CB  1 
ATOM 257  C CG  . LEU A 1 31  ? -0.250  -16.094 -1.240  1.00 16.78 ? 31  LEU A CG  1 
ATOM 258  C CD1 . LEU A 1 31  ? -1.715  -16.147 -0.824  1.00 15.27 ? 31  LEU A CD1 1 
ATOM 259  C CD2 . LEU A 1 31  ? 0.410   -17.486 -1.247  1.00 16.56 ? 31  LEU A CD2 1 
ATOM 260  N N   . LEU A 1 32  ? 1.005   -15.873 -5.657  1.00 17.10 ? 32  LEU A N   1 
ATOM 261  C CA  . LEU A 1 32  ? 0.618   -15.586 -7.028  1.00 13.44 ? 32  LEU A CA  1 
ATOM 262  C C   . LEU A 1 32  ? -0.792  -15.012 -7.061  1.00 14.60 ? 32  LEU A C   1 
ATOM 263  O O   . LEU A 1 32  ? -1.689  -15.478 -6.351  1.00 15.52 ? 32  LEU A O   1 
ATOM 264  C CB  . LEU A 1 32  ? 0.702   -16.861 -7.879  1.00 13.05 ? 32  LEU A CB  1 
ATOM 265  C CG  . LEU A 1 32  ? 2.136   -17.275 -8.217  1.00 16.78 ? 32  LEU A CG  1 
ATOM 266  C CD1 . LEU A 1 32  ? 2.206   -18.629 -8.975  1.00 13.28 ? 32  LEU A CD1 1 
ATOM 267  C CD2 . LEU A 1 32  ? 2.867   -16.139 -8.975  1.00 7.88  ? 32  LEU A CD2 1 
ATOM 268  N N   . ASN A 1 33  ? -0.984  -13.985 -7.891  1.00 14.47 ? 33  ASN A N   1 
ATOM 269  C CA  . ASN A 1 33  ? -2.250  -13.269 -7.879  1.00 14.34 ? 33  ASN A CA  1 
ATOM 270  C C   . ASN A 1 33  ? -3.431  -14.152 -8.265  1.00 15.77 ? 33  ASN A C   1 
ATOM 271  O O   . ASN A 1 33  ? -4.559  -13.851 -7.861  1.00 12.26 ? 33  ASN A O   1 
ATOM 272  C CB  . ASN A 1 33  ? -2.188  -12.047 -8.796  1.00 16.20 ? 33  ASN A CB  1 
ATOM 273  C CG  . ASN A 1 33  ? -3.396  -11.131 -8.620  1.00 14.81 ? 33  ASN A CG  1 
ATOM 274  O OD1 . ASN A 1 33  ? -4.278  -11.095 -9.465  1.00 15.71 ? 33  ASN A OD1 1 
ATOM 275  N ND2 . ASN A 1 33  ? -3.455  -10.426 -7.496  1.00 12.15 ? 33  ASN A ND2 1 
ATOM 276  N N   . ASP A 1 34  ? -3.209  -15.244 -9.010  1.00 16.46 ? 34  ASP A N   1 
ATOM 277  C CA  . ASP A 1 34  ? -4.289  -16.154 -9.379  1.00 14.20 ? 34  ASP A CA  1 
ATOM 278  C C   . ASP A 1 34  ? -4.359  -17.377 -8.473  1.00 17.07 ? 34  ASP A C   1 
ATOM 279  O O   . ASP A 1 34  ? -5.002  -18.374 -8.827  1.00 14.51 ? 34  ASP A O   1 
ATOM 280  C CB  . ASP A 1 34  ? -4.172  -16.577 -10.851 1.00 13.14 ? 34  ASP A CB  1 
ATOM 281  C CG  . ASP A 1 34  ? -2.933  -17.395 -11.148 1.00 16.22 ? 34  ASP A CG  1 
ATOM 282  O OD1 . ASP A 1 34  ? -2.071  -17.573 -10.256 1.00 12.50 ? 34  ASP A OD1 1 
ATOM 283  O OD2 . ASP A 1 34  ? -2.827  -17.862 -12.310 1.00 20.94 ? 34  ASP A OD2 1 
ATOM 284  N N   . ASP A 1 35  ? -3.729  -17.316 -7.305  1.00 14.24 ? 35  ASP A N   1 
ATOM 285  C CA  . ASP A 1 35  ? -3.782  -18.415 -6.344  1.00 16.58 ? 35  ASP A CA  1 
ATOM 286  C C   . ASP A 1 35  ? -5.013  -18.202 -5.480  1.00 19.40 ? 35  ASP A C   1 
ATOM 287  O O   . ASP A 1 35  ? -4.987  -17.434 -4.521  1.00 23.92 ? 35  ASP A O   1 
ATOM 288  C CB  . ASP A 1 35  ? -2.510  -18.475 -5.507  1.00 18.15 ? 35  ASP A CB  1 
ATOM 289  C CG  . ASP A 1 35  ? -2.464  -19.689 -4.588  1.00 23.95 ? 35  ASP A CG  1 
ATOM 290  O OD1 . ASP A 1 35  ? -3.467  -20.432 -4.523  1.00 24.60 ? 35  ASP A OD1 1 
ATOM 291  O OD2 . ASP A 1 35  ? -1.415  -19.900 -3.933  1.00 26.19 ? 35  ASP A OD2 1 
ATOM 292  N N   . ALA A 1 36  ? -6.106  -18.863 -5.838  1.00 21.31 ? 36  ALA A N   1 
ATOM 293  C CA  . ALA A 1 36  ? -7.280  -18.869 -4.979  1.00 18.73 ? 36  ALA A CA  1 
ATOM 294  C C   . ALA A 1 36  ? -7.177  -19.937 -3.909  1.00 22.93 ? 36  ALA A C   1 
ATOM 295  O O   . ALA A 1 36  ? -7.740  -19.778 -2.824  1.00 29.12 ? 36  ALA A O   1 
ATOM 296  C CB  . ALA A 1 36  ? -8.539  -19.103 -5.812  1.00 18.25 ? 36  ALA A CB  1 
ATOM 297  N N   . GLU A 1 37  ? -6.443  -21.011 -4.188  1.00 24.75 ? 37  GLU A N   1 
ATOM 298  C CA  . GLU A 1 37  ? -6.588  -22.243 -3.422  1.00 24.80 ? 37  GLU A CA  1 
ATOM 299  C C   . GLU A 1 37  ? -5.917  -22.129 -2.061  1.00 26.27 ? 37  GLU A C   1 
ATOM 300  O O   . GLU A 1 37  ? -6.492  -22.523 -1.040  1.00 23.13 ? 37  GLU A O   1 
ATOM 301  C CB  . GLU A 1 37  ? -6.010  -23.412 -4.218  1.00 24.30 ? 37  GLU A CB  1 
ATOM 302  C CG  . GLU A 1 37  ? -6.558  -24.754 -3.818  1.00 41.18 ? 37  GLU A CG  1 
ATOM 303  C CD  . GLU A 1 37  ? -6.782  -25.649 -5.005  1.00 45.64 ? 37  GLU A CD  1 
ATOM 304  O OE1 . GLU A 1 37  ? -6.660  -25.145 -6.140  1.00 43.24 ? 37  GLU A OE1 1 
ATOM 305  O OE2 . GLU A 1 37  ? -7.075  -26.851 -4.802  1.00 54.46 ? 37  GLU A OE2 1 
ATOM 306  N N   . THR A 1 38  ? -4.688  -21.606 -2.032  1.00 24.36 ? 38  THR A N   1 
ATOM 307  C CA  . THR A 1 38  ? -3.991  -21.416 -0.762  1.00 21.79 ? 38  THR A CA  1 
ATOM 308  C C   . THR A 1 38  ? -4.763  -20.501 0.180   1.00 25.22 ? 38  THR A C   1 
ATOM 309  O O   . THR A 1 38  ? -5.099  -20.936 1.296   1.00 25.71 ? 38  THR A O   1 
ATOM 310  C CB  . THR A 1 38  ? -2.576  -20.906 -1.031  1.00 23.41 ? 38  THR A CB  1 
ATOM 311  O OG1 . THR A 1 38  ? -1.948  -21.723 -2.019  1.00 15.69 ? 38  THR A OG1 1 
ATOM 312  C CG2 . THR A 1 38  ? -1.766  -20.880 0.258   1.00 20.21 ? 38  THR A CG2 1 
ATOM 313  N N   . PRO A 1 39  ? -5.099  -19.252 -0.188  1.00 25.18 ? 39  PRO A N   1 
ATOM 314  C CA  . PRO A 1 39  ? -5.849  -18.419 0.768   1.00 27.22 ? 39  PRO A CA  1 
ATOM 315  C C   . PRO A 1 39  ? -7.214  -18.989 1.143   1.00 25.37 ? 39  PRO A C   1 
ATOM 316  O O   . PRO A 1 39  ? -7.641  -18.841 2.295   1.00 28.43 ? 39  PRO A O   1 
ATOM 317  C CB  . PRO A 1 39  ? -5.961  -17.065 0.050   1.00 24.87 ? 39  PRO A CB  1 
ATOM 318  C CG  . PRO A 1 39  ? -5.719  -17.346 -1.382  1.00 25.50 ? 39  PRO A CG  1 
ATOM 319  C CD  . PRO A 1 39  ? -4.793  -18.512 -1.431  1.00 21.92 ? 39  PRO A CD  1 
ATOM 320  N N   . THR A 1 40  ? -7.908  -19.648 0.211   1.00 26.88 ? 40  THR A N   1 
ATOM 321  C CA  . THR A 1 40  ? -9.193  -20.262 0.540   1.00 30.36 ? 40  THR A CA  1 
ATOM 322  C C   . THR A 1 40  ? -9.019  -21.335 1.603   1.00 28.46 ? 40  THR A C   1 
ATOM 323  O O   . THR A 1 40  ? -9.839  -21.465 2.519   1.00 29.96 ? 40  THR A O   1 
ATOM 324  C CB  . THR A 1 40  ? -9.834  -20.854 -0.719  1.00 27.00 ? 40  THR A CB  1 
ATOM 325  O OG1 . THR A 1 40  ? -10.427 -19.804 -1.481  1.00 27.52 ? 40  THR A OG1 1 
ATOM 326  C CG2 . THR A 1 40  ? -10.922 -21.856 -0.368  1.00 26.74 ? 40  THR A CG2 1 
ATOM 327  N N   . ARG A 1 41  ? -7.936  -22.090 1.510   1.00 24.37 ? 41  ARG A N   1 
ATOM 328  C CA  . ARG A 1 41  ? -7.665  -23.126 2.491   1.00 29.74 ? 41  ARG A CA  1 
ATOM 329  C C   . ARG A 1 41  ? -7.346  -22.540 3.857   1.00 32.78 ? 41  ARG A C   1 
ATOM 330  O O   . ARG A 1 41  ? -7.657  -23.162 4.881   1.00 33.83 ? 41  ARG A O   1 
ATOM 331  C CB  . ARG A 1 41  ? -6.517  -23.986 1.985   1.00 30.88 ? 41  ARG A CB  1 
ATOM 332  C CG  . ARG A 1 41  ? -6.289  -25.256 2.737   1.00 35.12 ? 41  ARG A CG  1 
ATOM 333  C CD  . ARG A 1 41  ? -5.147  -25.950 2.097   1.00 28.50 ? 41  ARG A CD  1 
ATOM 334  N NE  . ARG A 1 41  ? -5.237  -25.841 0.647   1.00 34.37 ? 41  ARG A NE  1 
ATOM 335  C CZ  . ARG A 1 41  ? -4.283  -25.331 -0.132  1.00 33.29 ? 41  ARG A CZ  1 
ATOM 336  N NH1 . ARG A 1 41  ? -3.148  -24.883 0.397   1.00 27.82 ? 41  ARG A NH1 1 
ATOM 337  N NH2 . ARG A 1 41  ? -4.466  -25.280 -1.444  1.00 30.21 ? 41  ARG A NH2 1 
ATOM 338  N N   . MET A 1 42  ? -6.756  -21.339 3.886   1.00 28.98 ? 42  MET A N   1 
ATOM 339  C CA  . MET A 1 42  ? -6.316  -20.717 5.131   1.00 27.17 ? 42  MET A CA  1 
ATOM 340  C C   . MET A 1 42  ? -7.454  -20.018 5.869   1.00 24.58 ? 42  MET A C   1 
ATOM 341  O O   . MET A 1 42  ? -7.553  -20.141 7.096   1.00 19.14 ? 42  MET A O   1 
ATOM 342  C CB  . MET A 1 42  ? -5.205  -19.703 4.855   1.00 27.51 ? 42  MET A CB  1 
ATOM 343  C CG  . MET A 1 42  ? -3.863  -20.269 4.529   1.00 21.93 ? 42  MET A CG  1 
ATOM 344  S SD  . MET A 1 42  ? -2.815  -18.969 3.842   1.00 28.42 ? 42  MET A SD  1 
ATOM 345  C CE  . MET A 1 42  ? -1.216  -19.791 3.810   1.00 23.76 ? 42  MET A CE  1 
ATOM 346  N N   . VAL A 1 43  ? -8.279  -19.237 5.156   1.00 24.27 ? 43  VAL A N   1 
ATOM 347  C CA  . VAL A 1 43  ? -9.291  -18.389 5.788   1.00 20.75 ? 43  VAL A CA  1 
ATOM 348  C C   . VAL A 1 43  ? -10.601 -18.401 5.011   1.00 25.80 ? 43  VAL A C   1 
ATOM 349  O O   . VAL A 1 43  ? -11.492 -17.579 5.269   1.00 24.06 ? 43  VAL A O   1 
ATOM 350  C CB  . VAL A 1 43  ? -8.815  -16.926 5.941   1.00 21.15 ? 43  VAL A CB  1 
ATOM 351  C CG1 . VAL A 1 43  ? -7.512  -16.824 6.722   1.00 19.58 ? 43  VAL A CG1 1 
ATOM 352  C CG2 . VAL A 1 43  ? -8.716  -16.251 4.578   1.00 25.99 ? 43  VAL A CG2 1 
ATOM 353  N N   . GLY A 1 44  ? -10.737 -19.303 4.045   1.00 27.36 ? 44  GLY A N   1 
ATOM 354  C CA  . GLY A 1 44  ? -12.032 -19.453 3.412   1.00 21.94 ? 44  GLY A CA  1 
ATOM 355  C C   . GLY A 1 44  ? -12.167 -18.825 2.043   1.00 28.46 ? 44  GLY A C   1 
ATOM 356  O O   . GLY A 1 44  ? -12.658 -19.467 1.114   1.00 41.25 ? 44  GLY A O   1 
ATOM 357  N N   . GLN A 1 45  ? -11.751 -17.579 1.889   1.00 28.45 ? 45  GLN A N   1 
ATOM 358  C CA  . GLN A 1 45  ? -11.863 -16.897 0.610   1.00 28.41 ? 45  GLN A CA  1 
ATOM 359  C C   . GLN A 1 45  ? -10.471 -16.563 0.084   1.00 31.23 ? 45  GLN A C   1 
ATOM 360  O O   . GLN A 1 45  ? -9.454  -16.775 0.753   1.00 26.33 ? 45  GLN A O   1 
ATOM 361  C CB  . GLN A 1 45  ? -12.730 -15.634 0.738   1.00 26.63 ? 45  GLN A CB  1 
ATOM 362  C CG  . GLN A 1 45  ? -14.147 -15.920 1.269   1.00 31.06 ? 45  GLN A CG  1 
ATOM 363  C CD  . GLN A 1 45  ? -14.975 -16.859 0.358   1.00 32.51 ? 45  GLN A CD  1 
ATOM 364  O OE1 . GLN A 1 45  ? -14.858 -16.823 -0.868  1.00 37.77 ? 45  GLN A OE1 1 
ATOM 365  N NE2 . GLN A 1 45  ? -15.824 -17.685 0.967   1.00 27.61 ? 45  GLN A NE2 1 
ATOM 366  N N   . LYS A 1 46  ? -10.427 -16.064 -1.149  1.00 32.58 ? 46  LYS A N   1 
ATOM 367  C CA  . LYS A 1 46  ? -9.177  -15.603 -1.751  1.00 30.31 ? 46  LYS A CA  1 
ATOM 368  C C   . LYS A 1 46  ? -8.995  -14.130 -1.400  1.00 25.51 ? 46  LYS A C   1 
ATOM 369  O O   . LYS A 1 46  ? -9.469  -13.232 -2.095  1.00 24.23 ? 46  LYS A O   1 
ATOM 370  C CB  . LYS A 1 46  ? -9.187  -15.829 -3.253  1.00 27.13 ? 46  LYS A CB  1 
ATOM 371  C CG  . LYS A 1 46  ? -7.958  -15.301 -3.951  1.00 27.08 ? 46  LYS A CG  1 
ATOM 372  C CD  . LYS A 1 46  ? -8.293  -14.960 -5.373  1.00 22.17 ? 46  LYS A CD  1 
ATOM 373  C CE  . LYS A 1 46  ? -7.072  -15.089 -6.244  1.00 20.42 ? 46  LYS A CE  1 
ATOM 374  N NZ  . LYS A 1 46  ? -7.039  -13.966 -7.200  1.00 18.90 ? 46  LYS A NZ  1 
ATOM 375  N N   . GLN A 1 47  ? -8.297  -13.882 -0.297  1.00 22.02 ? 47  GLN A N   1 
ATOM 376  C CA  . GLN A 1 47  ? -8.103  -12.530 0.195   1.00 25.23 ? 47  GLN A CA  1 
ATOM 377  C C   . GLN A 1 47  ? -6.774  -12.481 0.929   1.00 25.57 ? 47  GLN A C   1 
ATOM 378  O O   . GLN A 1 47  ? -6.380  -13.443 1.592   1.00 25.51 ? 47  GLN A O   1 
ATOM 379  C CB  . GLN A 1 47  ? -9.241  -12.088 1.126   1.00 23.17 ? 47  GLN A CB  1 
ATOM 380  C CG  . GLN A 1 47  ? -9.654  -13.174 2.113   1.00 34.63 ? 47  GLN A CG  1 
ATOM 381  C CD  . GLN A 1 47  ? -10.549 -12.662 3.224   1.00 35.87 ? 47  GLN A CD  1 
ATOM 382  O OE1 . GLN A 1 47  ? -11.715 -13.046 3.328   1.00 41.99 ? 47  GLN A OE1 1 
ATOM 383  N NE2 . GLN A 1 47  ? -10.006 -11.801 4.065   1.00 32.04 ? 47  GLN A NE2 1 
ATOM 384  N N   . VAL A 1 48  ? -6.084  -11.358 0.776   1.00 22.84 ? 48  VAL A N   1 
ATOM 385  C CA  . VAL A 1 48  ? -4.830  -11.081 1.472   1.00 20.34 ? 48  VAL A CA  1 
ATOM 386  C C   . VAL A 1 48  ? -4.891  -9.652  1.984   1.00 21.63 ? 48  VAL A C   1 
ATOM 387  O O   . VAL A 1 48  ? -5.633  -8.819  1.444   1.00 15.50 ? 48  VAL A O   1 
ATOM 388  C CB  . VAL A 1 48  ? -3.607  -11.265 0.551   1.00 18.91 ? 48  VAL A CB  1 
ATOM 389  C CG1 . VAL A 1 48  ? -3.396  -12.748 0.200   1.00 18.67 ? 48  VAL A CG1 1 
ATOM 390  C CG2 . VAL A 1 48  ? -3.768  -10.411 -0.704  1.00 20.63 ? 48  VAL A CG2 1 
ATOM 391  N N   . PRO A 1 49  ? -4.110  -9.328  3.035   1.00 23.96 ? 49  PRO A N   1 
ATOM 392  C CA  . PRO A 1 49  ? -3.100  -10.154 3.716   1.00 18.34 ? 49  PRO A CA  1 
ATOM 393  C C   . PRO A 1 49  ? -3.665  -11.259 4.604   1.00 19.07 ? 49  PRO A C   1 
ATOM 394  O O   . PRO A 1 49  ? -4.744  -11.104 5.163   1.00 18.27 ? 49  PRO A O   1 
ATOM 395  C CB  . PRO A 1 49  ? -2.337  -9.127  4.562   1.00 17.21 ? 49  PRO A CB  1 
ATOM 396  C CG  . PRO A 1 49  ? -3.367  -8.082  4.882   1.00 15.46 ? 49  PRO A CG  1 
ATOM 397  C CD  . PRO A 1 49  ? -4.216  -7.980  3.634   1.00 15.33 ? 49  PRO A CD  1 
ATOM 398  N N   . ILE A 1 50  ? -2.927  -12.364 4.721   1.00 17.20 ? 50  ILE A N   1 
ATOM 399  C CA  . ILE A 1 50  ? -3.184  -13.390 5.723   1.00 14.52 ? 50  ILE A CA  1 
ATOM 400  C C   . ILE A 1 50  ? -1.988  -13.468 6.667   1.00 16.90 ? 50  ILE A C   1 
ATOM 401  O O   . ILE A 1 50  ? -0.828  -13.426 6.237   1.00 17.93 ? 50  ILE A O   1 
ATOM 402  C CB  . ILE A 1 50  ? -3.462  -14.758 5.075   1.00 17.57 ? 50  ILE A CB  1 
ATOM 403  C CG1 . ILE A 1 50  ? -4.650  -14.656 4.120   1.00 17.82 ? 50  ILE A CG1 1 
ATOM 404  C CG2 . ILE A 1 50  ? -3.679  -15.827 6.158   1.00 20.67 ? 50  ILE A CG2 1 
ATOM 405  C CD1 . ILE A 1 50  ? -4.902  -15.916 3.300   1.00 21.99 ? 50  ILE A CD1 1 
ATOM 406  N N   . LEU A 1 51  ? -2.262  -13.553 7.957   1.00 17.07 ? 51  LEU A N   1 
ATOM 407  C CA  . LEU A 1 51  ? -1.211  -13.638 8.958   1.00 17.83 ? 51  LEU A CA  1 
ATOM 408  C C   . LEU A 1 51  ? -1.320  -15.000 9.620   1.00 22.17 ? 51  LEU A C   1 
ATOM 409  O O   . LEU A 1 51  ? -2.376  -15.352 10.161  1.00 25.26 ? 51  LEU A O   1 
ATOM 410  C CB  . LEU A 1 51  ? -1.324  -12.514 9.997   1.00 15.40 ? 51  LEU A CB  1 
ATOM 411  C CG  . LEU A 1 51  ? -0.465  -12.737 11.253  1.00 18.48 ? 51  LEU A CG  1 
ATOM 412  C CD1 . LEU A 1 51  ? 1.015   -12.485 11.014  1.00 16.62 ? 51  LEU A CD1 1 
ATOM 413  C CD2 . LEU A 1 51  ? -0.949  -11.906 12.419  1.00 23.07 ? 51  LEU A CD2 1 
ATOM 414  N N   . GLN A 1 52  ? -0.254  -15.779 9.546   1.00 20.58 ? 52  GLN A N   1 
ATOM 415  C CA  . GLN A 1 52  ? -0.178  -17.011 10.309  1.00 25.10 ? 52  GLN A CA  1 
ATOM 416  C C   . GLN A 1 52  ? 0.449   -16.658 11.648  1.00 23.97 ? 52  GLN A C   1 
ATOM 417  O O   . GLN A 1 52  ? 1.622   -16.278 11.710  1.00 24.78 ? 52  GLN A O   1 
ATOM 418  C CB  . GLN A 1 52  ? 0.614   -18.090 9.574   1.00 24.77 ? 52  GLN A CB  1 
ATOM 419  C CG  . GLN A 1 52  ? 0.642   -19.395 10.357  1.00 26.01 ? 52  GLN A CG  1 
ATOM 420  C CD  . GLN A 1 52  ? 1.287   -20.553 9.609   1.00 33.04 ? 52  GLN A CD  1 
ATOM 421  O OE1 . GLN A 1 52  ? 2.322   -20.395 8.952   1.00 25.42 ? 52  GLN A OE1 1 
ATOM 422  N NE2 . GLN A 1 52  ? 0.680   -21.740 9.721   1.00 29.60 ? 52  GLN A NE2 1 
ATOM 423  N N   . LYS A 1 53  ? -0.347  -16.752 12.712  1.00 32.99 ? 53  LYS A N   1 
ATOM 424  C CA  . LYS A 1 53  ? 0.108   -16.451 14.068  1.00 34.72 ? 53  LYS A CA  1 
ATOM 425  C C   . LYS A 1 53  ? 1.187   -17.414 14.517  1.00 29.29 ? 53  LYS A C   1 
ATOM 426  O O   . LYS A 1 53  ? 1.485   -18.391 13.824  1.00 29.34 ? 53  LYS A O   1 
ATOM 427  C CB  . LYS A 1 53  ? -1.036  -16.545 15.074  1.00 37.84 ? 53  LYS A CB  1 
ATOM 428  C CG  . LYS A 1 53  ? -2.350  -15.989 14.620  1.00 38.44 ? 53  LYS A CG  1 
ATOM 429  C CD  . LYS A 1 53  ? -2.472  -14.562 15.039  1.00 30.90 ? 53  LYS A CD  1 
ATOM 430  C CE  . LYS A 1 53  ? -3.832  -14.301 15.686  1.00 33.20 ? 53  LYS A CE  1 
ATOM 431  N NZ  . LYS A 1 53  ? -4.967  -15.019 15.056  1.00 37.17 ? 53  LYS A NZ  1 
ATOM 432  N N   . ASP A 1 54  ? 1.737   -17.183 15.707  1.00 36.34 ? 54  ASP A N   1 
ATOM 433  C CA  . ASP A 1 54  ? 2.720   -18.126 16.218  1.00 38.77 ? 54  ASP A CA  1 
ATOM 434  C C   . ASP A 1 54  ? 2.077   -19.410 16.749  1.00 41.00 ? 54  ASP A C   1 
ATOM 435  O O   . ASP A 1 54  ? 2.725   -20.462 16.730  1.00 42.41 ? 54  ASP A O   1 
ATOM 436  C CB  . ASP A 1 54  ? 3.586   -17.442 17.270  1.00 31.23 ? 54  ASP A CB  1 
ATOM 437  C CG  . ASP A 1 54  ? 4.766   -16.691 16.651  1.00 29.37 ? 54  ASP A CG  1 
ATOM 438  O OD1 . ASP A 1 54  ? 5.236   -17.114 15.577  1.00 31.48 ? 54  ASP A OD1 1 
ATOM 439  O OD2 . ASP A 1 54  ? 5.221   -15.677 17.227  1.00 34.63 ? 54  ASP A OD2 1 
ATOM 440  N N   . ASP A 1 55  ? 0.812   -19.365 17.175  1.00 40.07 ? 55  ASP A N   1 
ATOM 441  C CA  . ASP A 1 55  ? 0.043   -20.588 17.384  1.00 36.12 ? 55  ASP A CA  1 
ATOM 442  C C   . ASP A 1 55  ? -0.389  -21.244 16.071  1.00 39.65 ? 55  ASP A C   1 
ATOM 443  O O   . ASP A 1 55  ? -1.290  -22.088 16.096  1.00 42.92 ? 55  ASP A O   1 
ATOM 444  C CB  . ASP A 1 55  ? -1.186  -20.308 18.265  1.00 39.86 ? 55  ASP A CB  1 
ATOM 445  C CG  . ASP A 1 55  ? -2.258  -19.444 17.568  1.00 44.58 ? 55  ASP A CG  1 
ATOM 446  O OD1 . ASP A 1 55  ? -2.095  -19.091 16.387  1.00 43.34 ? 55  ASP A OD1 1 
ATOM 447  O OD2 . ASP A 1 55  ? -3.276  -19.099 18.209  1.00 38.10 ? 55  ASP A OD2 1 
ATOM 448  N N   . SER A 1 56  ? 0.196   -20.843 14.938  1.00 39.71 ? 56  SER A N   1 
ATOM 449  C CA  . SER A 1 56  ? 0.020   -21.413 13.602  1.00 35.37 ? 56  SER A CA  1 
ATOM 450  C C   . SER A 1 56  ? -1.379  -21.221 13.014  1.00 36.48 ? 56  SER A C   1 
ATOM 451  O O   . SER A 1 56  ? -1.616  -21.691 11.892  1.00 42.16 ? 56  SER A O   1 
ATOM 452  C CB  . SER A 1 56  ? 0.378   -22.910 13.554  1.00 39.93 ? 56  SER A CB  1 
ATOM 453  O OG  . SER A 1 56  ? -0.657  -23.700 14.126  1.00 39.81 ? 56  SER A OG  1 
ATOM 454  N N   . ARG A 1 57  ? -2.308  -20.559 13.710  1.00 32.34 ? 57  ARG A N   1 
ATOM 455  C CA  . ARG A 1 57  ? -3.605  -20.243 13.124  1.00 34.58 ? 57  ARG A CA  1 
ATOM 456  C C   . ARG A 1 57  ? -3.478  -19.074 12.143  1.00 37.58 ? 57  ARG A C   1 
ATOM 457  O O   . ARG A 1 57  ? -2.448  -18.395 12.072  1.00 38.13 ? 57  ARG A O   1 
ATOM 458  C CB  . ARG A 1 57  ? -4.622  -19.916 14.216  1.00 39.40 ? 57  ARG A CB  1 
ATOM 459  C CG  . ARG A 1 57  ? -4.624  -20.909 15.371  1.00 51.57 ? 57  ARG A CG  1 
ATOM 460  C CD  . ARG A 1 57  ? -5.455  -20.426 16.552  1.00 53.86 ? 57  ARG A CD  1 
ATOM 461  N NE  . ARG A 1 57  ? -6.767  -21.062 16.602  1.00 71.04 ? 57  ARG A NE  1 
ATOM 462  C CZ  . ARG A 1 57  ? -7.925  -20.407 16.552  1.00 72.13 ? 57  ARG A CZ  1 
ATOM 463  N NH1 . ARG A 1 57  ? -9.067  -21.081 16.602  1.00 56.98 ? 57  ARG A NH1 1 
ATOM 464  N NH2 . ARG A 1 57  ? -7.947  -19.081 16.454  1.00 73.34 ? 57  ARG A NH2 1 
ATOM 465  N N   . TYR A 1 58  ? -4.550  -18.831 11.385  1.00 34.04 ? 58  TYR A N   1 
ATOM 466  C CA  . TYR A 1 58  ? -4.558  -17.821 10.333  1.00 26.59 ? 58  TYR A CA  1 
ATOM 467  C C   . TYR A 1 58  ? -5.582  -16.735 10.637  1.00 28.53 ? 58  TYR A C   1 
ATOM 468  O O   . TYR A 1 58  ? -6.713  -17.027 11.037  1.00 33.26 ? 58  TYR A O   1 
ATOM 469  C CB  . TYR A 1 58  ? -4.864  -18.457 8.960   1.00 29.56 ? 58  TYR A CB  1 
ATOM 470  C CG  . TYR A 1 58  ? -3.835  -19.471 8.504   1.00 27.37 ? 58  TYR A CG  1 
ATOM 471  C CD1 . TYR A 1 58  ? -2.575  -19.076 8.094   1.00 20.96 ? 58  TYR A CD1 1 
ATOM 472  C CD2 . TYR A 1 58  ? -4.133  -20.830 8.483   1.00 32.43 ? 58  TYR A CD2 1 
ATOM 473  C CE1 . TYR A 1 58  ? -1.636  -20.000 7.686   1.00 26.56 ? 58  TYR A CE1 1 
ATOM 474  C CE2 . TYR A 1 58  ? -3.197  -21.765 8.069   1.00 23.59 ? 58  TYR A CE2 1 
ATOM 475  C CZ  . TYR A 1 58  ? -1.952  -21.348 7.677   1.00 27.33 ? 58  TYR A CZ  1 
ATOM 476  O OH  . TYR A 1 58  ? -1.021  -22.278 7.260   1.00 30.43 ? 58  TYR A OH  1 
ATOM 477  N N   . MET A 1 59  ? -5.191  -15.479 10.422  1.00 21.58 ? 59  MET A N   1 
ATOM 478  C CA  . MET A 1 59  ? -6.088  -14.355 10.608  1.00 24.24 ? 59  MET A CA  1 
ATOM 479  C C   . MET A 1 59  ? -6.128  -13.520 9.331   1.00 24.57 ? 59  MET A C   1 
ATOM 480  O O   . MET A 1 59  ? -5.063  -13.162 8.798   1.00 23.03 ? 59  MET A O   1 
ATOM 481  C CB  . MET A 1 59  ? -5.622  -13.499 11.797  1.00 25.19 ? 59  MET A CB  1 
ATOM 482  C CG  . MET A 1 59  ? -6.681  -12.602 12.412  1.00 25.66 ? 59  MET A CG  1 
ATOM 483  S SD  . MET A 1 59  ? -5.950  -11.074 13.100  1.00 40.08 ? 59  MET A SD  1 
ATOM 484  C CE  . MET A 1 59  ? -4.333  -11.663 13.527  1.00 20.91 ? 59  MET A CE  1 
ATOM 485  N N   . PRO A 1 60  ? -7.323  -13.176 8.810   1.00 26.05 ? 60  PRO A N   1 
ATOM 486  C CA  . PRO A 1 60  ? -7.395  -12.258 7.668   1.00 22.43 ? 60  PRO A CA  1 
ATOM 487  C C   . PRO A 1 60  ? -7.597  -10.805 8.075   1.00 27.97 ? 60  PRO A C   1 
ATOM 488  O O   . PRO A 1 60  ? -7.570  -10.474 9.263   1.00 27.91 ? 60  PRO A O   1 
ATOM 489  C CB  . PRO A 1 60  ? -8.621  -12.769 6.911   1.00 27.72 ? 60  PRO A CB  1 
ATOM 490  C CG  . PRO A 1 60  ? -9.549  -13.120 8.038   1.00 22.08 ? 60  PRO A CG  1 
ATOM 491  C CD  . PRO A 1 60  ? -8.653  -13.736 9.119   1.00 22.29 ? 60  PRO A CD  1 
ATOM 492  N N   . GLU A 1 61  ? -7.806  -9.942  7.071   1.00 28.19 ? 61  GLU A N   1 
ATOM 493  C CA  . GLU A 1 61  ? -8.252  -8.552  7.197   1.00 28.56 ? 61  GLU A CA  1 
ATOM 494  C C   . GLU A 1 61  ? -7.174  -7.634  7.777   1.00 32.40 ? 61  GLU A C   1 
ATOM 495  O O   . GLU A 1 61  ? -6.648  -7.877  8.870   1.00 35.44 ? 61  GLU A O   1 
ATOM 496  C CB  . GLU A 1 61  ? -9.541  -8.468  8.025   1.00 27.40 ? 61  GLU A CB  1 
ATOM 497  C CG  . GLU A 1 61  ? -10.818 -9.135  7.411   1.00 40.74 ? 61  GLU A CG  1 
ATOM 498  C CD  . GLU A 1 61  ? -11.299 -8.602  6.022   1.00 45.73 ? 61  GLU A CD  1 
ATOM 499  O OE1 . GLU A 1 61  ? -12.535 -8.605  5.785   1.00 38.66 ? 61  GLU A OE1 1 
ATOM 500  O OE2 . GLU A 1 61  ? -10.484 -8.221  5.147   1.00 41.19 ? 61  GLU A OE2 1 
ATOM 501  N N   . SER A 1 62  ? -6.866  -6.551  7.052   1.00 30.63 ? 62  SER A N   1 
ATOM 502  C CA  . SER A 1 62  ? -5.631  -5.809  7.295   1.00 26.89 ? 62  SER A CA  1 
ATOM 503  C C   . SER A 1 62  ? -5.691  -5.003  8.597   1.00 31.05 ? 62  SER A C   1 
ATOM 504  O O   . SER A 1 62  ? -4.788  -5.105  9.437   1.00 28.52 ? 62  SER A O   1 
ATOM 505  C CB  . SER A 1 62  ? -5.317  -4.921  6.082   1.00 25.58 ? 62  SER A CB  1 
ATOM 506  O OG  . SER A 1 62  ? -5.719  -3.571  6.252   1.00 28.37 ? 62  SER A OG  1 
ATOM 507  N N   . MET A 1 63  ? -6.748  -4.207  8.794   1.00 31.60 ? 63  MET A N   1 
ATOM 508  C CA  . MET A 1 63  ? -6.878  -3.438  10.035  1.00 32.70 ? 63  MET A CA  1 
ATOM 509  C C   . MET A 1 63  ? -7.014  -4.339  11.261  1.00 33.60 ? 63  MET A C   1 
ATOM 510  O O   . MET A 1 63  ? -6.584  -3.965  12.361  1.00 28.42 ? 63  MET A O   1 
ATOM 511  C CB  . MET A 1 63  ? -8.076  -2.486  9.952   1.00 26.57 ? 63  MET A CB  1 
ATOM 512  C CG  . MET A 1 63  ? -7.850  -1.301  9.044   1.00 32.81 ? 63  MET A CG  1 
ATOM 513  S SD  . MET A 1 63  ? -6.140  -0.710  9.100   1.00 46.48 ? 63  MET A SD  1 
ATOM 514  C CE  . MET A 1 63  ? -6.015  -0.029  10.764  1.00 30.94 ? 63  MET A CE  1 
ATOM 515  N N   . ASP A 1 64  ? -7.635  -5.510  11.105  1.00 34.40 ? 64  ASP A N   1 
ATOM 516  C CA  . ASP A 1 64  ? -7.650  -6.469  12.198  1.00 31.76 ? 64  ASP A CA  1 
ATOM 517  C C   . ASP A 1 64  ? -6.238  -6.942  12.514  1.00 21.53 ? 64  ASP A C   1 
ATOM 518  O O   . ASP A 1 64  ? -5.904  -7.185  13.676  1.00 26.24 ? 64  ASP A O   1 
ATOM 519  C CB  . ASP A 1 64  ? -8.560  -7.651  11.855  1.00 31.63 ? 64  ASP A CB  1 
ATOM 520  C CG  . ASP A 1 64  ? -10.005 -7.236  11.698  1.00 44.33 ? 64  ASP A CG  1 
ATOM 521  O OD1 . ASP A 1 64  ? -10.420 -6.318  12.432  1.00 47.49 ? 64  ASP A OD1 1 
ATOM 522  O OD2 . ASP A 1 64  ? -10.729 -7.817  10.851  1.00 45.19 ? 64  ASP A OD2 1 
ATOM 523  N N   . ILE A 1 65  ? -5.391  -7.073  11.493  1.00 27.26 ? 65  ILE A N   1 
ATOM 524  C CA  . ILE A 1 65  ? -4.025  -7.534  11.724  1.00 22.84 ? 65  ILE A CA  1 
ATOM 525  C C   . ILE A 1 65  ? -3.197  -6.417  12.339  1.00 17.88 ? 65  ILE A C   1 
ATOM 526  O O   . ILE A 1 65  ? -2.401  -6.647  13.260  1.00 18.78 ? 65  ILE A O   1 
ATOM 527  C CB  . ILE A 1 65  ? -3.413  -8.060  10.409  1.00 18.50 ? 65  ILE A CB  1 
ATOM 528  C CG1 . ILE A 1 65  ? -3.930  -9.469  10.098  1.00 20.14 ? 65  ILE A CG1 1 
ATOM 529  C CG2 . ILE A 1 65  ? -1.887  -7.987  10.430  1.00 15.77 ? 65  ILE A CG2 1 
ATOM 530  C CD1 . ILE A 1 65  ? -3.710  -9.916  8.635   1.00 17.82 ? 65  ILE A CD1 1 
ATOM 531  N N   . VAL A 1 66  ? -3.402  -5.187  11.872  1.00 19.63 ? 66  VAL A N   1 
ATOM 532  C CA  . VAL A 1 66  ? -2.681  -4.043  12.425  1.00 21.72 ? 66  VAL A CA  1 
ATOM 533  C C   . VAL A 1 66  ? -2.946  -3.923  13.921  1.00 17.39 ? 66  VAL A C   1 
ATOM 534  O O   . VAL A 1 66  ? -2.015  -3.842  14.727  1.00 15.96 ? 66  VAL A O   1 
ATOM 535  C CB  . VAL A 1 66  ? -3.063  -2.754  11.673  1.00 22.26 ? 66  VAL A CB  1 
ATOM 536  C CG1 . VAL A 1 66  ? -2.499  -1.532  12.399  1.00 17.40 ? 66  VAL A CG1 1 
ATOM 537  C CG2 . VAL A 1 66  ? -2.565  -2.810  10.241  1.00 18.14 ? 66  VAL A CG2 1 
ATOM 538  N N   . HIS A 1 67  ? -4.219  -3.939  14.317  1.00 21.13 ? 67  HIS A N   1 
ATOM 539  C CA  . HIS A 1 67  ? -4.545  -3.840  15.738  1.00 19.54 ? 67  HIS A CA  1 
ATOM 540  C C   . HIS A 1 67  ? -3.993  -5.033  16.519  1.00 20.09 ? 67  HIS A C   1 
ATOM 541  O O   . HIS A 1 67  ? -3.444  -4.867  17.614  1.00 17.36 ? 67  HIS A O   1 
ATOM 542  C CB  . HIS A 1 67  ? -6.057  -3.732  15.931  1.00 22.47 ? 67  HIS A CB  1 
ATOM 543  C CG  . HIS A 1 67  ? -6.697  -2.630  15.143  1.00 46.04 ? 67  HIS A CG  1 
ATOM 544  N ND1 . HIS A 1 67  ? -7.819  -2.832  14.365  1.00 44.88 ? 67  HIS A ND1 1 
ATOM 545  C CD2 . HIS A 1 67  ? -6.387  -1.315  15.025  1.00 45.80 ? 67  HIS A CD2 1 
ATOM 546  C CE1 . HIS A 1 67  ? -8.168  -1.691  13.795  1.00 48.22 ? 67  HIS A CE1 1 
ATOM 547  N NE2 . HIS A 1 67  ? -7.317  -0.754  14.180  1.00 52.17 ? 67  HIS A NE2 1 
ATOM 548  N N   . TYR A 1 68  ? -4.115  -6.247  15.969  1.00 19.92 ? 68  TYR A N   1 
ATOM 549  C CA  . TYR A 1 68  ? -3.617  -7.417  16.689  1.00 18.90 ? 68  TYR A CA  1 
ATOM 550  C C   . TYR A 1 68  ? -2.105  -7.354  16.888  1.00 17.63 ? 68  TYR A C   1 
ATOM 551  O O   . TYR A 1 68  ? -1.605  -7.715  17.957  1.00 21.46 ? 68  TYR A O   1 
ATOM 552  C CB  . TYR A 1 68  ? -4.010  -8.697  15.966  1.00 19.53 ? 68  TYR A CB  1 
ATOM 553  C CG  . TYR A 1 68  ? -3.346  -9.957  16.510  1.00 21.62 ? 68  TYR A CG  1 
ATOM 554  C CD1 . TYR A 1 68  ? -3.914  -10.672 17.565  1.00 19.42 ? 68  TYR A CD1 1 
ATOM 555  C CD2 . TYR A 1 68  ? -2.163  -10.436 15.956  1.00 19.69 ? 68  TYR A CD2 1 
ATOM 556  C CE1 . TYR A 1 68  ? -3.316  -11.820 18.052  1.00 27.69 ? 68  TYR A CE1 1 
ATOM 557  C CE2 . TYR A 1 68  ? -1.554  -11.586 16.437  1.00 22.58 ? 68  TYR A CE2 1 
ATOM 558  C CZ  . TYR A 1 68  ? -2.131  -12.274 17.486  1.00 29.25 ? 68  TYR A CZ  1 
ATOM 559  O OH  . TYR A 1 68  ? -1.539  -13.428 17.953  1.00 28.36 ? 68  TYR A OH  1 
ATOM 560  N N   . VAL A 1 69  ? -1.365  -6.880  15.878  1.00 18.13 ? 69  VAL A N   1 
ATOM 561  C CA  . VAL A 1 69  ? 0.094   -6.799  15.977  1.00 14.05 ? 69  VAL A CA  1 
ATOM 562  C C   . VAL A 1 69  ? 0.524   -5.657  16.901  1.00 17.86 ? 69  VAL A C   1 
ATOM 563  O O   . VAL A 1 69  ? 1.533   -5.768  17.620  1.00 13.35 ? 69  VAL A O   1 
ATOM 564  C CB  . VAL A 1 69  ? 0.712   -6.651  14.574  1.00 14.25 ? 69  VAL A CB  1 
ATOM 565  C CG1 . VAL A 1 69  ? 2.191   -6.292  14.679  1.00 11.31 ? 69  VAL A CG1 1 
ATOM 566  C CG2 . VAL A 1 69  ? 0.507   -7.946  13.739  1.00 17.67 ? 69  VAL A CG2 1 
ATOM 567  N N   . ASP A 1 70  ? -0.230  -4.543  16.891  1.00 15.02 ? 70  ASP A N   1 
ATOM 568  C CA  . ASP A 1 70  ? 0.105   -3.390  17.719  1.00 14.47 ? 70  ASP A CA  1 
ATOM 569  C C   . ASP A 1 70  ? 0.093   -3.754  19.203  1.00 15.66 ? 70  ASP A C   1 
ATOM 570  O O   . ASP A 1 70  ? 0.811   -3.137  19.996  1.00 13.22 ? 70  ASP A O   1 
ATOM 571  C CB  . ASP A 1 70  ? -0.863  -2.229  17.421  1.00 15.46 ? 70  ASP A CB  1 
ATOM 572  C CG  . ASP A 1 70  ? -0.251  -0.838  17.706  1.00 18.43 ? 70  ASP A CG  1 
ATOM 573  O OD1 . ASP A 1 70  ? 0.977   -0.741  17.956  1.00 15.75 ? 70  ASP A OD1 1 
ATOM 574  O OD2 . ASP A 1 70  ? -1.012  0.165   17.685  1.00 13.13 ? 70  ASP A OD2 1 
ATOM 575  N N   . LYS A 1 71  ? -0.670  -4.780  19.584  1.00 15.59 ? 71  LYS A N   1 
ATOM 576  C CA  . LYS A 1 71  ? -0.786  -5.211  20.971  1.00 13.11 ? 71  LYS A CA  1 
ATOM 577  C C   . LYS A 1 71  ? 0.247   -6.260  21.380  1.00 17.19 ? 71  LYS A C   1 
ATOM 578  O O   . LYS A 1 71  ? 0.436   -6.478  22.581  1.00 17.91 ? 71  LYS A O   1 
ATOM 579  C CB  . LYS A 1 71  ? -2.188  -5.779  21.218  1.00 15.24 ? 71  LYS A CB  1 
ATOM 580  C CG  . LYS A 1 71  ? -3.281  -4.748  21.293  1.00 18.42 ? 71  LYS A CG  1 
ATOM 581  C CD  . LYS A 1 71  ? -4.641  -5.356  20.968  1.00 23.61 ? 71  LYS A CD  1 
ATOM 582  C CE  . LYS A 1 71  ? -5.360  -5.825  22.219  1.00 25.31 ? 71  LYS A CE  1 
ATOM 583  N NZ  . LYS A 1 71  ? -6.810  -6.038  21.944  1.00 37.34 ? 71  LYS A NZ  1 
ATOM 584  N N   . LEU A 1 72  ? 0.914   -6.915  20.419  1.00 20.32 ? 72  LEU A N   1 
ATOM 585  C CA  . LEU A 1 72  ? 1.738   -8.086  20.733  1.00 17.31 ? 72  LEU A CA  1 
ATOM 586  C C   . LEU A 1 72  ? 2.801   -7.800  21.788  1.00 17.24 ? 72  LEU A C   1 
ATOM 587  O O   . LEU A 1 72  ? 3.166   -8.698  22.560  1.00 16.87 ? 72  LEU A O   1 
ATOM 588  C CB  . LEU A 1 72  ? 2.414   -8.600  19.472  1.00 15.55 ? 72  LEU A CB  1 
ATOM 589  C CG  . LEU A 1 72  ? 1.547   -9.394  18.512  1.00 16.78 ? 72  LEU A CG  1 
ATOM 590  C CD1 . LEU A 1 72  ? 2.385   -9.709  17.287  1.00 20.11 ? 72  LEU A CD1 1 
ATOM 591  C CD2 . LEU A 1 72  ? 1.036   -10.643 19.169  1.00 17.32 ? 72  LEU A CD2 1 
ATOM 592  N N   . ASP A 1 73  ? 3.325   -6.580  21.827  1.00 14.65 ? 73  ASP A N   1 
ATOM 593  C CA  . ASP A 1 73  ? 4.342   -6.218  22.797  1.00 14.76 ? 73  ASP A CA  1 
ATOM 594  C C   . ASP A 1 73  ? 3.780   -5.357  23.918  1.00 16.26 ? 73  ASP A C   1 
ATOM 595  O O   . ASP A 1 73  ? 4.551   -4.754  24.675  1.00 17.76 ? 73  ASP A O   1 
ATOM 596  C CB  . ASP A 1 73  ? 5.479   -5.486  22.105  1.00 13.35 ? 73  ASP A CB  1 
ATOM 597  C CG  . ASP A 1 73  ? 5.026   -4.172  21.551  1.00 17.04 ? 73  ASP A CG  1 
ATOM 598  O OD1 . ASP A 1 73  ? 3.816   -4.077  21.249  1.00 15.74 ? 73  ASP A OD1 1 
ATOM 599  O OD2 . ASP A 1 73  ? 5.847   -3.237  21.437  1.00 18.47 ? 73  ASP A OD2 1 
ATOM 600  N N   . GLY A 1 74  ? 2.460   -5.255  24.024  1.00 16.00 ? 74  GLY A N   1 
ATOM 601  C CA  . GLY A 1 74  ? 1.853   -4.457  25.074  1.00 13.85 ? 74  GLY A CA  1 
ATOM 602  C C   . GLY A 1 74  ? 2.102   -2.964  25.002  1.00 16.56 ? 74  GLY A C   1 
ATOM 603  O O   . GLY A 1 74  ? 1.720   -2.229  25.910  1.00 20.07 ? 74  GLY A O   1 
ATOM 604  N N   . LYS A 1 75  ? 2.719   -2.486  23.929  1.00 20.25 ? 75  LYS A N   1 
ATOM 605  C CA  . LYS A 1 75  ? 2.981   -1.061  23.747  1.00 15.99 ? 75  LYS A CA  1 
ATOM 606  C C   . LYS A 1 75  ? 2.425   -0.598  22.406  1.00 16.21 ? 75  LYS A C   1 
ATOM 607  O O   . LYS A 1 75  ? 3.179   -0.299  21.475  1.00 16.74 ? 75  LYS A O   1 
ATOM 608  C CB  . LYS A 1 75  ? 4.476   -0.772  23.855  1.00 20.59 ? 75  LYS A CB  1 
ATOM 609  C CG  . LYS A 1 75  ? 5.042   -1.032  25.240  1.00 23.66 ? 75  LYS A CG  1 
ATOM 610  C CD  . LYS A 1 75  ? 6.333   -0.270  25.471  1.00 24.29 ? 75  LYS A CD  1 
ATOM 611  C CE  . LYS A 1 75  ? 7.548   -1.115  25.124  1.00 29.07 ? 75  LYS A CE  1 
ATOM 612  N NZ  . LYS A 1 75  ? 7.585   -1.505  23.684  1.00 32.75 ? 75  LYS A NZ  1 
ATOM 613  N N   . PRO A 1 76  ? 1.105   -0.496  22.287  1.00 18.24 ? 76  PRO A N   1 
ATOM 614  C CA  . PRO A 1 76  ? 0.498   0.012   21.048  1.00 15.23 ? 76  PRO A CA  1 
ATOM 615  C C   . PRO A 1 76  ? 1.064   1.362   20.629  1.00 15.41 ? 76  PRO A C   1 
ATOM 616  O O   . PRO A 1 76  ? 1.159   2.290   21.432  1.00 19.66 ? 76  PRO A O   1 
ATOM 617  C CB  . PRO A 1 76  ? -0.990  0.123   21.412  1.00 17.88 ? 76  PRO A CB  1 
ATOM 618  C CG  . PRO A 1 76  ? -1.181  -0.866  22.543  1.00 14.84 ? 76  PRO A CG  1 
ATOM 619  C CD  . PRO A 1 76  ? 0.098   -0.790  23.323  1.00 17.92 ? 76  PRO A CD  1 
ATOM 620  N N   . LEU A 1 77  ? 1.422   1.471   19.348  1.00 16.80 ? 77  LEU A N   1 
ATOM 621  C CA  . LEU A 1 77  ? 2.024   2.676   18.786  1.00 15.69 ? 77  LEU A CA  1 
ATOM 622  C C   . LEU A 1 77  ? 1.016   3.627   18.153  1.00 16.85 ? 77  LEU A C   1 
ATOM 623  O O   . LEU A 1 77  ? 1.293   4.830   18.052  1.00 13.05 ? 77  LEU A O   1 
ATOM 624  C CB  . LEU A 1 77  ? 3.063   2.306   17.719  1.00 18.79 ? 77  LEU A CB  1 
ATOM 625  C CG  . LEU A 1 77  ? 4.356   1.650   18.198  1.00 14.88 ? 77  LEU A CG  1 
ATOM 626  C CD1 . LEU A 1 77  ? 5.387   1.647   17.103  1.00 12.96 ? 77  LEU A CD1 1 
ATOM 627  C CD2 . LEU A 1 77  ? 4.896   2.339   19.440  1.00 16.87 ? 77  LEU A CD2 1 
ATOM 628  N N   . LEU A 1 78  ? -0.128  3.111   17.692  1.00 17.41 ? 78  LEU A N   1 
ATOM 629  C CA  . LEU A 1 78  ? -1.103  3.911   16.945  1.00 16.89 ? 78  LEU A CA  1 
ATOM 630  C C   . LEU A 1 78  ? -2.049  4.613   17.925  1.00 18.78 ? 78  LEU A C   1 
ATOM 631  O O   . LEU A 1 78  ? -3.232  4.300   18.061  1.00 20.27 ? 78  LEU A O   1 
ATOM 632  C CB  . LEU A 1 78  ? -1.854  3.038   15.944  1.00 13.75 ? 78  LEU A CB  1 
ATOM 633  C CG  . LEU A 1 78  ? -0.948  2.227   15.002  1.00 17.15 ? 78  LEU A CG  1 
ATOM 634  C CD1 . LEU A 1 78  ? -1.748  1.462   13.994  1.00 13.61 ? 78  LEU A CD1 1 
ATOM 635  C CD2 . LEU A 1 78  ? 0.024   3.135   14.290  1.00 16.44 ? 78  LEU A CD2 1 
ATOM 636  N N   . THR A 1 79  ? -1.503  5.608   18.609  1.00 16.74 ? 79  THR A N   1 
ATOM 637  C CA  . THR A 1 79  ? -2.264  6.324   19.618  1.00 19.64 ? 79  THR A CA  1 
ATOM 638  C C   . THR A 1 79  ? -2.578  7.758   19.220  1.00 20.36 ? 79  THR A C   1 
ATOM 639  O O   . THR A 1 79  ? -3.378  8.408   19.898  1.00 19.40 ? 79  THR A O   1 
ATOM 640  C CB  . THR A 1 79  ? -1.507  6.309   20.954  1.00 16.45 ? 79  THR A CB  1 
ATOM 641  O OG1 . THR A 1 79  ? -0.133  6.642   20.721  1.00 14.93 ? 79  THR A OG1 1 
ATOM 642  C CG2 . THR A 1 79  ? -1.561  4.933   21.573  1.00 19.18 ? 79  THR A CG2 1 
ATOM 643  N N   . GLY A 1 80  ? -1.997  8.251   18.131  1.00 18.20 ? 80  GLY A N   1 
ATOM 644  C CA  . GLY A 1 80  ? -2.184  9.624   17.730  1.00 15.76 ? 80  GLY A CA  1 
ATOM 645  C C   . GLY A 1 80  ? -3.597  9.933   17.273  1.00 17.33 ? 80  GLY A C   1 
ATOM 646  O O   . GLY A 1 80  ? -4.431  9.065   17.019  1.00 20.99 ? 80  GLY A O   1 
ATOM 647  N N   . LYS A 1 81  ? -3.864  11.224  17.167  1.00 20.36 ? 81  LYS A N   1 
ATOM 648  C CA  . LYS A 1 81  ? -5.164  11.691  16.727  1.00 22.82 ? 81  LYS A CA  1 
ATOM 649  C C   . LYS A 1 81  ? -5.282  11.550  15.214  1.00 18.80 ? 81  LYS A C   1 
ATOM 650  O O   . LYS A 1 81  ? -4.294  11.662  14.483  1.00 21.50 ? 81  LYS A O   1 
ATOM 651  C CB  . LYS A 1 81  ? -5.365  13.153  17.146  1.00 16.90 ? 81  LYS A CB  1 
ATOM 652  C CG  . LYS A 1 81  ? -4.344  14.123  16.530  1.00 20.10 ? 81  LYS A CG  1 
ATOM 653  C CD  . LYS A 1 81  ? -4.516  15.552  17.036  1.00 22.35 ? 81  LYS A CD  1 
ATOM 654  C CE  . LYS A 1 81  ? -3.957  16.558  16.038  1.00 28.48 ? 81  LYS A CE  1 
ATOM 655  N NZ  . LYS A 1 81  ? -4.370  17.952  16.351  1.00 35.43 ? 81  LYS A NZ  1 
ATOM 656  N N   . ARG A 1 82  ? -6.501  11.288  14.749  1.00 15.23 ? 82  ARG A N   1 
ATOM 657  C CA  . ARG A 1 82  ? -6.789  11.375  13.322  1.00 20.58 ? 82  ARG A CA  1 
ATOM 658  C C   . ARG A 1 82  ? -7.110  12.818  12.919  1.00 19.28 ? 82  ARG A C   1 
ATOM 659  O O   . ARG A 1 82  ? -7.377  13.693  13.741  1.00 19.14 ? 82  ARG A O   1 
ATOM 660  C CB  . ARG A 1 82  ? -7.943  10.452  12.939  1.00 18.08 ? 82  ARG A CB  1 
ATOM 661  C CG  . ARG A 1 82  ? -7.600  8.956   12.949  1.00 21.17 ? 82  ARG A CG  1 
ATOM 662  C CD  . ARG A 1 82  ? -8.791  8.166   12.409  1.00 31.09 ? 82  ARG A CD  1 
ATOM 663  N NE  . ARG A 1 82  ? -8.773  6.747   12.751  1.00 36.35 ? 82  ARG A NE  1 
ATOM 664  C CZ  . ARG A 1 82  ? -9.844  5.954   12.677  1.00 47.76 ? 82  ARG A CZ  1 
ATOM 665  N NH1 . ARG A 1 82  ? -11.018 6.455   12.289  1.00 42.00 ? 82  ARG A NH1 1 
ATOM 666  N NH2 . ARG A 1 82  ? -9.749  4.661   12.991  1.00 37.22 ? 82  ARG A NH2 1 
ATOM 667  N N   . SER A 1 83  ? -7.084  13.068  11.618  1.00 19.98 ? 83  SER A N   1 
ATOM 668  C CA  . SER A 1 83  ? -7.224  14.421  11.108  1.00 15.97 ? 83  SER A CA  1 
ATOM 669  C C   . SER A 1 83  ? -8.273  14.429  10.009  1.00 18.25 ? 83  SER A C   1 
ATOM 670  O O   . SER A 1 83  ? -8.112  13.714  9.007   1.00 17.74 ? 83  SER A O   1 
ATOM 671  C CB  . SER A 1 83  ? -5.888  14.935  10.585  1.00 14.69 ? 83  SER A CB  1 
ATOM 672  O OG  . SER A 1 83  ? -6.108  15.940  9.620   1.00 21.17 ? 83  SER A OG  1 
ATOM 673  N N   . PRO A 1 84  ? -9.332  15.240  10.130  1.00 22.48 ? 84  PRO A N   1 
ATOM 674  C CA  . PRO A 1 84  ? -10.335 15.288  9.050   1.00 20.67 ? 84  PRO A CA  1 
ATOM 675  C C   . PRO A 1 84  ? -9.756  15.733  7.717   1.00 19.28 ? 84  PRO A C   1 
ATOM 676  O O   . PRO A 1 84  ? -10.159 15.220  6.669   1.00 19.62 ? 84  PRO A O   1 
ATOM 677  C CB  . PRO A 1 84  ? -11.377 16.289  9.582   1.00 22.01 ? 84  PRO A CB  1 
ATOM 678  C CG  . PRO A 1 84  ? -11.074 16.436  11.064  1.00 21.72 ? 84  PRO A CG  1 
ATOM 679  C CD  . PRO A 1 84  ? -9.620  16.206  11.208  1.00 14.57 ? 84  PRO A CD  1 
ATOM 680  N N   . ALA A 1 85  ? -8.808  16.673  7.726   1.00 18.29 ? 85  ALA A N   1 
ATOM 681  C CA  . ALA A 1 85  ? -8.205  17.109  6.473   1.00 16.55 ? 85  ALA A CA  1 
ATOM 682  C C   . ALA A 1 85  ? -7.471  15.968  5.775   1.00 19.03 ? 85  ALA A C   1 
ATOM 683  O O   . ALA A 1 85  ? -7.425  15.925  4.545   1.00 19.77 ? 85  ALA A O   1 
ATOM 684  C CB  . ALA A 1 85  ? -7.256  18.277  6.731   1.00 12.40 ? 85  ALA A CB  1 
ATOM 685  N N   . ILE A 1 86  ? -6.908  15.031  6.536   1.00 16.30 ? 86  ILE A N   1 
ATOM 686  C CA  . ILE A 1 86  ? -6.198  13.926  5.911   1.00 17.31 ? 86  ILE A CA  1 
ATOM 687  C C   . ILE A 1 86  ? -7.187  12.936  5.313   1.00 17.24 ? 86  ILE A C   1 
ATOM 688  O O   . ILE A 1 86  ? -6.960  12.406  4.216   1.00 13.07 ? 86  ILE A O   1 
ATOM 689  C CB  . ILE A 1 86  ? -5.242  13.261  6.926   1.00 18.26 ? 86  ILE A CB  1 
ATOM 690  C CG1 . ILE A 1 86  ? -4.016  14.150  7.155   1.00 14.29 ? 86  ILE A CG1 1 
ATOM 691  C CG2 . ILE A 1 86  ? -4.807  11.903  6.445   1.00 13.60 ? 86  ILE A CG2 1 
ATOM 692  C CD1 . ILE A 1 86  ? -3.288  14.488  5.887   1.00 13.58 ? 86  ILE A CD1 1 
ATOM 693  N N   . GLU A 1 87  ? -8.320  12.700  5.992   1.00 21.83 ? 87  GLU A N   1 
ATOM 694  C CA  . GLU A 1 87  ? -9.276  11.736  5.454   1.00 21.03 ? 87  GLU A CA  1 
ATOM 695  C C   . GLU A 1 87  ? -9.980  12.274  4.211   1.00 20.61 ? 87  GLU A C   1 
ATOM 696  O O   . GLU A 1 87  ? -10.248 11.510  3.271   1.00 14.96 ? 87  GLU A O   1 
ATOM 697  C CB  . GLU A 1 87  ? -10.301 11.316  6.502   1.00 19.13 ? 87  GLU A CB  1 
ATOM 698  C CG  . GLU A 1 87  ? -11.084 10.038  6.065   1.00 33.54 ? 87  GLU A CG  1 
ATOM 699  C CD  . GLU A 1 87  ? -10.277 9.061   5.124   1.00 43.47 ? 87  GLU A CD  1 
ATOM 700  O OE1 . GLU A 1 87  ? -9.317  8.399   5.606   1.00 36.01 ? 87  GLU A OE1 1 
ATOM 701  O OE2 . GLU A 1 87  ? -10.620 8.935   3.906   1.00 27.39 ? 87  GLU A OE2 1 
ATOM 702  N N   . GLU A 1 88  ? -10.293 13.578  4.186   1.00 15.63 ? 88  GLU A N   1 
ATOM 703  C CA  . GLU A 1 88  ? -10.838 14.173  2.966   1.00 17.45 ? 88  GLU A CA  1 
ATOM 704  C C   . GLU A 1 88  ? -9.815  14.135  1.838   1.00 16.83 ? 88  GLU A C   1 
ATOM 705  O O   . GLU A 1 88  ? -10.160 13.845  0.691   1.00 21.85 ? 88  GLU A O   1 
ATOM 706  C CB  . GLU A 1 88  ? -11.294 15.609  3.214   1.00 18.98 ? 88  GLU A CB  1 
ATOM 707  C CG  . GLU A 1 88  ? -12.525 16.018  2.366   1.00 42.13 ? 88  GLU A CG  1 
ATOM 708  C CD  . GLU A 1 88  ? -12.264 16.082  0.836   1.00 47.86 ? 88  GLU A CD  1 
ATOM 709  O OE1 . GLU A 1 88  ? -11.586 17.028  0.357   1.00 41.58 ? 88  GLU A OE1 1 
ATOM 710  O OE2 . GLU A 1 88  ? -12.749 15.184  0.107   1.00 37.54 ? 88  GLU A OE2 1 
ATOM 711  N N   . TRP A 1 89  ? -8.549  14.420  2.143   1.00 14.82 ? 89  TRP A N   1 
ATOM 712  C CA  . TRP A 1 89  ? -7.506  14.322  1.129   1.00 12.40 ? 89  TRP A CA  1 
ATOM 713  C C   . TRP A 1 89  ? -7.396  12.903  0.575   1.00 13.25 ? 89  TRP A C   1 
ATOM 714  O O   . TRP A 1 89  ? -7.278  12.719  -0.640  1.00 11.50 ? 89  TRP A O   1 
ATOM 715  C CB  . TRP A 1 89  ? -6.160  14.783  1.691   1.00 10.25 ? 89  TRP A CB  1 
ATOM 716  C CG  . TRP A 1 89  ? -5.145  14.921  0.605   1.00 11.73 ? 89  TRP A CG  1 
ATOM 717  C CD1 . TRP A 1 89  ? -4.868  16.047  -0.123  1.00 10.76 ? 89  TRP A CD1 1 
ATOM 718  C CD2 . TRP A 1 89  ? -4.297  13.888  0.082   1.00 12.14 ? 89  TRP A CD2 1 
ATOM 719  N NE1 . TRP A 1 89  ? -3.889  15.783  -1.055  1.00 11.94 ? 89  TRP A NE1 1 
ATOM 720  C CE2 . TRP A 1 89  ? -3.522  14.465  -0.949  1.00 10.84 ? 89  TRP A CE2 1 
ATOM 721  C CE3 . TRP A 1 89  ? -4.106  12.535  0.397   1.00 9.96  ? 89  TRP A CE3 1 
ATOM 722  C CZ2 . TRP A 1 89  ? -2.581  13.739  -1.666  1.00 10.91 ? 89  TRP A CZ2 1 
ATOM 723  C CZ3 . TRP A 1 89  ? -3.173  11.820  -0.304  1.00 8.60  ? 89  TRP A CZ3 1 
ATOM 724  C CH2 . TRP A 1 89  ? -2.419  12.418  -1.328  1.00 13.15 ? 89  TRP A CH2 1 
ATOM 725  N N   . LEU A 1 90  ? -7.433  11.887  1.448   1.00 15.50 ? 90  LEU A N   1 
ATOM 726  C CA  . LEU A 1 90  ? -7.450  10.503  0.974   1.00 11.12 ? 90  LEU A CA  1 
ATOM 727  C C   . LEU A 1 90  ? -8.727  10.193  0.189   1.00 12.12 ? 90  LEU A C   1 
ATOM 728  O O   . LEU A 1 90  ? -8.678  9.533   -0.853  1.00 13.57 ? 90  LEU A O   1 
ATOM 729  C CB  . LEU A 1 90  ? -7.318  9.548   2.148   1.00 12.08 ? 90  LEU A CB  1 
ATOM 730  C CG  . LEU A 1 90  ? -6.013  9.438   2.928   1.00 16.16 ? 90  LEU A CG  1 
ATOM 731  C CD1 . LEU A 1 90  ? -6.218  8.508   4.109   1.00 12.30 ? 90  LEU A CD1 1 
ATOM 732  C CD2 . LEU A 1 90  ? -4.882  8.921   2.034   1.00 16.21 ? 90  LEU A CD2 1 
ATOM 733  N N   . ARG A 1 91  ? -9.879  10.666  0.665   1.00 13.75 ? 91  ARG A N   1 
ATOM 734  C CA  . ARG A 1 91  ? -11.132 10.382  -0.024  1.00 14.88 ? 91  ARG A CA  1 
ATOM 735  C C   . ARG A 1 91  ? -11.090 10.868  -1.465  1.00 17.62 ? 91  ARG A C   1 
ATOM 736  O O   . ARG A 1 91  ? -11.583 10.186  -2.373  1.00 16.01 ? 91  ARG A O   1 
ATOM 737  C CB  . ARG A 1 91  ? -12.302 11.016  0.724   1.00 20.26 ? 91  ARG A CB  1 
ATOM 738  C CG  . ARG A 1 91  ? -13.672 10.550  0.252   1.00 22.49 ? 91  ARG A CG  1 
ATOM 739  C CD  . ARG A 1 91  ? -14.801 11.177  1.062   1.00 16.61 ? 91  ARG A CD  1 
ATOM 740  N NE  . ARG A 1 91  ? -15.503 12.196  0.294   1.00 34.27 ? 91  ARG A NE  1 
ATOM 741  C CZ  . ARG A 1 91  ? -15.605 13.474  0.659   1.00 46.98 ? 91  ARG A CZ  1 
ATOM 742  N NH1 . ARG A 1 91  ? -15.057 13.901  1.798   1.00 45.51 ? 91  ARG A NH1 1 
ATOM 743  N NH2 . ARG A 1 91  ? -16.259 14.330  -0.120  1.00 37.42 ? 91  ARG A NH2 1 
ATOM 744  N N   . LYS A 1 92  ? -10.463 12.021  -1.704  1.00 14.31 ? 92  LYS A N   1 
ATOM 745  C CA  . LYS A 1 92  ? -10.436 12.575  -3.054  1.00 13.76 ? 92  LYS A CA  1 
ATOM 746  C C   . LYS A 1 92  ? -9.474  11.812  -3.958  1.00 14.09 ? 92  LYS A C   1 
ATOM 747  O O   . LYS A 1 92  ? -9.822  11.458  -5.088  1.00 16.25 ? 92  LYS A O   1 
ATOM 748  C CB  . LYS A 1 92  ? -10.047 14.048  -3.007  1.00 12.71 ? 92  LYS A CB  1 
ATOM 749  C CG  . LYS A 1 92  ? -9.783  14.625  -4.364  1.00 10.70 ? 92  LYS A CG  1 
ATOM 750  C CD  . LYS A 1 92  ? -9.100  15.972  -4.257  1.00 11.70 ? 92  LYS A CD  1 
ATOM 751  C CE  . LYS A 1 92  ? -9.136  16.713  -5.586  1.00 9.99  ? 92  LYS A CE  1 
ATOM 752  N NZ  . LYS A 1 92  ? -8.135  17.791  -5.557  1.00 8.71  ? 92  LYS A NZ  1 
ATOM 753  N N   . VAL A 1 93  ? -8.254  11.575  -3.482  1.00 10.34 ? 93  VAL A N   1 
ATOM 754  C CA  . VAL A 1 93  ? -7.194  11.040  -4.320  1.00 10.43 ? 93  VAL A CA  1 
ATOM 755  C C   . VAL A 1 93  ? -7.432  9.569   -4.601  1.00 11.93 ? 93  VAL A C   1 
ATOM 756  O O   . VAL A 1 93  ? -7.033  9.055   -5.658  1.00 15.58 ? 93  VAL A O   1 
ATOM 757  C CB  . VAL A 1 93  ? -5.830  11.286  -3.637  1.00 11.46 ? 93  VAL A CB  1 
ATOM 758  C CG1 . VAL A 1 93  ? -4.681  10.602  -4.394  1.00 12.88 ? 93  VAL A CG1 1 
ATOM 759  C CG2 . VAL A 1 93  ? -5.578  12.755  -3.502  1.00 9.23  ? 93  VAL A CG2 1 
ATOM 760  N N   . ASN A 1 94  ? -8.088  8.871   -3.677  1.00 11.04 ? 94  ASN A N   1 
ATOM 761  C CA  . ASN A 1 94  ? -8.468  7.485   -3.905  1.00 14.73 ? 94  ASN A CA  1 
ATOM 762  C C   . ASN A 1 94  ? -9.477  7.341   -5.036  1.00 16.92 ? 94  ASN A C   1 
ATOM 763  O O   . ASN A 1 94  ? -9.578  6.254   -5.627  1.00 9.89  ? 94  ASN A O   1 
ATOM 764  C CB  . ASN A 1 94  ? -8.996  6.884   -2.610  1.00 11.80 ? 94  ASN A CB  1 
ATOM 765  C CG  . ASN A 1 94  ? -7.873  6.495   -1.688  1.00 16.59 ? 94  ASN A CG  1 
ATOM 766  O OD1 . ASN A 1 94  ? -6.767  6.210   -2.150  1.00 19.33 ? 94  ASN A OD1 1 
ATOM 767  N ND2 . ASN A 1 94  ? -8.126  6.504   -0.389  1.00 13.13 ? 94  ASN A ND2 1 
ATOM 768  N N   . GLY A 1 95  ? -10.183 8.422   -5.380  1.00 13.69 ? 95  GLY A N   1 
ATOM 769  C CA  . GLY A 1 95  ? -11.104 8.376   -6.504  1.00 12.63 ? 95  GLY A CA  1 
ATOM 770  C C   . GLY A 1 95  ? -10.440 8.288   -7.860  1.00 14.36 ? 95  GLY A C   1 
ATOM 771  O O   . GLY A 1 95  ? -11.139 8.058   -8.852  1.00 23.68 ? 95  GLY A O   1 
ATOM 772  N N   . TYR A 1 96  ? -9.126  8.470   -7.944  1.00 11.61 ? 96  TYR A N   1 
ATOM 773  C CA  . TYR A 1 96  ? -8.507  8.449   -9.262  1.00 13.09 ? 96  TYR A CA  1 
ATOM 774  C C   . TYR A 1 96  ? -7.103  7.872   -9.253  1.00 11.24 ? 96  TYR A C   1 
ATOM 775  O O   . TYR A 1 96  ? -6.541  7.626   -10.325 1.00 11.92 ? 96  TYR A O   1 
ATOM 776  C CB  . TYR A 1 96  ? -8.470  9.858   -9.866  1.00 12.65 ? 96  TYR A CB  1 
ATOM 777  C CG  . TYR A 1 96  ? -7.445  10.806  -9.273  1.00 11.33 ? 96  TYR A CG  1 
ATOM 778  C CD1 . TYR A 1 96  ? -6.141  10.871  -9.779  1.00 13.56 ? 96  TYR A CD1 1 
ATOM 779  C CD2 . TYR A 1 96  ? -7.779  11.642  -8.220  1.00 11.62 ? 96  TYR A CD2 1 
ATOM 780  C CE1 . TYR A 1 96  ? -5.201  11.739  -9.248  1.00 10.62 ? 96  TYR A CE1 1 
ATOM 781  C CE2 . TYR A 1 96  ? -6.850  12.525  -7.690  1.00 14.79 ? 96  TYR A CE2 1 
ATOM 782  C CZ  . TYR A 1 96  ? -5.563  12.571  -8.205  1.00 12.43 ? 96  TYR A CZ  1 
ATOM 783  O OH  . TYR A 1 96  ? -4.648  13.449  -7.664  1.00 10.77 ? 96  TYR A OH  1 
ATOM 784  N N   . ALA A 1 97  ? -6.526  7.693   -8.061  1.00 11.47 ? 97  ALA A N   1 
ATOM 785  C CA  . ALA A 1 97  ? -5.184  7.119   -7.944  1.00 14.92 ? 97  ALA A CA  1 
ATOM 786  C C   . ALA A 1 97  ? -5.065  5.816   -8.721  1.00 12.14 ? 97  ALA A C   1 
ATOM 787  O O   . ALA A 1 97  ? -4.072  5.575   -9.413  1.00 15.71 ? 97  ALA A O   1 
ATOM 788  C CB  . ALA A 1 97  ? -4.831  6.887   -6.466  1.00 10.20 ? 97  ALA A CB  1 
ATOM 789  N N   . ASN A 1 98  ? -6.085  4.973   -8.639  1.00 12.10 ? 98  ASN A N   1 
ATOM 790  C CA  . ASN A 1 98  ? -6.032  3.698   -9.325  1.00 11.62 ? 98  ASN A CA  1 
ATOM 791  C C   . ASN A 1 98  ? -5.947  3.844   -10.837 1.00 13.44 ? 98  ASN A C   1 
ATOM 792  O O   . ASN A 1 98  ? -5.506  2.899   -11.503 1.00 14.33 ? 98  ASN A O   1 
ATOM 793  C CB  . ASN A 1 98  ? -7.242  2.865   -8.939  1.00 13.47 ? 98  ASN A CB  1 
ATOM 794  C CG  . ASN A 1 98  ? -6.943  1.915   -7.810  1.00 19.63 ? 98  ASN A CG  1 
ATOM 795  O OD1 . ASN A 1 98  ? -5.829  1.893   -7.279  1.00 11.91 ? 98  ASN A OD1 1 
ATOM 796  N ND2 . ASN A 1 98  ? -7.928  1.114   -7.442  1.00 24.34 ? 98  ASN A ND2 1 
ATOM 797  N N   . LYS A 1 99  ? -6.349  4.992   -11.400 1.00 10.33 ? 99  LYS A N   1 
ATOM 798  C CA  . LYS A 1 99  ? -6.163  5.193   -12.835 1.00 12.90 ? 99  LYS A CA  1 
ATOM 799  C C   . LYS A 1 99  ? -4.684  5.304   -13.187 1.00 12.16 ? 99  LYS A C   1 
ATOM 800  O O   . LYS A 1 99  ? -4.294  4.992   -14.317 1.00 13.52 ? 99  LYS A O   1 
ATOM 801  C CB  . LYS A 1 99  ? -6.911  6.441   -13.322 1.00 15.72 ? 99  LYS A CB  1 
ATOM 802  C CG  . LYS A 1 99  ? -8.426  6.382   -13.259 1.00 13.11 ? 99  LYS A CG  1 
ATOM 803  C CD  . LYS A 1 99  ? -9.028  7.531   -14.052 1.00 16.82 ? 99  LYS A CD  1 
ATOM 804  C CE  . LYS A 1 99  ? -10.532 7.707   -13.767 1.00 21.39 ? 99  LYS A CE  1 
ATOM 805  N NZ  . LYS A 1 99  ? -10.789 8.799   -12.756 1.00 36.95 ? 99  LYS A NZ  1 
ATOM 806  N N   . LEU A 1 100 ? -3.852  5.744   -12.239 1.00 9.12  ? 100 LEU A N   1 
ATOM 807  C CA  . LEU A 1 100 ? -2.404  5.761   -12.427 1.00 11.41 ? 100 LEU A CA  1 
ATOM 808  C C   . LEU A 1 100 ? -1.745  4.441   -12.034 1.00 14.73 ? 100 LEU A C   1 
ATOM 809  O O   . LEU A 1 100 ? -0.812  3.994   -12.708 1.00 16.18 ? 100 LEU A O   1 
ATOM 810  C CB  . LEU A 1 100 ? -1.765  6.885   -11.605 1.00 12.96 ? 100 LEU A CB  1 
ATOM 811  C CG  . LEU A 1 100 ? -1.890  8.322   -12.118 1.00 16.09 ? 100 LEU A CG  1 
ATOM 812  C CD1 . LEU A 1 100 ? -1.535  9.291   -10.996 1.00 10.30 ? 100 LEU A CD1 1 
ATOM 813  C CD2 . LEU A 1 100 ? -1.004  8.547   -13.357 1.00 10.63 ? 100 LEU A CD2 1 
ATOM 814  N N   . LEU A 1 101 ? -2.205  3.811   -10.952 1.00 10.70 ? 101 LEU A N   1 
ATOM 815  C CA  . LEU A 1 101 ? -1.477  2.687   -10.371 1.00 12.34 ? 101 LEU A CA  1 
ATOM 816  C C   . LEU A 1 101 ? -1.797  1.345   -11.046 1.00 12.29 ? 101 LEU A C   1 
ATOM 817  O O   . LEU A 1 101 ? -0.884  0.575   -11.362 1.00 11.37 ? 101 LEU A O   1 
ATOM 818  C CB  . LEU A 1 101 ? -1.774  2.608   -8.876  1.00 10.00 ? 101 LEU A CB  1 
ATOM 819  C CG  . LEU A 1 101 ? -1.256  3.746   -7.996  1.00 12.39 ? 101 LEU A CG  1 
ATOM 820  C CD1 . LEU A 1 101 ? -1.765  3.531   -6.558  1.00 11.88 ? 101 LEU A CD1 1 
ATOM 821  C CD2 . LEU A 1 101 ? 0.269   3.849   -8.034  1.00 8.73  ? 101 LEU A CD2 1 
ATOM 822  N N   . LEU A 1 102 ? -3.078  1.024   -11.233 1.00 12.41 ? 102 LEU A N   1 
ATOM 823  C CA  . LEU A 1 102 ? -3.430  -0.296  -11.758 1.00 13.78 ? 102 LEU A CA  1 
ATOM 824  C C   . LEU A 1 102 ? -2.730  -0.596  -13.073 1.00 14.49 ? 102 LEU A C   1 
ATOM 825  O O   . LEU A 1 102 ? -2.037  -1.624  -13.148 1.00 14.13 ? 102 LEU A O   1 
ATOM 826  C CB  . LEU A 1 102 ? -4.950  -0.445  -11.900 1.00 12.51 ? 102 LEU A CB  1 
ATOM 827  C CG  . LEU A 1 102 ? -5.812  -0.372  -10.641 1.00 14.38 ? 102 LEU A CG  1 
ATOM 828  C CD1 . LEU A 1 102 ? -7.301  -0.439  -11.000 1.00 13.79 ? 102 LEU A CD1 1 
ATOM 829  C CD2 . LEU A 1 102 ? -5.435  -1.478  -9.651  1.00 12.50 ? 102 LEU A CD2 1 
ATOM 830  N N   . PRO A 1 103 ? -2.817  0.237   -14.119 1.00 14.62 ? 103 PRO A N   1 
ATOM 831  C CA  . PRO A 1 103 ? -2.101  -0.112  -15.360 1.00 12.42 ? 103 PRO A CA  1 
ATOM 832  C C   . PRO A 1 103 ? -0.601  -0.213  -15.178 1.00 11.83 ? 103 PRO A C   1 
ATOM 833  O O   . PRO A 1 103 ? 0.062   -0.891  -15.975 1.00 15.96 ? 103 PRO A O   1 
ATOM 834  C CB  . PRO A 1 103 ? -2.487  1.003   -16.342 1.00 11.48 ? 103 PRO A CB  1 
ATOM 835  C CG  . PRO A 1 103 ? -3.074  2.097   -15.520 1.00 13.20 ? 103 PRO A CG  1 
ATOM 836  C CD  . PRO A 1 103 ? -3.610  1.474   -14.263 1.00 15.07 ? 103 PRO A CD  1 
ATOM 837  N N   . ARG A 1 104 ? -0.046  0.394   -14.133 1.00 11.89 ? 104 ARG A N   1 
ATOM 838  C CA  . ARG A 1 104 ? 1.384   0.267   -13.908 1.00 11.96 ? 104 ARG A CA  1 
ATOM 839  C C   . ARG A 1 104 ? 1.730   -0.988  -13.106 1.00 10.28 ? 104 ARG A C   1 
ATOM 840  O O   . ARG A 1 104 ? 2.738   -1.636  -13.394 1.00 9.97  ? 104 ARG A O   1 
ATOM 841  C CB  . ARG A 1 104 ? 1.908   1.527   -13.223 1.00 12.44 ? 104 ARG A CB  1 
ATOM 842  C CG  . ARG A 1 104 ? 2.028   2.694   -14.157 1.00 10.46 ? 104 ARG A CG  1 
ATOM 843  C CD  . ARG A 1 104 ? 2.381   3.986   -13.434 1.00 10.03 ? 104 ARG A CD  1 
ATOM 844  N NE  . ARG A 1 104 ? 2.612   5.082   -14.379 1.00 12.28 ? 104 ARG A NE  1 
ATOM 845  C CZ  . ARG A 1 104 ? 1.638   5.765   -14.991 1.00 13.63 ? 104 ARG A CZ  1 
ATOM 846  N NH1 . ARG A 1 104 ? 1.939   6.749   -15.818 1.00 8.73  ? 104 ARG A NH1 1 
ATOM 847  N NH2 . ARG A 1 104 ? 0.357   5.478   -14.763 1.00 11.84 ? 104 ARG A NH2 1 
ATOM 848  N N   . PHE A 1 105 ? 0.912   -1.340  -12.107 1.00 10.70 ? 105 PHE A N   1 
ATOM 849  C CA  . PHE A 1 105 ? 1.023   -2.641  -11.447 1.00 10.48 ? 105 PHE A CA  1 
ATOM 850  C C   . PHE A 1 105 ? 1.045   -3.773  -12.477 1.00 14.49 ? 105 PHE A C   1 
ATOM 851  O O   . PHE A 1 105 ? 1.923   -4.643  -12.453 1.00 12.62 ? 105 PHE A O   1 
ATOM 852  C CB  . PHE A 1 105 ? -0.157  -2.855  -10.482 1.00 10.29 ? 105 PHE A CB  1 
ATOM 853  C CG  . PHE A 1 105 ? -0.172  -1.951  -9.261  1.00 10.00 ? 105 PHE A CG  1 
ATOM 854  C CD1 . PHE A 1 105 ? 0.983   -1.362  -8.768  1.00 12.53 ? 105 PHE A CD1 1 
ATOM 855  C CD2 . PHE A 1 105 ? -1.356  -1.740  -8.576  1.00 10.56 ? 105 PHE A CD2 1 
ATOM 856  C CE1 . PHE A 1 105 ? 0.946   -0.549  -7.635  1.00 11.83 ? 105 PHE A CE1 1 
ATOM 857  C CE2 . PHE A 1 105 ? -1.399  -0.938  -7.459  1.00 13.35 ? 105 PHE A CE2 1 
ATOM 858  C CZ  . PHE A 1 105 ? -0.237  -0.335  -6.987  1.00 11.40 ? 105 PHE A CZ  1 
ATOM 859  N N   . ALA A 1 106 ? 0.073   -3.764  -13.399 1.00 10.75 ? 106 ALA A N   1 
ATOM 860  C CA  . ALA A 1 106 ? -0.069  -4.818  -14.392 1.00 11.11 ? 106 ALA A CA  1 
ATOM 861  C C   . ALA A 1 106 ? 1.208   -5.036  -15.195 1.00 13.73 ? 106 ALA A C   1 
ATOM 862  O O   . ALA A 1 106 ? 1.444   -6.142  -15.703 1.00 11.13 ? 106 ALA A O   1 
ATOM 863  C CB  . ALA A 1 106 ? -1.227  -4.476  -15.325 1.00 10.45 ? 106 ALA A CB  1 
ATOM 864  N N   . LYS A 1 107 ? 2.054   -4.012  -15.288 1.00 11.90 ? 107 LYS A N   1 
ATOM 865  C CA  . LYS A 1 107 ? 3.244   -4.043  -16.122 1.00 13.43 ? 107 LYS A CA  1 
ATOM 866  C C   . LYS A 1 107 ? 4.536   -4.260  -15.342 1.00 14.97 ? 107 LYS A C   1 
ATOM 867  O O   . LYS A 1 107 ? 5.594   -4.406  -15.960 1.00 15.77 ? 107 LYS A O   1 
ATOM 868  C CB  . LYS A 1 107 ? 3.336   -2.745  -16.931 1.00 11.53 ? 107 LYS A CB  1 
ATOM 869  C CG  . LYS A 1 107 ? 2.771   -2.903  -18.332 1.00 12.38 ? 107 LYS A CG  1 
ATOM 870  C CD  . LYS A 1 107 ? 2.578   -1.579  -19.013 1.00 26.00 ? 107 LYS A CD  1 
ATOM 871  C CE  . LYS A 1 107 ? 1.983   -1.783  -20.397 1.00 20.30 ? 107 LYS A CE  1 
ATOM 872  N NZ  . LYS A 1 107 ? 2.568   -2.973  -21.044 1.00 17.18 ? 107 LYS A NZ  1 
ATOM 873  N N   . SER A 1 108 ? 4.482   -4.319  -14.019 1.00 13.73 ? 108 SER A N   1 
ATOM 874  C CA  . SER A 1 108 ? 5.676   -4.190  -13.199 1.00 13.15 ? 108 SER A CA  1 
ATOM 875  C C   . SER A 1 108 ? 6.121   -5.538  -12.652 1.00 16.07 ? 108 SER A C   1 
ATOM 876  O O   . SER A 1 108 ? 5.377   -6.526  -12.659 1.00 14.86 ? 108 SER A O   1 
ATOM 877  C CB  . SER A 1 108 ? 5.442   -3.207  -12.046 1.00 13.52 ? 108 SER A CB  1 
ATOM 878  O OG  . SER A 1 108 ? 5.304   -1.872  -12.523 1.00 11.12 ? 108 SER A OG  1 
ATOM 879  N N   . ALA A 1 109 ? 7.365   -5.555  -12.172 1.00 17.95 ? 109 ALA A N   1 
ATOM 880  C CA  . ALA A 1 109 ? 8.039   -6.776  -11.717 1.00 20.72 ? 109 ALA A CA  1 
ATOM 881  C C   . ALA A 1 109 ? 7.725   -7.015  -10.246 1.00 16.65 ? 109 ALA A C   1 
ATOM 882  O O   . ALA A 1 109 ? 8.549   -6.802  -9.360  1.00 25.53 ? 109 ALA A O   1 
ATOM 883  C CB  . ALA A 1 109 ? 9.543   -6.669  -11.947 1.00 15.84 ? 109 ALA A CB  1 
ATOM 884  N N   . PHE A 1 110 ? 6.506   -7.473  -9.989  1.00 16.66 ? 110 PHE A N   1 
ATOM 885  C CA  . PHE A 1 110 ? 6.068   -7.906  -8.670  1.00 14.56 ? 110 PHE A CA  1 
ATOM 886  C C   . PHE A 1 110 ? 5.951   -9.428  -8.647  1.00 15.76 ? 110 PHE A C   1 
ATOM 887  O O   . PHE A 1 110 ? 5.394   -10.024 -9.576  1.00 14.38 ? 110 PHE A O   1 
ATOM 888  C CB  . PHE A 1 110 ? 4.717   -7.282  -8.313  1.00 13.28 ? 110 PHE A CB  1 
ATOM 889  C CG  . PHE A 1 110 ? 4.756   -5.780  -8.123  1.00 20.11 ? 110 PHE A CG  1 
ATOM 890  C CD1 . PHE A 1 110 ? 5.295   -5.223  -6.967  1.00 15.39 ? 110 PHE A CD1 1 
ATOM 891  C CD2 . PHE A 1 110 ? 4.219   -4.925  -9.085  1.00 15.64 ? 110 PHE A CD2 1 
ATOM 892  C CE1 . PHE A 1 110 ? 5.312   -3.845  -6.782  1.00 15.67 ? 110 PHE A CE1 1 
ATOM 893  C CE2 . PHE A 1 110 ? 4.236   -3.543  -8.900  1.00 17.19 ? 110 PHE A CE2 1 
ATOM 894  C CZ  . PHE A 1 110 ? 4.794   -3.004  -7.751  1.00 15.87 ? 110 PHE A CZ  1 
ATOM 895  N N   . ASP A 1 111 ? 6.459   -10.055 -7.576  1.00 15.58 ? 111 ASP A N   1 
ATOM 896  C CA  . ASP A 1 111 ? 6.456   -11.517 -7.485  1.00 11.61 ? 111 ASP A CA  1 
ATOM 897  C C   . ASP A 1 111 ? 5.069   -12.107 -7.703  1.00 13.02 ? 111 ASP A C   1 
ATOM 898  O O   . ASP A 1 111 ? 4.941   -13.170 -8.311  1.00 16.76 ? 111 ASP A O   1 
ATOM 899  C CB  . ASP A 1 111 ? 7.005   -11.991 -6.129  1.00 12.03 ? 111 ASP A CB  1 
ATOM 900  C CG  . ASP A 1 111 ? 8.521   -11.824 -6.004  1.00 15.29 ? 111 ASP A CG  1 
ATOM 901  O OD1 . ASP A 1 111 ? 9.179   -11.361 -6.959  1.00 17.44 ? 111 ASP A OD1 1 
ATOM 902  O OD2 . ASP A 1 111 ? 9.063   -12.161 -4.935  1.00 22.34 ? 111 ASP A OD2 1 
ATOM 903  N N   . GLU A 1 112 ? 4.011   -11.423 -7.256  1.00 16.88 ? 112 GLU A N   1 
ATOM 904  C CA  . GLU A 1 112 ? 2.673   -11.973 -7.439  1.00 14.30 ? 112 GLU A CA  1 
ATOM 905  C C   . GLU A 1 112 ? 2.248   -12.020 -8.908  1.00 12.83 ? 112 GLU A C   1 
ATOM 906  O O   . GLU A 1 112 ? 1.245   -12.667 -9.225  1.00 10.23 ? 112 GLU A O   1 
ATOM 907  C CB  . GLU A 1 112 ? 1.666   -11.165 -6.611  1.00 12.60 ? 112 GLU A CB  1 
ATOM 908  C CG  . GLU A 1 112 ? 1.443   -9.735  -7.074  1.00 10.95 ? 112 GLU A CG  1 
ATOM 909  C CD  . GLU A 1 112 ? 2.224   -8.726  -6.245  1.00 18.48 ? 112 GLU A CD  1 
ATOM 910  O OE1 . GLU A 1 112 ? 3.232   -9.140  -5.611  1.00 16.96 ? 112 GLU A OE1 1 
ATOM 911  O OE2 . GLU A 1 112 ? 1.834   -7.527  -6.244  1.00 14.94 ? 112 GLU A OE2 1 
ATOM 912  N N   . PHE A 1 113 ? 2.978   -11.350 -9.800  1.00 11.38 ? 113 PHE A N   1 
ATOM 913  C CA  . PHE A 1 113 ? 2.691   -11.350 -11.229 1.00 13.18 ? 113 PHE A CA  1 
ATOM 914  C C   . PHE A 1 113 ? 3.726   -12.142 -12.026 1.00 12.90 ? 113 PHE A C   1 
ATOM 915  O O   . PHE A 1 113 ? 3.846   -11.943 -13.235 1.00 13.83 ? 113 PHE A O   1 
ATOM 916  C CB  . PHE A 1 113 ? 2.620   -9.910  -11.776 1.00 11.91 ? 113 PHE A CB  1 
ATOM 917  C CG  . PHE A 1 113 ? 1.586   -9.021  -11.104 1.00 13.68 ? 113 PHE A CG  1 
ATOM 918  C CD1 . PHE A 1 113 ? 0.375   -9.533  -10.642 1.00 13.79 ? 113 PHE A CD1 1 
ATOM 919  C CD2 . PHE A 1 113 ? 1.833   -7.660  -10.936 1.00 13.71 ? 113 PHE A CD2 1 
ATOM 920  C CE1 . PHE A 1 113 ? -0.566  -8.691  -10.023 1.00 12.05 ? 113 PHE A CE1 1 
ATOM 921  C CE2 . PHE A 1 113 ? 0.907   -6.830  -10.321 1.00 9.42  ? 113 PHE A CE2 1 
ATOM 922  C CZ  . PHE A 1 113 ? -0.296  -7.353  -9.860  1.00 9.47  ? 113 PHE A CZ  1 
ATOM 923  N N   . SER A 1 114 ? 4.489   -13.031 -11.390 1.00 11.06 ? 114 SER A N   1 
ATOM 924  C CA  . SER A 1 114 ? 5.674   -13.560 -12.061 1.00 12.39 ? 114 SER A CA  1 
ATOM 925  C C   . SER A 1 114 ? 5.414   -14.791 -12.957 1.00 13.91 ? 114 SER A C   1 
ATOM 926  O O   . SER A 1 114 ? 6.364   -15.321 -13.527 1.00 13.96 ? 114 SER A O   1 
ATOM 927  C CB  . SER A 1 114 ? 6.770   -13.855 -11.024 1.00 12.41 ? 114 SER A CB  1 
ATOM 928  O OG  . SER A 1 114 ? 6.414   -14.929 -10.173 1.00 22.24 ? 114 SER A OG  1 
ATOM 929  N N   . THR A 1 115 ? 4.177   -15.242 -13.136 1.00 13.10 ? 115 THR A N   1 
ATOM 930  C CA  . THR A 1 115 ? 3.853   -16.110 -14.265 1.00 12.01 ? 115 THR A CA  1 
ATOM 931  C C   . THR A 1 115 ? 2.920   -15.388 -15.211 1.00 13.75 ? 115 THR A C   1 
ATOM 932  O O   . THR A 1 115 ? 2.198   -14.475 -14.800 1.00 15.62 ? 115 THR A O   1 
ATOM 933  C CB  . THR A 1 115 ? 3.161   -17.417 -13.861 1.00 11.44 ? 115 THR A CB  1 
ATOM 934  O OG1 . THR A 1 115 ? 1.846   -17.107 -13.376 1.00 17.41 ? 115 THR A OG1 1 
ATOM 935  C CG2 . THR A 1 115 ? 3.968   -18.197 -12.826 1.00 10.86 ? 115 THR A CG2 1 
ATOM 936  N N   . PRO A 1 116 ? 2.904   -15.768 -16.500 1.00 16.71 ? 116 PRO A N   1 
ATOM 937  C CA  . PRO A 1 116 ? 1.948   -15.134 -17.432 1.00 13.66 ? 116 PRO A CA  1 
ATOM 938  C C   . PRO A 1 116 ? 0.516   -15.199 -16.946 1.00 9.99  ? 116 PRO A C   1 
ATOM 939  O O   . PRO A 1 116 ? -0.201  -14.185 -16.987 1.00 10.38 ? 116 PRO A O   1 
ATOM 940  C CB  . PRO A 1 116 ? 2.150   -15.923 -18.738 1.00 7.87  ? 116 PRO A CB  1 
ATOM 941  C CG  . PRO A 1 116 ? 3.576   -16.328 -18.678 1.00 12.60 ? 116 PRO A CG  1 
ATOM 942  C CD  . PRO A 1 116 ? 3.892   -16.606 -17.207 1.00 10.04 ? 116 PRO A CD  1 
ATOM 943  N N   . ALA A 1 117 ? 0.097   -16.359 -16.435 1.00 10.86 ? 117 ALA A N   1 
ATOM 944  C CA  . ALA A 1 117 ? -1.289  -16.519 -16.007 1.00 15.79 ? 117 ALA A CA  1 
ATOM 945  C C   . ALA A 1 117 ? -1.596  -15.690 -14.766 1.00 12.86 ? 117 ALA A C   1 
ATOM 946  O O   . ALA A 1 117 ? -2.728  -15.231 -14.608 1.00 12.03 ? 117 ALA A O   1 
ATOM 947  C CB  . ALA A 1 117 ? -1.619  -17.998 -15.764 1.00 7.33  ? 117 ALA A CB  1 
ATOM 948  N N   . ALA A 1 118 ? -0.607  -15.456 -13.899 1.00 11.89 ? 118 ALA A N   1 
ATOM 949  C CA  . ALA A 1 118 ? -0.845  -14.624 -12.718 1.00 10.75 ? 118 ALA A CA  1 
ATOM 950  C C   . ALA A 1 118 ? -1.024  -13.150 -13.094 1.00 12.15 ? 118 ALA A C   1 
ATOM 951  O O   . ALA A 1 118 ? -1.956  -12.486 -12.629 1.00 16.01 ? 118 ALA A O   1 
ATOM 952  C CB  . ALA A 1 118 ? 0.301   -14.796 -11.723 1.00 10.34 ? 118 ALA A CB  1 
ATOM 953  N N   . ARG A 1 119 ? -0.129  -12.615 -13.916 1.00 12.00 ? 119 ARG A N   1 
ATOM 954  C CA  . ARG A 1 119 ? -0.276  -11.241 -14.384 1.00 11.95 ? 119 ARG A CA  1 
ATOM 955  C C   . ARG A 1 119 ? -1.594  -11.044 -15.129 1.00 14.19 ? 119 ARG A C   1 
ATOM 956  O O   . ARG A 1 119 ? -2.287  -10.037 -14.925 1.00 14.61 ? 119 ARG A O   1 
ATOM 957  C CB  . ARG A 1 119 ? 0.911   -10.894 -15.278 1.00 12.28 ? 119 ARG A CB  1 
ATOM 958  C CG  . ARG A 1 119 ? 1.050   -9.453  -15.669 1.00 13.97 ? 119 ARG A CG  1 
ATOM 959  C CD  . ARG A 1 119 ? 2.261   -9.268  -16.582 1.00 11.69 ? 119 ARG A CD  1 
ATOM 960  N NE  . ARG A 1 119 ? 3.528   -9.591  -15.910 1.00 13.02 ? 119 ARG A NE  1 
ATOM 961  C CZ  . ARG A 1 119 ? 4.078   -8.858  -14.946 1.00 14.08 ? 119 ARG A CZ  1 
ATOM 962  N NH1 . ARG A 1 119 ? 3.479   -7.745  -14.512 1.00 15.19 ? 119 ARG A NH1 1 
ATOM 963  N NH2 . ARG A 1 119 ? 5.235   -9.232  -14.416 1.00 13.46 ? 119 ARG A NH2 1 
ATOM 964  N N   . LYS A 1 120 ? -1.952  -11.993 -16.006 1.00 12.84 ? 120 LYS A N   1 
ATOM 965  C CA  . LYS A 1 120 ? -3.162  -11.860 -16.823 1.00 10.50 ? 120 LYS A CA  1 
ATOM 966  C C   . LYS A 1 120 ? -4.424  -11.950 -15.977 1.00 12.50 ? 120 LYS A C   1 
ATOM 967  O O   . LYS A 1 120 ? -5.452  -11.350 -16.319 1.00 11.50 ? 120 LYS A O   1 
ATOM 968  C CB  . LYS A 1 120 ? -3.175  -12.936 -17.928 1.00 11.56 ? 120 LYS A CB  1 
ATOM 969  C CG  . LYS A 1 120 ? -4.491  -12.980 -18.711 1.00 14.10 ? 120 LYS A CG  1 
ATOM 970  C CD  . LYS A 1 120 ? -4.424  -13.795 -19.976 1.00 23.05 ? 120 LYS A CD  1 
ATOM 971  C CE  . LYS A 1 120 ? -5.580  -13.421 -20.915 1.00 23.12 ? 120 LYS A CE  1 
ATOM 972  N NZ  . LYS A 1 120 ? -6.939  -13.753 -20.376 1.00 15.25 ? 120 LYS A NZ  1 
ATOM 973  N N   . TYR A 1 121 ? -4.371  -12.700 -14.873 1.00 11.99 ? 121 TYR A N   1 
ATOM 974  C CA  . TYR A 1 121 ? -5.509  -12.754 -13.966 1.00 10.12 ? 121 TYR A CA  1 
ATOM 975  C C   . TYR A 1 121 ? -5.815  -11.372 -13.413 1.00 15.71 ? 121 TYR A C   1 
ATOM 976  O O   . TYR A 1 121 ? -6.961  -10.911 -13.468 1.00 19.36 ? 121 TYR A O   1 
ATOM 977  C CB  . TYR A 1 121 ? -5.234  -13.747 -12.838 1.00 11.86 ? 121 TYR A CB  1 
ATOM 978  C CG  . TYR A 1 121 ? -6.403  -13.950 -11.913 1.00 12.03 ? 121 TYR A CG  1 
ATOM 979  C CD1 . TYR A 1 121 ? -6.481  -13.285 -10.707 1.00 9.89  ? 121 TYR A CD1 1 
ATOM 980  C CD2 . TYR A 1 121 ? -7.428  -14.812 -12.254 1.00 13.05 ? 121 TYR A CD2 1 
ATOM 981  C CE1 . TYR A 1 121 ? -7.559  -13.464 -9.870  1.00 15.45 ? 121 TYR A CE1 1 
ATOM 982  C CE2 . TYR A 1 121 ? -8.518  -14.995 -11.427 1.00 15.60 ? 121 TYR A CE2 1 
ATOM 983  C CZ  . TYR A 1 121 ? -8.572  -14.341 -10.225 1.00 20.63 ? 121 TYR A CZ  1 
ATOM 984  O OH  . TYR A 1 121 ? -9.660  -14.552 -9.403  1.00 19.88 ? 121 TYR A OH  1 
ATOM 985  N N   . PHE A 1 122 ? -4.790  -10.696 -12.874 1.00 14.94 ? 122 PHE A N   1 
ATOM 986  C CA  . PHE A 1 122 ? -4.930  -9.319  -12.400 1.00 12.43 ? 122 PHE A CA  1 
ATOM 987  C C   . PHE A 1 122 ? -5.560  -8.429  -13.458 1.00 16.21 ? 122 PHE A C   1 
ATOM 988  O O   . PHE A 1 122 ? -6.511  -7.683  -13.172 1.00 15.80 ? 122 PHE A O   1 
ATOM 989  C CB  . PHE A 1 122 ? -3.556  -8.774  -12.002 1.00 12.28 ? 122 PHE A CB  1 
ATOM 990  C CG  . PHE A 1 122 ? -3.578  -7.376  -11.431 1.00 12.15 ? 122 PHE A CG  1 
ATOM 991  C CD1 . PHE A 1 122 ? -3.853  -7.163  -10.090 1.00 10.64 ? 122 PHE A CD1 1 
ATOM 992  C CD2 . PHE A 1 122 ? -3.287  -6.282  -12.235 1.00 9.25  ? 122 PHE A CD2 1 
ATOM 993  C CE1 . PHE A 1 122 ? -3.847  -5.891  -9.565  1.00 12.65 ? 122 PHE A CE1 1 
ATOM 994  C CE2 . PHE A 1 122 ? -3.274  -5.007  -11.730 1.00 10.25 ? 122 PHE A CE2 1 
ATOM 995  C CZ  . PHE A 1 122 ? -3.552  -4.797  -10.395 1.00 13.75 ? 122 PHE A CZ  1 
ATOM 996  N N   . VAL A 1 123 ? -5.040  -8.489  -14.696 1.00 13.81 ? 123 VAL A N   1 
ATOM 997  C CA  . VAL A 1 123 ? -5.552  -7.618  -15.753 1.00 12.61 ? 123 VAL A CA  1 
ATOM 998  C C   . VAL A 1 123 ? -7.000  -7.967  -16.070 1.00 14.81 ? 123 VAL A C   1 
ATOM 999  O O   . VAL A 1 123 ? -7.828  -7.081  -16.298 1.00 14.63 ? 123 VAL A O   1 
ATOM 1000 C CB  . VAL A 1 123 ? -4.661  -7.693  -17.009 1.00 15.91 ? 123 VAL A CB  1 
ATOM 1001 C CG1 . VAL A 1 123 ? -5.215  -6.785  -18.113 1.00 11.95 ? 123 VAL A CG1 1 
ATOM 1002 C CG2 . VAL A 1 123 ? -3.226  -7.302  -16.682 1.00 9.24  ? 123 VAL A CG2 1 
ATOM 1003 N N   . ASP A 1 124 ? -7.331  -9.262  -16.065 1.00 15.38 ? 124 ASP A N   1 
ATOM 1004 C CA  . ASP A 1 124 ? -8.700  -9.695  -16.337 1.00 19.57 ? 124 ASP A CA  1 
ATOM 1005 C C   . ASP A 1 124 ? -9.661  -9.256  -15.239 1.00 13.96 ? 124 ASP A C   1 
ATOM 1006 O O   . ASP A 1 124 ? -10.820 -8.933  -15.519 1.00 17.28 ? 124 ASP A O   1 
ATOM 1007 C CB  . ASP A 1 124 ? -8.747  -11.214 -16.499 1.00 16.73 ? 124 ASP A CB  1 
ATOM 1008 C CG  . ASP A 1 124 ? -8.172  -11.663 -17.805 1.00 16.04 ? 124 ASP A CG  1 
ATOM 1009 O OD1 . ASP A 1 124 ? -8.062  -10.811 -18.710 1.00 16.43 ? 124 ASP A OD1 1 
ATOM 1010 O OD2 . ASP A 1 124 ? -7.827  -12.861 -17.920 1.00 15.87 ? 124 ASP A OD2 1 
ATOM 1011 N N   . LYS A 1 125 ? -9.214  -9.261  -13.991 1.00 11.77 ? 125 LYS A N   1 
ATOM 1012 C CA  . LYS A 1 125 ? -10.054 -8.754  -12.914 1.00 15.04 ? 125 LYS A CA  1 
ATOM 1013 C C   . LYS A 1 125 ? -10.239 -7.250  -13.017 1.00 14.54 ? 125 LYS A C   1 
ATOM 1014 O O   . LYS A 1 125 ? -11.352 -6.747  -12.840 1.00 18.18 ? 125 LYS A O   1 
ATOM 1015 C CB  . LYS A 1 125 ? -9.446  -9.086  -11.551 1.00 16.42 ? 125 LYS A CB  1 
ATOM 1016 C CG  . LYS A 1 125 ? -9.828  -10.436 -10.999 1.00 26.89 ? 125 LYS A CG  1 
ATOM 1017 C CD  . LYS A 1 125 ? -10.925 -10.312 -9.964  1.00 31.16 ? 125 LYS A CD  1 
ATOM 1018 C CE  . LYS A 1 125 ? -10.376 -9.784  -8.649  1.00 29.75 ? 125 LYS A CE  1 
ATOM 1019 N NZ  . LYS A 1 125 ? -11.378 -10.009 -7.564  1.00 31.42 ? 125 LYS A NZ  1 
ATOM 1020 N N   . LYS A 1 126 ? -9.160  -6.515  -13.286 1.00 14.79 ? 126 LYS A N   1 
ATOM 1021 C CA  . LYS A 1 126 ? -9.119  -5.092  -12.977 1.00 14.45 ? 126 LYS A CA  1 
ATOM 1022 C C   . LYS A 1 126 ? -9.329  -4.182  -14.170 1.00 14.37 ? 126 LYS A C   1 
ATOM 1023 O O   . LYS A 1 126 ? -9.757  -3.045  -13.966 1.00 17.80 ? 126 LYS A O   1 
ATOM 1024 C CB  . LYS A 1 126 ? -7.788  -4.728  -12.312 1.00 11.45 ? 126 LYS A CB  1 
ATOM 1025 C CG  . LYS A 1 126 ? -7.494  -5.550  -11.053 1.00 13.23 ? 126 LYS A CG  1 
ATOM 1026 C CD  . LYS A 1 126 ? -8.217  -5.049  -9.832  1.00 14.00 ? 126 LYS A CD  1 
ATOM 1027 C CE  . LYS A 1 126 ? -8.097  -6.076  -8.696  1.00 23.53 ? 126 LYS A CE  1 
ATOM 1028 N NZ  . LYS A 1 126 ? -8.652  -5.606  -7.378  1.00 25.91 ? 126 LYS A NZ  1 
ATOM 1029 N N   . GLU A 1 127 ? -9.031  -4.633  -15.390 1.00 11.22 ? 127 GLU A N   1 
ATOM 1030 C CA  . GLU A 1 127 ? -9.203  -3.814  -16.584 1.00 13.19 ? 127 GLU A CA  1 
ATOM 1031 C C   . GLU A 1 127 ? -10.671 -3.782  -16.985 1.00 15.25 ? 127 GLU A C   1 
ATOM 1032 O O   . GLU A 1 127 ? -11.257 -4.819  -17.301 1.00 16.99 ? 127 GLU A O   1 
ATOM 1033 C CB  . GLU A 1 127 ? -8.362  -4.344  -17.746 1.00 13.92 ? 127 GLU A CB  1 
ATOM 1034 C CG  . GLU A 1 127 ? -7.916  -3.261  -18.698 1.00 14.29 ? 127 GLU A CG  1 
ATOM 1035 C CD  . GLU A 1 127 ? -7.276  -3.776  -19.970 1.00 17.24 ? 127 GLU A CD  1 
ATOM 1036 O OE1 . GLU A 1 127 ? -7.495  -4.948  -20.343 1.00 20.98 ? 127 GLU A OE1 1 
ATOM 1037 O OE2 . GLU A 1 127 ? -6.538  -2.993  -20.605 1.00 18.53 ? 127 GLU A OE2 1 
ATOM 1038 N N   . ALA A 1 128 ? -11.248 -2.581  -17.001 1.00 14.73 ? 128 ALA A N   1 
ATOM 1039 C CA  . ALA A 1 128 ? -12.642 -2.412  -17.378 1.00 15.24 ? 128 ALA A CA  1 
ATOM 1040 C C   . ALA A 1 128 ? -12.929 -3.065  -18.721 1.00 14.06 ? 128 ALA A C   1 
ATOM 1041 O O   . ALA A 1 128 ? -13.876 -3.848  -18.858 1.00 17.59 ? 128 ALA A O   1 
ATOM 1042 C CB  . ALA A 1 128 ? -12.987 -0.911  -17.403 1.00 19.12 ? 128 ALA A CB  1 
ATOM 1043 N N   . SER A 1 129 ? -12.097 -2.778  -19.717 1.00 14.79 ? 129 SER A N   1 
ATOM 1044 C CA  . SER A 1 129 ? -12.293 -3.279  -21.070 1.00 11.25 ? 129 SER A CA  1 
ATOM 1045 C C   . SER A 1 129 ? -10.928 -3.487  -21.698 1.00 12.14 ? 129 SER A C   1 
ATOM 1046 O O   . SER A 1 129 ? -9.945  -2.888  -21.270 1.00 13.89 ? 129 SER A O   1 
ATOM 1047 C CB  . SER A 1 129 ? -13.141 -2.318  -21.922 1.00 11.97 ? 129 SER A CB  1 
ATOM 1048 O OG  . SER A 1 129 ? -12.530 -1.037  -22.034 1.00 11.45 ? 129 SER A OG  1 
ATOM 1049 N N   . ALA A 1 130 ? -10.878 -4.355  -22.716 1.00 14.22 ? 130 ALA A N   1 
ATOM 1050 C CA  . ALA A 1 130 ? -9.629  -4.682  -23.400 1.00 9.80  ? 130 ALA A CA  1 
ATOM 1051 C C   . ALA A 1 130 ? -8.876  -3.425  -23.803 1.00 18.15 ? 130 ALA A C   1 
ATOM 1052 O O   . ALA A 1 130 ? -9.412  -2.568  -24.509 1.00 21.80 ? 130 ALA A O   1 
ATOM 1053 C CB  . ALA A 1 130 ? -9.923  -5.529  -24.638 1.00 13.68 ? 130 ALA A CB  1 
ATOM 1054 N N   . GLY A 1 131 ? -7.635  -3.297  -23.344 1.00 21.34 ? 131 GLY A N   1 
ATOM 1055 C CA  . GLY A 1 131 ? -6.826  -2.162  -23.739 1.00 16.85 ? 131 GLY A CA  1 
ATOM 1056 C C   . GLY A 1 131 ? -7.144  -0.856  -23.048 1.00 15.40 ? 131 GLY A C   1 
ATOM 1057 O O   . GLY A 1 131 ? -6.500  0.158   -23.358 1.00 16.18 ? 131 GLY A O   1 
ATOM 1058 N N   . ASN A 1 132 ? -8.110  -0.842  -22.123 1.00 15.05 ? 132 ASN A N   1 
ATOM 1059 C CA  . ASN A 1 132 ? -8.361  0.361   -21.334 1.00 15.17 ? 132 ASN A CA  1 
ATOM 1060 C C   . ASN A 1 132 ? -7.135  0.788   -20.540 1.00 16.28 ? 132 ASN A C   1 
ATOM 1061 O O   . ASN A 1 132 ? -6.931  1.990   -20.317 1.00 15.62 ? 132 ASN A O   1 
ATOM 1062 C CB  . ASN A 1 132 ? -9.519  0.157   -20.366 1.00 12.35 ? 132 ASN A CB  1 
ATOM 1063 C CG  . ASN A 1 132 ? -10.028 1.474   -19.821 1.00 13.78 ? 132 ASN A CG  1 
ATOM 1064 O OD1 . ASN A 1 132 ? -10.350 2.381   -20.587 1.00 21.46 ? 132 ASN A OD1 1 
ATOM 1065 N ND2 . ASN A 1 132 ? -10.092 1.594   -18.508 1.00 12.19 ? 132 ASN A ND2 1 
ATOM 1066 N N   . PHE A 1 133 ? -6.326  -0.174  -20.083 1.00 13.95 ? 133 PHE A N   1 
ATOM 1067 C CA  . PHE A 1 133 ? -5.123  0.183   -19.344 1.00 13.93 ? 133 PHE A CA  1 
ATOM 1068 C C   . PHE A 1 133 ? -4.212  1.052   -20.195 1.00 14.32 ? 133 PHE A C   1 
ATOM 1069 O O   . PHE A 1 133 ? -3.587  1.990   -19.689 1.00 12.16 ? 133 PHE A O   1 
ATOM 1070 C CB  . PHE A 1 133 ? -4.391  -1.077  -18.864 1.00 9.08  ? 133 PHE A CB  1 
ATOM 1071 C CG  . PHE A 1 133 ? -4.857  -1.578  -17.521 1.00 12.18 ? 133 PHE A CG  1 
ATOM 1072 C CD1 . PHE A 1 133 ? -5.862  -0.904  -16.818 1.00 12.56 ? 133 PHE A CD1 1 
ATOM 1073 C CD2 . PHE A 1 133 ? -4.289  -2.709  -16.951 1.00 12.97 ? 133 PHE A CD2 1 
ATOM 1074 C CE1 . PHE A 1 133 ? -6.295  -1.349  -15.572 1.00 8.00  ? 133 PHE A CE1 1 
ATOM 1075 C CE2 . PHE A 1 133 ? -4.710  -3.175  -15.698 1.00 12.95 ? 133 PHE A CE2 1 
ATOM 1076 C CZ  . PHE A 1 133 ? -5.718  -2.492  -15.011 1.00 14.75 ? 133 PHE A CZ  1 
ATOM 1077 N N   . ALA A 1 134 ? -4.139  0.772   -21.503 1.00 12.94 ? 134 ALA A N   1 
ATOM 1078 C CA  . ALA A 1 134 ? -3.313  1.607   -22.365 1.00 12.51 ? 134 ALA A CA  1 
ATOM 1079 C C   . ALA A 1 134 ? -3.909  3.003   -22.554 1.00 12.52 ? 134 ALA A C   1 
ATOM 1080 O O   . ALA A 1 134 ? -3.161  3.972   -22.723 1.00 12.64 ? 134 ALA A O   1 
ATOM 1081 C CB  . ALA A 1 134 ? -3.103  0.922   -23.710 1.00 12.58 ? 134 ALA A CB  1 
ATOM 1082 N N   . ASP A 1 135 ? -5.240  3.125   -22.553 1.00 12.67 ? 135 ASP A N   1 
ATOM 1083 C CA  . ASP A 1 135 ? -5.867  4.445   -22.617 1.00 15.11 ? 135 ASP A CA  1 
ATOM 1084 C C   . ASP A 1 135 ? -5.595  5.243   -21.340 1.00 16.72 ? 135 ASP A C   1 
ATOM 1085 O O   . ASP A 1 135 ? -5.306  6.445   -21.393 1.00 12.34 ? 135 ASP A O   1 
ATOM 1086 C CB  . ASP A 1 135 ? -7.374  4.306   -22.858 1.00 10.62 ? 135 ASP A CB  1 
ATOM 1087 C CG  . ASP A 1 135 ? -7.704  3.639   -24.206 1.00 17.48 ? 135 ASP A CG  1 
ATOM 1088 O OD1 . ASP A 1 135 ? -6.905  3.765   -25.157 1.00 21.35 ? 135 ASP A OD1 1 
ATOM 1089 O OD2 . ASP A 1 135 ? -8.761  2.981   -24.319 1.00 18.35 ? 135 ASP A OD2 1 
ATOM 1090 N N   . LEU A 1 136 ? -5.689  4.588   -20.183 1.00 16.47 ? 136 LEU A N   1 
ATOM 1091 C CA  . LEU A 1 136 ? -5.325  5.235   -18.939 1.00 11.46 ? 136 LEU A CA  1 
ATOM 1092 C C   . LEU A 1 136 ? -3.870  5.674   -18.977 1.00 14.44 ? 136 LEU A C   1 
ATOM 1093 O O   . LEU A 1 136 ? -3.548  6.810   -18.600 1.00 11.22 ? 136 LEU A O   1 
ATOM 1094 C CB  . LEU A 1 136 ? -5.585  4.285   -17.770 1.00 12.78 ? 136 LEU A CB  1 
ATOM 1095 C CG  . LEU A 1 136 ? -7.054  3.932   -17.507 1.00 14.57 ? 136 LEU A CG  1 
ATOM 1096 C CD1 . LEU A 1 136 ? -7.184  3.003   -16.312 1.00 9.11  ? 136 LEU A CD1 1 
ATOM 1097 C CD2 . LEU A 1 136 ? -7.906  5.201   -17.291 1.00 12.24 ? 136 LEU A CD2 1 
ATOM 1098 N N   . LEU A 1 137 ? -2.981  4.800   -19.465 1.00 12.90 ? 137 LEU A N   1 
ATOM 1099 C CA  . LEU A 1 137 ? -1.571  5.160   -19.593 1.00 13.54 ? 137 LEU A CA  1 
ATOM 1100 C C   . LEU A 1 137 ? -1.384  6.337   -20.536 1.00 12.77 ? 137 LEU A C   1 
ATOM 1101 O O   . LEU A 1 137 ? -0.540  7.206   -20.291 1.00 17.11 ? 137 LEU A O   1 
ATOM 1102 C CB  . LEU A 1 137 ? -0.751  3.954   -20.061 1.00 15.26 ? 137 LEU A CB  1 
ATOM 1103 C CG  . LEU A 1 137 ? -0.427  2.938   -18.960 1.00 17.15 ? 137 LEU A CG  1 
ATOM 1104 C CD1 . LEU A 1 137 ? 0.209   1.664   -19.513 1.00 17.55 ? 137 LEU A CD1 1 
ATOM 1105 C CD2 . LEU A 1 137 ? 0.433   3.526   -17.846 1.00 9.66  ? 137 LEU A CD2 1 
ATOM 1106 N N   . ALA A 1 138 ? -2.186  6.403   -21.602 1.00 11.14 ? 138 ALA A N   1 
ATOM 1107 C CA  . ALA A 1 138 ? -2.116  7.520   -22.543 1.00 12.70 ? 138 ALA A CA  1 
ATOM 1108 C C   . ALA A 1 138 ? -2.538  8.835   -21.917 1.00 15.89 ? 138 ALA A C   1 
ATOM 1109 O O   . ALA A 1 138 ? -2.163  9.902   -22.416 1.00 14.11 ? 138 ALA A O   1 
ATOM 1110 C CB  . ALA A 1 138 ? -3.005  7.261   -23.757 1.00 10.57 ? 138 ALA A CB  1 
ATOM 1111 N N   . HIS A 1 139 ? -3.344  8.783   -20.863 1.00 13.79 ? 139 HIS A N   1 
ATOM 1112 C CA  . HIS A 1 139 ? -3.810  9.980   -20.186 1.00 13.92 ? 139 HIS A CA  1 
ATOM 1113 C C   . HIS A 1 139 ? -3.033  10.252  -18.910 1.00 14.98 ? 139 HIS A C   1 
ATOM 1114 O O   . HIS A 1 139 ? -3.560  10.878  -17.988 1.00 16.50 ? 139 HIS A O   1 
ATOM 1115 C CB  . HIS A 1 139 ? -5.300  9.850   -19.906 1.00 13.39 ? 139 HIS A CB  1 
ATOM 1116 C CG  . HIS A 1 139 ? -6.138  10.043  -21.126 1.00 19.23 ? 139 HIS A CG  1 
ATOM 1117 N ND1 . HIS A 1 139 ? -6.623  8.993   -21.877 1.00 18.89 ? 139 HIS A ND1 1 
ATOM 1118 C CD2 . HIS A 1 139 ? -6.540  11.171  -21.755 1.00 19.79 ? 139 HIS A CD2 1 
ATOM 1119 C CE1 . HIS A 1 139 ? -7.306  9.465   -22.902 1.00 20.23 ? 139 HIS A CE1 1 
ATOM 1120 N NE2 . HIS A 1 139 ? -7.274  10.784  -22.850 1.00 34.95 ? 139 HIS A NE2 1 
ATOM 1121 N N   . SER A 1 140 ? -1.782  9.788   -18.838 1.00 12.84 ? 140 SER A N   1 
ATOM 1122 C CA  . SER A 1 140 ? -1.015  9.936   -17.606 1.00 14.98 ? 140 SER A CA  1 
ATOM 1123 C C   . SER A 1 140 ? -0.671  11.392  -17.313 1.00 16.27 ? 140 SER A C   1 
ATOM 1124 O O   . SER A 1 140 ? -0.464  11.756  -16.153 1.00 14.59 ? 140 SER A O   1 
ATOM 1125 C CB  . SER A 1 140 ? 0.265   9.114   -17.676 1.00 10.57 ? 140 SER A CB  1 
ATOM 1126 O OG  . SER A 1 140 ? -0.031  7.768   -17.974 1.00 19.27 ? 140 SER A OG  1 
ATOM 1127 N N   . ASP A 1 141 ? -0.588  12.236  -18.338 1.00 18.05 ? 141 ASP A N   1 
ATOM 1128 C CA  . ASP A 1 141 ? -0.089  13.580  -18.085 1.00 16.71 ? 141 ASP A CA  1 
ATOM 1129 C C   . ASP A 1 141 ? -1.133  14.454  -17.402 1.00 14.57 ? 141 ASP A C   1 
ATOM 1130 O O   . ASP A 1 141 ? -0.777  15.261  -16.546 1.00 21.71 ? 141 ASP A O   1 
ATOM 1131 C CB  . ASP A 1 141 ? 0.432   14.192  -19.385 1.00 16.02 ? 141 ASP A CB  1 
ATOM 1132 C CG  . ASP A 1 141 ? 1.790   13.604  -19.786 1.00 39.18 ? 141 ASP A CG  1 
ATOM 1133 O OD1 . ASP A 1 141 ? 2.372   12.859  -18.952 1.00 36.68 ? 141 ASP A OD1 1 
ATOM 1134 O OD2 . ASP A 1 141 ? 2.278   13.878  -20.912 1.00 38.42 ? 141 ASP A OD2 1 
ATOM 1135 N N   . GLY A 1 142 ? -2.417  14.287  -17.718 1.00 13.33 ? 142 GLY A N   1 
ATOM 1136 C CA  . GLY A 1 142 ? -3.437  14.946  -16.926 1.00 14.30 ? 142 GLY A CA  1 
ATOM 1137 C C   . GLY A 1 142 ? -3.479  14.421  -15.503 1.00 17.94 ? 142 GLY A C   1 
ATOM 1138 O O   . GLY A 1 142 ? -3.669  15.181  -14.542 1.00 15.48 ? 142 GLY A O   1 
ATOM 1139 N N   . LEU A 1 143 ? -3.289  13.117  -15.348 1.00 13.71 ? 143 LEU A N   1 
ATOM 1140 C CA  . LEU A 1 143 ? -3.377  12.511  -14.036 1.00 14.40 ? 143 LEU A CA  1 
ATOM 1141 C C   . LEU A 1 143 ? -2.168  12.883  -13.190 1.00 15.92 ? 143 LEU A C   1 
ATOM 1142 O O   . LEU A 1 143 ? -2.296  13.123  -11.981 1.00 15.46 ? 143 LEU A O   1 
ATOM 1143 C CB  . LEU A 1 143 ? -3.517  10.993  -14.181 1.00 10.98 ? 143 LEU A CB  1 
ATOM 1144 C CG  . LEU A 1 143 ? -4.812  10.472  -14.804 1.00 11.91 ? 143 LEU A CG  1 
ATOM 1145 C CD1 . LEU A 1 143 ? -4.649  9.025   -15.302 1.00 13.66 ? 143 LEU A CD1 1 
ATOM 1146 C CD2 . LEU A 1 143 ? -5.960  10.562  -13.811 1.00 12.50 ? 143 LEU A CD2 1 
ATOM 1147 N N   . ILE A 1 144 ? -0.996  12.994  -13.820 1.00 13.66 ? 144 ILE A N   1 
ATOM 1148 C CA  . ILE A 1 144 ? 0.201   13.306  -13.054 1.00 14.64 ? 144 ILE A CA  1 
ATOM 1149 C C   . ILE A 1 144 ? 0.173   14.750  -12.554 1.00 15.23 ? 144 ILE A C   1 
ATOM 1150 O O   . ILE A 1 144 ? 0.690   15.044  -11.464 1.00 15.97 ? 144 ILE A O   1 
ATOM 1151 C CB  . ILE A 1 144 ? 1.453   12.984  -13.892 1.00 14.99 ? 144 ILE A CB  1 
ATOM 1152 C CG1 . ILE A 1 144 ? 1.623   11.463  -14.003 1.00 11.02 ? 144 ILE A CG1 1 
ATOM 1153 C CG2 . ILE A 1 144 ? 2.698   13.576  -13.266 1.00 10.52 ? 144 ILE A CG2 1 
ATOM 1154 C CD1 . ILE A 1 144 ? 2.554   11.051  -15.135 1.00 14.33 ? 144 ILE A CD1 1 
ATOM 1155 N N   . LYS A 1 145 ? -0.448  15.664  -13.312 1.00 12.30 ? 145 LYS A N   1 
ATOM 1156 C CA  . LYS A 1 145 ? -0.652  17.025  -12.816 1.00 12.72 ? 145 LYS A CA  1 
ATOM 1157 C C   . LYS A 1 145 ? -1.606  17.042  -11.625 1.00 15.87 ? 145 LYS A C   1 
ATOM 1158 O O   . LYS A 1 145 ? -1.368  17.752  -10.639 1.00 14.73 ? 145 LYS A O   1 
ATOM 1159 C CB  . LYS A 1 145 ? -1.188  17.914  -13.933 1.00 16.08 ? 145 LYS A CB  1 
ATOM 1160 C CG  . LYS A 1 145 ? -0.231  18.087  -15.124 1.00 21.09 ? 145 LYS A CG  1 
ATOM 1161 C CD  . LYS A 1 145 ? -0.970  18.554  -16.391 1.00 23.93 ? 145 LYS A CD  1 
ATOM 1162 C CE  . LYS A 1 145 ? -0.008  19.078  -17.463 1.00 23.94 ? 145 LYS A CE  1 
ATOM 1163 N NZ  . LYS A 1 145 ? -0.676  19.193  -18.799 1.00 29.89 ? 145 LYS A NZ  1 
ATOM 1164 N N   . ASN A 1 146 ? -2.682  16.251  -11.693 1.00 13.96 ? 146 ASN A N   1 
ATOM 1165 C CA  . ASN A 1 146 ? -3.643  16.211  -10.596 1.00 14.06 ? 146 ASN A CA  1 
ATOM 1166 C C   . ASN A 1 146 ? -2.993  15.725  -9.311  1.00 14.56 ? 146 ASN A C   1 
ATOM 1167 O O   . ASN A 1 146 ? -3.174  16.333  -8.250  1.00 11.76 ? 146 ASN A O   1 
ATOM 1168 C CB  . ASN A 1 146 ? -4.835  15.323  -10.965 1.00 13.87 ? 146 ASN A CB  1 
ATOM 1169 C CG  . ASN A 1 146 ? -5.685  15.934  -12.054 1.00 17.84 ? 146 ASN A CG  1 
ATOM 1170 O OD1 . ASN A 1 146 ? -5.586  17.128  -12.325 1.00 21.64 ? 146 ASN A OD1 1 
ATOM 1171 N ND2 . ASN A 1 146 ? -6.540  15.128  -12.671 1.00 20.51 ? 146 ASN A ND2 1 
ATOM 1172 N N   . ILE A 1 147 ? -2.231  14.622  -9.385  1.00 13.68 ? 147 ILE A N   1 
ATOM 1173 C CA  . ILE A 1 147 ? -1.607  14.088  -8.178  1.00 11.24 ? 147 ILE A CA  1 
ATOM 1174 C C   . ILE A 1 147 ? -0.539  15.047  -7.676  1.00 13.08 ? 147 ILE A C   1 
ATOM 1175 O O   . ILE A 1 147 ? -0.414  15.273  -6.469  1.00 13.45 ? 147 ILE A O   1 
ATOM 1176 C CB  . ILE A 1 147 ? -1.060  12.656  -8.414  1.00 14.68 ? 147 ILE A CB  1 
ATOM 1177 C CG1 . ILE A 1 147 ? -0.427  12.099  -7.146  1.00 12.10 ? 147 ILE A CG1 1 
ATOM 1178 C CG2 . ILE A 1 147 ? -0.032  12.590  -9.523  1.00 17.02 ? 147 ILE A CG2 1 
ATOM 1179 C CD1 . ILE A 1 147 ? -1.337  12.187  -5.934  1.00 14.46 ? 147 ILE A CD1 1 
ATOM 1180 N N   . SER A 1 148 ? 0.222   15.656  -8.591  1.00 14.17 ? 148 SER A N   1 
ATOM 1181 C CA  . SER A 1 148 ? 1.204   16.658  -8.190  1.00 11.23 ? 148 SER A CA  1 
ATOM 1182 C C   . SER A 1 148 ? 0.538   17.816  -7.463  1.00 15.45 ? 148 SER A C   1 
ATOM 1183 O O   . SER A 1 148 ? 1.022   18.261  -6.412  1.00 12.83 ? 148 SER A O   1 
ATOM 1184 C CB  . SER A 1 148 ? 1.970   17.169  -9.406  1.00 10.42 ? 148 SER A CB  1 
ATOM 1185 O OG  . SER A 1 148 ? 2.938   16.228  -9.816  1.00 16.63 ? 148 SER A OG  1 
ATOM 1186 N N   . ASP A 1 149 ? -0.578  18.320  -8.014  1.00 13.63 ? 149 ASP A N   1 
ATOM 1187 C CA  . ASP A 1 149 ? -1.305  19.397  -7.343  1.00 11.93 ? 149 ASP A CA  1 
ATOM 1188 C C   . ASP A 1 149 ? -1.838  18.938  -5.988  1.00 13.81 ? 149 ASP A C   1 
ATOM 1189 O O   . ASP A 1 149 ? -1.759  19.678  -5.000  1.00 12.45 ? 149 ASP A O   1 
ATOM 1190 C CB  . ASP A 1 149 ? -2.448  19.908  -8.223  1.00 9.36  ? 149 ASP A CB  1 
ATOM 1191 C CG  . ASP A 1 149 ? -1.954  20.559  -9.511  1.00 18.74 ? 149 ASP A CG  1 
ATOM 1192 O OD1 . ASP A 1 149 ? -2.753  20.656  -10.471 1.00 18.77 ? 149 ASP A OD1 1 
ATOM 1193 O OD2 . ASP A 1 149 ? -0.766  20.969  -9.573  1.00 22.37 ? 149 ASP A OD2 1 
ATOM 1194 N N   . ASP A 1 150 ? -2.383  17.716  -5.914  1.00 13.23 ? 150 ASP A N   1 
ATOM 1195 C CA  . ASP A 1 150 ? -2.915  17.265  -4.632  1.00 12.17 ? 150 ASP A CA  1 
ATOM 1196 C C   . ASP A 1 150 ? -1.799  17.025  -3.625  1.00 14.16 ? 150 ASP A C   1 
ATOM 1197 O O   . ASP A 1 150 ? -1.994  17.259  -2.424  1.00 17.52 ? 150 ASP A O   1 
ATOM 1198 C CB  . ASP A 1 150 ? -3.755  16.007  -4.792  1.00 9.84  ? 150 ASP A CB  1 
ATOM 1199 C CG  . ASP A 1 150 ? -5.096  16.272  -5.443  1.00 11.35 ? 150 ASP A CG  1 
ATOM 1200 O OD1 . ASP A 1 150 ? -5.670  17.368  -5.242  1.00 10.02 ? 150 ASP A OD1 1 
ATOM 1201 O OD2 . ASP A 1 150 ? -5.585  15.362  -6.146  1.00 12.53 ? 150 ASP A OD2 1 
ATOM 1202 N N   . LEU A 1 151 ? -0.624  16.588  -4.091  1.00 12.56 ? 151 LEU A N   1 
ATOM 1203 C CA  . LEU A 1 151 ? 0.497   16.401  -3.180  1.00 14.45 ? 151 LEU A CA  1 
ATOM 1204 C C   . LEU A 1 151 ? 0.945   17.720  -2.566  1.00 16.05 ? 151 LEU A C   1 
ATOM 1205 O O   . LEU A 1 151 ? 1.430   17.735  -1.425  1.00 14.58 ? 151 LEU A O   1 
ATOM 1206 C CB  . LEU A 1 151 ? 1.660   15.726  -3.906  1.00 15.18 ? 151 LEU A CB  1 
ATOM 1207 C CG  . LEU A 1 151 ? 1.507   14.242  -4.273  1.00 11.77 ? 151 LEU A CG  1 
ATOM 1208 C CD1 . LEU A 1 151 ? 2.775   13.789  -4.925  1.00 9.77  ? 151 LEU A CD1 1 
ATOM 1209 C CD2 . LEU A 1 151 ? 1.170   13.370  -3.058  1.00 9.87  ? 151 LEU A CD2 1 
ATOM 1210 N N   . ARG A 1 152 ? 0.785   18.832  -3.304  1.00 19.56 ? 152 ARG A N   1 
ATOM 1211 C CA  . ARG A 1 152 ? 1.093   20.160  -2.769  1.00 19.15 ? 152 ARG A CA  1 
ATOM 1212 C C   . ARG A 1 152 ? 0.155   20.537  -1.630  1.00 16.41 ? 152 ARG A C   1 
ATOM 1213 O O   . ARG A 1 152 ? 0.576   21.161  -0.654  1.00 22.17 ? 152 ARG A O   1 
ATOM 1214 C CB  . ARG A 1 152 ? 1.022   21.210  -3.878  1.00 19.76 ? 152 ARG A CB  1 
ATOM 1215 C CG  . ARG A 1 152 ? 2.139   21.073  -4.907  1.00 31.98 ? 152 ARG A CG  1 
ATOM 1216 C CD  . ARG A 1 152 ? 2.989   22.345  -5.022  1.00 42.19 ? 152 ARG A CD  1 
ATOM 1217 N NE  . ARG A 1 152 ? 3.910   22.520  -3.892  1.00 45.48 ? 152 ARG A NE  1 
ATOM 1218 C CZ  . ARG A 1 152 ? 5.223   22.299  -3.947  1.00 40.47 ? 152 ARG A CZ  1 
ATOM 1219 N NH1 . ARG A 1 152 ? 5.975   22.481  -2.868  1.00 36.63 ? 152 ARG A NH1 1 
ATOM 1220 N NH2 . ARG A 1 152 ? 5.782   21.883  -5.079  1.00 38.67 ? 152 ARG A NH2 1 
ATOM 1221 N N   . ALA A 1 153 ? -1.126  20.197  -1.733  1.00 16.34 ? 153 ALA A N   1 
ATOM 1222 C CA  . ALA A 1 153 ? -1.997  20.423  -0.587  1.00 13.87 ? 153 ALA A CA  1 
ATOM 1223 C C   . ALA A 1 153 ? -1.619  19.506  0.576   1.00 16.57 ? 153 ALA A C   1 
ATOM 1224 O O   . ALA A 1 153 ? -1.552  19.947  1.729   1.00 19.86 ? 153 ALA A O   1 
ATOM 1225 C CB  . ALA A 1 153 ? -3.452  20.227  -0.995  1.00 9.95  ? 153 ALA A CB  1 
ATOM 1226 N N   . LEU A 1 154 ? -1.345  18.228  0.300   1.00 16.20 ? 154 LEU A N   1 
ATOM 1227 C CA  . LEU A 1 154 ? -0.893  17.353  1.378   1.00 16.55 ? 154 LEU A CA  1 
ATOM 1228 C C   . LEU A 1 154 ? 0.378   17.881  2.031   1.00 16.77 ? 154 LEU A C   1 
ATOM 1229 O O   . LEU A 1 154 ? 0.564   17.706  3.241   1.00 19.92 ? 154 LEU A O   1 
ATOM 1230 C CB  . LEU A 1 154 ? -0.667  15.935  0.868   1.00 12.78 ? 154 LEU A CB  1 
ATOM 1231 C CG  . LEU A 1 154 ? -0.088  14.979  1.914   1.00 9.14  ? 154 LEU A CG  1 
ATOM 1232 C CD1 . LEU A 1 154 ? -1.152  14.647  2.905   1.00 7.56  ? 154 LEU A CD1 1 
ATOM 1233 C CD2 . LEU A 1 154 ? 0.405   13.733  1.229   1.00 11.72 ? 154 LEU A CD2 1 
ATOM 1234 N N   . ASP A 1 155 ? 1.251   18.541  1.254   1.00 17.65 ? 155 ASP A N   1 
ATOM 1235 C CA  . ASP A 1 155 ? 2.489   19.098  1.797   1.00 18.83 ? 155 ASP A CA  1 
ATOM 1236 C C   . ASP A 1 155 ? 2.234   20.009  2.994   1.00 19.07 ? 155 ASP A C   1 
ATOM 1237 O O   . ASP A 1 155 ? 3.038   20.044  3.931   1.00 21.07 ? 155 ASP A O   1 
ATOM 1238 C CB  . ASP A 1 155 ? 3.244   19.862  0.706   1.00 15.14 ? 155 ASP A CB  1 
ATOM 1239 C CG  . ASP A 1 155 ? 4.695   20.123  1.078   1.00 18.00 ? 155 ASP A CG  1 
ATOM 1240 O OD1 . ASP A 1 155 ? 5.464   19.157  1.253   1.00 24.09 ? 155 ASP A OD1 1 
ATOM 1241 O OD2 . ASP A 1 155 ? 5.085   21.288  1.200   1.00 22.05 ? 155 ASP A OD2 1 
ATOM 1242 N N   . LYS A 1 156 ? 1.112   20.724  2.998   1.00 17.74 ? 156 LYS A N   1 
ATOM 1243 C CA  . LYS A 1 156 ? 0.779   21.642  4.079   1.00 21.02 ? 156 LYS A CA  1 
ATOM 1244 C C   . LYS A 1 156 ? 0.262   20.954  5.338   1.00 20.83 ? 156 LYS A C   1 
ATOM 1245 O O   . LYS A 1 156 ? 0.187   21.609  6.379   1.00 18.92 ? 156 LYS A O   1 
ATOM 1246 C CB  . LYS A 1 156 ? -0.269  22.650  3.605   1.00 18.18 ? 156 LYS A CB  1 
ATOM 1247 C CG  . LYS A 1 156 ? 0.263   23.688  2.629   1.00 22.04 ? 156 LYS A CG  1 
ATOM 1248 C CD  . LYS A 1 156 ? -0.749  23.940  1.512   1.00 27.97 ? 156 LYS A CD  1 
ATOM 1249 C CE  . LYS A 1 156 ? -0.165  24.847  0.432   1.00 36.37 ? 156 LYS A CE  1 
ATOM 1250 N NZ  . LYS A 1 156 ? 0.336   26.130  1.010   1.00 33.68 ? 156 LYS A NZ  1 
ATOM 1251 N N   . LEU A 1 157 ? -0.103  19.672  5.280   1.00 17.75 ? 157 LEU A N   1 
ATOM 1252 C CA  . LEU A 1 157 ? -0.786  19.013  6.386   1.00 12.34 ? 157 LEU A CA  1 
ATOM 1253 C C   . LEU A 1 157 ? 0.115   18.077  7.178   1.00 15.20 ? 157 LEU A C   1 
ATOM 1254 O O   . LEU A 1 157 ? -0.291  17.611  8.252   1.00 14.29 ? 157 LEU A O   1 
ATOM 1255 C CB  . LEU A 1 157 ? -1.999  18.222  5.863   1.00 16.68 ? 157 LEU A CB  1 
ATOM 1256 C CG  . LEU A 1 157 ? -2.991  18.899  4.902   1.00 15.32 ? 157 LEU A CG  1 
ATOM 1257 C CD1 . LEU A 1 157 ? -3.981  17.876  4.306   1.00 12.22 ? 157 LEU A CD1 1 
ATOM 1258 C CD2 . LEU A 1 157 ? -3.751  20.024  5.599   1.00 13.04 ? 157 LEU A CD2 1 
ATOM 1259 N N   . ILE A 1 158 ? 1.320   17.800  6.687   1.00 14.88 ? 158 ILE A N   1 
ATOM 1260 C CA  . ILE A 1 158 ? 2.228   16.859  7.330   1.00 14.30 ? 158 ILE A CA  1 
ATOM 1261 C C   . ILE A 1 158 ? 2.901   17.556  8.508   1.00 13.97 ? 158 ILE A C   1 
ATOM 1262 O O   . ILE A 1 158 ? 3.760   18.417  8.328   1.00 16.04 ? 158 ILE A O   1 
ATOM 1263 C CB  . ILE A 1 158 ? 3.258   16.317  6.332   1.00 15.77 ? 158 ILE A CB  1 
ATOM 1264 C CG1 . ILE A 1 158 ? 2.532   15.512  5.238   1.00 19.03 ? 158 ILE A CG1 1 
ATOM 1265 C CG2 . ILE A 1 158 ? 4.271   15.455  7.028   1.00 10.31 ? 158 ILE A CG2 1 
ATOM 1266 C CD1 . ILE A 1 158 ? 3.363   15.213  4.001   1.00 13.84 ? 158 ILE A CD1 1 
ATOM 1267 N N   . VAL A 1 159 ? 2.526   17.164  9.724   1.00 13.52 ? 159 VAL A N   1 
ATOM 1268 C CA  . VAL A 1 159 ? 3.047   17.837  10.910  1.00 13.59 ? 159 VAL A CA  1 
ATOM 1269 C C   . VAL A 1 159 ? 4.515   17.487  11.133  1.00 13.65 ? 159 VAL A C   1 
ATOM 1270 O O   . VAL A 1 159 ? 5.351   18.377  11.309  1.00 14.09 ? 159 VAL A O   1 
ATOM 1271 C CB  . VAL A 1 159 ? 2.185   17.507  12.141  1.00 18.56 ? 159 VAL A CB  1 
ATOM 1272 C CG1 . VAL A 1 159 ? 2.772   18.182  13.400  1.00 13.36 ? 159 VAL A CG1 1 
ATOM 1273 C CG2 . VAL A 1 159 ? 0.732   17.975  11.893  1.00 12.21 ? 159 VAL A CG2 1 
ATOM 1274 N N   . LYS A 1 160 ? 4.851   16.200  11.104  1.00 16.18 ? 160 LYS A N   1 
ATOM 1275 C CA  . LYS A 1 160 ? 6.205   15.687  11.259  1.00 16.04 ? 160 LYS A CA  1 
ATOM 1276 C C   . LYS A 1 160 ? 6.517   14.691  10.148  1.00 17.98 ? 160 LYS A C   1 
ATOM 1277 O O   . LYS A 1 160 ? 5.606   14.063  9.608   1.00 17.06 ? 160 LYS A O   1 
ATOM 1278 C CB  . LYS A 1 160 ? 6.382   14.991  12.616  1.00 15.67 ? 160 LYS A CB  1 
ATOM 1279 C CG  . LYS A 1 160 ? 6.630   15.906  13.789  1.00 16.70 ? 160 LYS A CG  1 
ATOM 1280 C CD  . LYS A 1 160 ? 7.009   15.073  15.004  1.00 22.14 ? 160 LYS A CD  1 
ATOM 1281 C CE  . LYS A 1 160 ? 6.381   15.606  16.268  1.00 15.48 ? 160 LYS A CE  1 
ATOM 1282 N NZ  . LYS A 1 160 ? 6.906   16.940  16.613  1.00 20.35 ? 160 LYS A NZ  1 
ATOM 1283 N N   . PRO A 1 161 ? 7.791   14.518  9.780   1.00 14.22 ? 161 PRO A N   1 
ATOM 1284 C CA  . PRO A 1 161 ? 8.104   13.570  8.704   1.00 14.77 ? 161 PRO A CA  1 
ATOM 1285 C C   . PRO A 1 161 ? 7.981   12.118  9.124   1.00 18.94 ? 161 PRO A C   1 
ATOM 1286 O O   . PRO A 1 161 ? 8.042   11.235  8.262   1.00 16.09 ? 161 PRO A O   1 
ATOM 1287 C CB  . PRO A 1 161 ? 9.549   13.924  8.320   1.00 14.77 ? 161 PRO A CB  1 
ATOM 1288 C CG  . PRO A 1 161 ? 10.099  14.659  9.481   1.00 15.88 ? 161 PRO A CG  1 
ATOM 1289 C CD  . PRO A 1 161 ? 8.940   15.376  10.115  1.00 18.17 ? 161 PRO A CD  1 
ATOM 1290 N N   . ASN A 1 162 ? 7.773   11.851  10.407  1.00 18.36 ? 162 ASN A N   1 
ATOM 1291 C CA  . ASN A 1 162 ? 7.701   10.503  10.943  1.00 15.65 ? 162 ASN A CA  1 
ATOM 1292 C C   . ASN A 1 162 ? 6.306   10.159  11.443  1.00 13.96 ? 162 ASN A C   1 
ATOM 1293 O O   . ASN A 1 162 ? 6.087   9.050   11.935  1.00 15.11 ? 162 ASN A O   1 
ATOM 1294 C CB  . ASN A 1 162 ? 8.728   10.347  12.078  1.00 17.46 ? 162 ASN A CB  1 
ATOM 1295 C CG  . ASN A 1 162 ? 8.504   11.347  13.199  1.00 15.79 ? 162 ASN A CG  1 
ATOM 1296 O OD1 . ASN A 1 162 ? 8.816   12.540  13.075  1.00 16.84 ? 162 ASN A OD1 1 
ATOM 1297 N ND2 . ASN A 1 162 ? 7.918   10.872  14.286  1.00 16.03 ? 162 ASN A ND2 1 
ATOM 1298 N N   . ALA A 1 163 ? 5.365   11.085  11.335  1.00 13.91 ? 163 ALA A N   1 
ATOM 1299 C CA  . ALA A 1 163 ? 3.979   10.877  11.721  1.00 16.74 ? 163 ALA A CA  1 
ATOM 1300 C C   . ALA A 1 163 ? 3.169   12.070  11.240  1.00 18.22 ? 163 ALA A C   1 
ATOM 1301 O O   . ALA A 1 163 ? 3.413   13.211  11.657  1.00 15.95 ? 163 ALA A O   1 
ATOM 1302 C CB  . ALA A 1 163 ? 3.822   10.693  13.230  1.00 18.78 ? 163 ALA A CB  1 
ATOM 1303 N N   . VAL A 1 164 ? 2.194   11.800  10.371  1.00 15.13 ? 164 VAL A N   1 
ATOM 1304 C CA  . VAL A 1 164 ? 1.577   12.852  9.578   1.00 14.40 ? 164 VAL A CA  1 
ATOM 1305 C C   . VAL A 1 164 ? 0.865   13.873  10.457  1.00 12.64 ? 164 VAL A C   1 
ATOM 1306 O O   . VAL A 1 164 ? 0.833   15.065  10.133  1.00 13.00 ? 164 VAL A O   1 
ATOM 1307 C CB  . VAL A 1 164 ? 0.647   12.216  8.526   1.00 14.38 ? 164 VAL A CB  1 
ATOM 1308 C CG1 . VAL A 1 164 ? -0.451  11.363  9.196   1.00 11.47 ? 164 VAL A CG1 1 
ATOM 1309 C CG2 . VAL A 1 164 ? 0.064   13.287  7.609   1.00 13.01 ? 164 VAL A CG2 1 
ATOM 1310 N N   . ASN A 1 165 ? 0.325   13.451  11.592  1.00 17.98 ? 165 ASN A N   1 
ATOM 1311 C CA  . ASN A 1 165 ? -0.366  14.357  12.501  1.00 15.16 ? 165 ASN A CA  1 
ATOM 1312 C C   . ASN A 1 165 ? 0.476   14.782  13.701  1.00 17.72 ? 165 ASN A C   1 
ATOM 1313 O O   . ASN A 1 165 ? -0.016  15.529  14.549  1.00 26.18 ? 165 ASN A O   1 
ATOM 1314 C CB  . ASN A 1 165 ? -1.663  13.710  12.975  1.00 11.74 ? 165 ASN A CB  1 
ATOM 1315 C CG  . ASN A 1 165 ? -2.594  13.402  11.823  1.00 16.04 ? 165 ASN A CG  1 
ATOM 1316 O OD1 . ASN A 1 165 ? -2.569  14.083  10.786  1.00 14.46 ? 165 ASN A OD1 1 
ATOM 1317 N ND2 . ASN A 1 165 ? -3.404  12.365  11.981  1.00 13.76 ? 165 ASN A ND2 1 
ATOM 1318 N N   . GLY A 1 166 ? 1.731   14.343  13.792  1.00 18.65 ? 166 GLY A N   1 
ATOM 1319 C CA  . GLY A 1 166 ? 2.612   14.678  14.892  1.00 19.78 ? 166 GLY A CA  1 
ATOM 1320 C C   . GLY A 1 166 ? 2.890   13.513  15.822  1.00 18.81 ? 166 GLY A C   1 
ATOM 1321 O O   . GLY A 1 166 ? 3.962   13.467  16.436  1.00 18.70 ? 166 GLY A O   1 
ATOM 1322 N N   . GLU A 1 167 ? 1.953   12.568  15.921  1.00 18.28 ? 167 GLU A N   1 
ATOM 1323 C CA  . GLU A 1 167 ? 2.093   11.343  16.697  1.00 17.40 ? 167 GLU A CA  1 
ATOM 1324 C C   . GLU A 1 167 ? 1.564   10.193  15.847  1.00 20.11 ? 167 GLU A C   1 
ATOM 1325 O O   . GLU A 1 167 ? 0.491   10.324  15.250  1.00 20.14 ? 167 GLU A O   1 
ATOM 1326 C CB  . GLU A 1 167 ? 1.309   11.445  18.016  1.00 15.43 ? 167 GLU A CB  1 
ATOM 1327 C CG  . GLU A 1 167 ? 1.246   10.150  18.820  1.00 18.23 ? 167 GLU A CG  1 
ATOM 1328 C CD  . GLU A 1 167 ? 0.358   10.243  20.056  1.00 19.01 ? 167 GLU A CD  1 
ATOM 1329 O OE1 . GLU A 1 167 ? -0.341  11.271  20.206  1.00 20.12 ? 167 GLU A OE1 1 
ATOM 1330 O OE2 . GLU A 1 167 ? 0.357   9.283   20.871  1.00 18.58 ? 167 GLU A OE2 1 
ATOM 1331 N N   . LEU A 1 168 ? 2.300   9.074   15.791  1.00 21.10 ? 168 LEU A N   1 
ATOM 1332 C CA  . LEU A 1 168 ? 1.903   7.946   14.947  1.00 13.90 ? 168 LEU A CA  1 
ATOM 1333 C C   . LEU A 1 168 ? 0.427   7.655   15.141  1.00 17.39 ? 168 LEU A C   1 
ATOM 1334 O O   . LEU A 1 168 ? -0.054  7.570   16.274  1.00 22.13 ? 168 LEU A O   1 
ATOM 1335 C CB  . LEU A 1 168 ? 2.726   6.695   15.281  1.00 10.64 ? 168 LEU A CB  1 
ATOM 1336 C CG  . LEU A 1 168 ? 4.125   6.621   14.679  1.00 14.68 ? 168 LEU A CG  1 
ATOM 1337 C CD1 . LEU A 1 168 ? 4.901   5.497   15.288  1.00 9.12  ? 168 LEU A CD1 1 
ATOM 1338 C CD2 . LEU A 1 168 ? 4.055   6.458   13.153  1.00 19.53 ? 168 LEU A CD2 1 
ATOM 1339 N N   . SER A 1 169 ? -0.299  7.543   14.031  1.00 15.90 ? 169 SER A N   1 
ATOM 1340 C CA  . SER A 1 169 ? -1.747  7.398   14.080  1.00 16.38 ? 169 SER A CA  1 
ATOM 1341 C C   . SER A 1 169 ? -2.195  6.512   12.928  1.00 18.79 ? 169 SER A C   1 
ATOM 1342 O O   . SER A 1 169 ? -1.406  6.152   12.048  1.00 14.71 ? 169 SER A O   1 
ATOM 1343 C CB  . SER A 1 169 ? -2.451  8.758   14.014  1.00 13.48 ? 169 SER A CB  1 
ATOM 1344 O OG  . SER A 1 169 ? -2.542  9.209   12.675  1.00 18.10 ? 169 SER A OG  1 
ATOM 1345 N N   . GLU A 1 170 ? -3.485  6.168   12.941  1.00 17.86 ? 170 GLU A N   1 
ATOM 1346 C CA  . GLU A 1 170 ? -4.056  5.361   11.870  1.00 20.31 ? 170 GLU A CA  1 
ATOM 1347 C C   . GLU A 1 170 ? -4.072  6.085   10.529  1.00 19.27 ? 170 GLU A C   1 
ATOM 1348 O O   . GLU A 1 170 ? -4.191  5.422   9.495   1.00 18.77 ? 170 GLU A O   1 
ATOM 1349 C CB  . GLU A 1 170 ? -5.467  4.916   12.242  1.00 19.13 ? 170 GLU A CB  1 
ATOM 1350 C CG  . GLU A 1 170 ? -5.456  3.864   13.345  1.00 30.56 ? 170 GLU A CG  1 
ATOM 1351 C CD  . GLU A 1 170 ? -6.539  2.815   13.183  1.00 46.24 ? 170 GLU A CD  1 
ATOM 1352 O OE1 . GLU A 1 170 ? -7.024  2.625   12.044  1.00 47.91 ? 170 GLU A OE1 1 
ATOM 1353 O OE2 . GLU A 1 170 ? -6.897  2.171   14.196  1.00 50.28 ? 170 GLU A OE2 1 
ATOM 1354 N N   . ASP A 1 171 ? -3.972  7.422   10.515  1.00 17.81 ? 171 ASP A N   1 
ATOM 1355 C CA  . ASP A 1 171 ? -3.814  8.113   9.243   1.00 16.52 ? 171 ASP A CA  1 
ATOM 1356 C C   . ASP A 1 171 ? -2.508  7.739   8.572   1.00 15.77 ? 171 ASP A C   1 
ATOM 1357 O O   . ASP A 1 171 ? -2.425  7.745   7.339   1.00 15.82 ? 171 ASP A O   1 
ATOM 1358 C CB  . ASP A 1 171 ? -3.859  9.622   9.434   1.00 15.24 ? 171 ASP A CB  1 
ATOM 1359 C CG  . ASP A 1 171 ? -5.205  10.094  9.788   1.00 17.05 ? 171 ASP A CG  1 
ATOM 1360 O OD1 . ASP A 1 171 ? -6.134  9.263   9.750   1.00 17.34 ? 171 ASP A OD1 1 
ATOM 1361 O OD2 . ASP A 1 171 ? -5.334  11.285  10.117  1.00 21.10 ? 171 ASP A OD2 1 
ATOM 1362 N N   . ASP A 1 172 ? -1.466  7.454   9.361   1.00 18.23 ? 172 ASP A N   1 
ATOM 1363 C CA  . ASP A 1 172 ? -0.202  7.030   8.769   1.00 16.22 ? 172 ASP A CA  1 
ATOM 1364 C C   . ASP A 1 172 ? -0.374  5.704   8.054   1.00 15.48 ? 172 ASP A C   1 
ATOM 1365 O O   . ASP A 1 172 ? 0.112   5.531   6.930   1.00 16.16 ? 172 ASP A O   1 
ATOM 1366 C CB  . ASP A 1 172 ? 0.876   6.933   9.834   1.00 12.68 ? 172 ASP A CB  1 
ATOM 1367 C CG  . ASP A 1 172 ? 1.273   8.279   10.360  1.00 14.84 ? 172 ASP A CG  1 
ATOM 1368 O OD1 . ASP A 1 172 ? 1.867   9.065   9.609   1.00 14.85 ? 172 ASP A OD1 1 
ATOM 1369 O OD2 . ASP A 1 172 ? 0.988   8.558   11.532  1.00 21.79 ? 172 ASP A OD2 1 
ATOM 1370 N N   . ILE A 1 173 ? -1.105  4.778   8.678   1.00 10.21 ? 173 ILE A N   1 
ATOM 1371 C CA  . ILE A 1 173 ? -1.416  3.499   8.054   1.00 15.58 ? 173 ILE A CA  1 
ATOM 1372 C C   . ILE A 1 173 ? -2.218  3.697   6.768   1.00 16.76 ? 173 ILE A C   1 
ATOM 1373 O O   . ILE A 1 173 ? -2.063  2.941   5.800   1.00 12.00 ? 173 ILE A O   1 
ATOM 1374 C CB  . ILE A 1 173 ? -2.162  2.603   9.058   1.00 15.56 ? 173 ILE A CB  1 
ATOM 1375 C CG1 . ILE A 1 173 ? -1.331  2.462   10.330  1.00 15.31 ? 173 ILE A CG1 1 
ATOM 1376 C CG2 . ILE A 1 173 ? -2.460  1.241   8.440   1.00 12.08 ? 173 ILE A CG2 1 
ATOM 1377 C CD1 . ILE A 1 173 ? -0.198  1.442   10.197  1.00 16.33 ? 173 ILE A CD1 1 
ATOM 1378 N N   . GLN A 1 174 ? -3.097  4.704   6.736   1.00 16.92 ? 174 GLN A N   1 
ATOM 1379 C CA  . GLN A 1 174 ? -3.921  4.877   5.549   1.00 14.03 ? 174 GLN A CA  1 
ATOM 1380 C C   . GLN A 1 174 ? -3.177  5.617   4.445   1.00 13.36 ? 174 GLN A C   1 
ATOM 1381 O O   . GLN A 1 174 ? -3.460  5.405   3.268   1.00 15.15 ? 174 GLN A O   1 
ATOM 1382 C CB  . GLN A 1 174 ? -5.221  5.614   5.896   1.00 19.05 ? 174 GLN A CB  1 
ATOM 1383 C CG  . GLN A 1 174 ? -6.171  4.883   6.852   1.00 17.17 ? 174 GLN A CG  1 
ATOM 1384 C CD  . GLN A 1 174 ? -6.703  3.550   6.312   1.00 25.84 ? 174 GLN A CD  1 
ATOM 1385 O OE1 . GLN A 1 174 ? -6.713  3.297   5.098   1.00 23.98 ? 174 GLN A OE1 1 
ATOM 1386 N NE2 . GLN A 1 174 ? -7.137  2.681   7.228   1.00 25.68 ? 174 GLN A NE2 1 
ATOM 1387 N N   . LEU A 1 175 ? -2.208  6.462   4.787   1.00 16.31 ? 175 LEU A N   1 
ATOM 1388 C CA  . LEU A 1 175 ? -1.614  7.353   3.799   1.00 13.28 ? 175 LEU A CA  1 
ATOM 1389 C C   . LEU A 1 175 ? -0.332  6.813   3.185   1.00 11.06 ? 175 LEU A C   1 
ATOM 1390 O O   . LEU A 1 175 ? -0.114  6.973   1.984   1.00 11.36 ? 175 LEU A O   1 
ATOM 1391 C CB  . LEU A 1 175 ? -1.343  8.716   4.431   1.00 11.10 ? 175 LEU A CB  1 
ATOM 1392 C CG  . LEU A 1 175 ? -0.370  9.628   3.715   1.00 10.06 ? 175 LEU A CG  1 
ATOM 1393 C CD1 . LEU A 1 175 ? -1.075  10.265  2.509   1.00 12.42 ? 175 LEU A CD1 1 
ATOM 1394 C CD2 . LEU A 1 175 ? 0.115   10.688  4.682   1.00 12.07 ? 175 LEU A CD2 1 
ATOM 1395 N N   . PHE A 1 176 ? 0.525   6.173   3.973   1.00 14.13 ? 176 PHE A N   1 
ATOM 1396 C CA  . PHE A 1 176 ? 1.824   5.763   3.444   1.00 13.64 ? 176 PHE A CA  1 
ATOM 1397 C C   . PHE A 1 176 ? 1.726   4.721   2.333   1.00 13.95 ? 176 PHE A C   1 
ATOM 1398 O O   . PHE A 1 176 ? 2.412   4.894   1.310   1.00 14.21 ? 176 PHE A O   1 
ATOM 1399 C CB  . PHE A 1 176 ? 2.733   5.266   4.566   1.00 13.61 ? 176 PHE A CB  1 
ATOM 1400 C CG  . PHE A 1 176 ? 4.016   4.709   4.052   1.00 14.93 ? 176 PHE A CG  1 
ATOM 1401 C CD1 . PHE A 1 176 ? 5.002   5.558   3.574   1.00 13.64 ? 176 PHE A CD1 1 
ATOM 1402 C CD2 . PHE A 1 176 ? 4.215   3.348   3.971   1.00 14.01 ? 176 PHE A CD2 1 
ATOM 1403 C CE1 . PHE A 1 176 ? 6.173   5.053   3.055   1.00 12.57 ? 176 PHE A CE1 1 
ATOM 1404 C CE2 . PHE A 1 176 ? 5.385   2.843   3.454   1.00 14.11 ? 176 PHE A CE2 1 
ATOM 1405 C CZ  . PHE A 1 176 ? 6.366   3.707   3.000   1.00 14.04 ? 176 PHE A CZ  1 
ATOM 1406 N N   . PRO A 1 177 ? 0.942   3.626   2.458   1.00 14.75 ? 177 PRO A N   1 
ATOM 1407 C CA  . PRO A 1 177 ? 0.805   2.691   1.321   1.00 11.97 ? 177 PRO A CA  1 
ATOM 1408 C C   . PRO A 1 177 ? 0.515   3.383   -0.005  1.00 13.72 ? 177 PRO A C   1 
ATOM 1409 O O   . PRO A 1 177 ? 1.112   3.031   -1.033  1.00 11.34 ? 177 PRO A O   1 
ATOM 1410 C CB  . PRO A 1 177 ? -0.356  1.782   1.761   1.00 9.37  ? 177 PRO A CB  1 
ATOM 1411 C CG  . PRO A 1 177 ? -0.254  1.738   3.239   1.00 10.59 ? 177 PRO A CG  1 
ATOM 1412 C CD  . PRO A 1 177 ? 0.198   3.138   3.643   1.00 17.12 ? 177 PRO A CD  1 
ATOM 1413 N N   . LEU A 1 178 ? -0.359  4.390   0.006   1.00 11.48 ? 178 LEU A N   1 
ATOM 1414 C CA  . LEU A 1 178 ? -0.669  5.130   -1.214  1.00 12.54 ? 178 LEU A CA  1 
ATOM 1415 C C   . LEU A 1 178 ? 0.570   5.825   -1.775  1.00 13.01 ? 178 LEU A C   1 
ATOM 1416 O O   . LEU A 1 178 ? 0.831   5.775   -2.987  1.00 10.26 ? 178 LEU A O   1 
ATOM 1417 C CB  . LEU A 1 178 ? -1.772  6.149   -0.931  1.00 10.75 ? 178 LEU A CB  1 
ATOM 1418 C CG  . LEU A 1 178 ? -2.125  7.079   -2.081  1.00 12.65 ? 178 LEU A CG  1 
ATOM 1419 C CD1 . LEU A 1 178 ? -2.477  6.269   -3.344  1.00 8.90  ? 178 LEU A CD1 1 
ATOM 1420 C CD2 . LEU A 1 178 ? -3.246  8.075   -1.676  1.00 10.09 ? 178 LEU A CD2 1 
ATOM 1421 N N   . LEU A 1 179 ? 1.340   6.493   -0.905  1.00 10.88 ? 179 LEU A N   1 
ATOM 1422 C CA  . LEU A 1 179 ? 2.538   7.196   -1.365  1.00 13.34 ? 179 LEU A CA  1 
ATOM 1423 C C   . LEU A 1 179 ? 3.656   6.225   -1.744  1.00 11.85 ? 179 LEU A C   1 
ATOM 1424 O O   . LEU A 1 179 ? 4.435   6.493   -2.668  1.00 10.36 ? 179 LEU A O   1 
ATOM 1425 C CB  . LEU A 1 179 ? 3.033   8.166   -0.296  1.00 9.68  ? 179 LEU A CB  1 
ATOM 1426 C CG  . LEU A 1 179 ? 2.037   9.138   0.317   1.00 10.39 ? 179 LEU A CG  1 
ATOM 1427 C CD1 . LEU A 1 179 ? 2.747   9.954   1.413   1.00 9.04  ? 179 LEU A CD1 1 
ATOM 1428 C CD2 . LEU A 1 179 ? 1.426   10.030  -0.750  1.00 5.96  ? 179 LEU A CD2 1 
ATOM 1429 N N   . ARG A 1 180 ? 3.798   5.135   -0.994  1.00 10.71 ? 180 ARG A N   1 
ATOM 1430 C CA  . ARG A 1 180 ? 4.647   4.041   -1.440  1.00 13.63 ? 180 ARG A CA  1 
ATOM 1431 C C   . ARG A 1 180 ? 4.344   3.689   -2.892  1.00 12.89 ? 180 ARG A C   1 
ATOM 1432 O O   . ARG A 1 180 ? 5.215   3.762   -3.765  1.00 14.75 ? 180 ARG A O   1 
ATOM 1433 C CB  . ARG A 1 180 ? 4.442   2.821   -0.532  1.00 16.22 ? 180 ARG A CB  1 
ATOM 1434 C CG  . ARG A 1 180 ? 5.531   1.745   -0.639  1.00 15.88 ? 180 ARG A CG  1 
ATOM 1435 C CD  . ARG A 1 180 ? 5.297   0.820   -1.801  1.00 11.22 ? 180 ARG A CD  1 
ATOM 1436 N NE  . ARG A 1 180 ? 6.063   -0.405  -1.655  1.00 14.36 ? 180 ARG A NE  1 
ATOM 1437 C CZ  . ARG A 1 180 ? 5.663   -1.595  -2.091  1.00 17.07 ? 180 ARG A CZ  1 
ATOM 1438 N NH1 . ARG A 1 180 ? 4.496   -1.727  -2.730  1.00 12.36 ? 180 ARG A NH1 1 
ATOM 1439 N NH2 . ARG A 1 180 ? 6.429   -2.650  -1.884  1.00 13.24 ? 180 ARG A NH2 1 
ATOM 1440 N N   . ASN A 1 181 ? 3.100   3.314   -3.167  1.00 11.59 ? 181 ASN A N   1 
ATOM 1441 C CA  . ASN A 1 181 ? 2.772   2.815   -4.500  1.00 12.12 ? 181 ASN A CA  1 
ATOM 1442 C C   . ASN A 1 181 ? 2.895   3.894   -5.559  1.00 14.89 ? 181 ASN A C   1 
ATOM 1443 O O   . ASN A 1 181 ? 3.289   3.592   -6.694  1.00 16.16 ? 181 ASN A O   1 
ATOM 1444 C CB  . ASN A 1 181 ? 1.375   2.210   -4.503  1.00 7.86  ? 181 ASN A CB  1 
ATOM 1445 C CG  . ASN A 1 181 ? 1.351   0.869   -3.826  1.00 10.66 ? 181 ASN A CG  1 
ATOM 1446 O OD1 . ASN A 1 181 ? 2.384   0.218   -3.731  1.00 14.32 ? 181 ASN A OD1 1 
ATOM 1447 N ND2 . ASN A 1 181 ? 0.189   0.443   -3.347  1.00 13.03 ? 181 ASN A ND2 1 
ATOM 1448 N N   . LEU A 1 182 ? 2.580   5.150   -5.214  1.00 13.96 ? 182 LEU A N   1 
ATOM 1449 C CA  . LEU A 1 182 ? 2.701   6.234   -6.182  1.00 10.46 ? 182 LEU A CA  1 
ATOM 1450 C C   . LEU A 1 182 ? 4.142   6.455   -6.617  1.00 11.94 ? 182 LEU A C   1 
ATOM 1451 O O   . LEU A 1 182 ? 4.363   7.092   -7.650  1.00 14.82 ? 182 LEU A O   1 
ATOM 1452 C CB  . LEU A 1 182 ? 2.126   7.543   -5.618  1.00 8.76  ? 182 LEU A CB  1 
ATOM 1453 C CG  . LEU A 1 182 ? 0.614   7.699   -5.718  1.00 9.36  ? 182 LEU A CG  1 
ATOM 1454 C CD1 . LEU A 1 182 ? 0.128   8.871   -4.870  1.00 10.81 ? 182 LEU A CD1 1 
ATOM 1455 C CD2 . LEU A 1 182 ? 0.168   7.864   -7.156  1.00 9.25  ? 182 LEU A CD2 1 
ATOM 1456 N N   . THR A 1 183 ? 5.133   5.963   -5.864  1.00 7.65  ? 183 THR A N   1 
ATOM 1457 C CA  . THR A 1 183 ? 6.489   6.086   -6.391  1.00 9.21  ? 183 THR A CA  1 
ATOM 1458 C C   . THR A 1 183 ? 6.749   5.152   -7.571  1.00 12.24 ? 183 THR A C   1 
ATOM 1459 O O   . THR A 1 183 ? 7.858   5.172   -8.113  1.00 16.69 ? 183 THR A O   1 
ATOM 1460 C CB  . THR A 1 183 ? 7.559   5.860   -5.299  1.00 13.85 ? 183 THR A CB  1 
ATOM 1461 O OG1 . THR A 1 183 ? 7.562   4.493   -4.839  1.00 17.15 ? 183 THR A OG1 1 
ATOM 1462 C CG2 . THR A 1 183 ? 7.344   6.803   -4.137  1.00 8.93  ? 183 THR A CG2 1 
ATOM 1463 N N   . LEU A 1 184 ? 5.769   4.350   -7.991  1.00 12.53 ? 184 LEU A N   1 
ATOM 1464 C CA  . LEU A 1 184 ? 5.858   3.633   -9.259  1.00 13.15 ? 184 LEU A CA  1 
ATOM 1465 C C   . LEU A 1 184 ? 5.529   4.520   -10.456 1.00 15.71 ? 184 LEU A C   1 
ATOM 1466 O O   . LEU A 1 184 ? 5.784   4.117   -11.598 1.00 14.74 ? 184 LEU A O   1 
ATOM 1467 C CB  . LEU A 1 184 ? 4.922   2.418   -9.235  1.00 11.12 ? 184 LEU A CB  1 
ATOM 1468 C CG  . LEU A 1 184 ? 4.947   1.339   -10.327 1.00 12.89 ? 184 LEU A CG  1 
ATOM 1469 C CD1 . LEU A 1 184 ? 6.311   0.627   -10.442 1.00 9.92  ? 184 LEU A CD1 1 
ATOM 1470 C CD2 . LEU A 1 184 ? 3.819   0.342   -10.079 1.00 9.67  ? 184 LEU A CD2 1 
ATOM 1471 N N   . VAL A 1 185 ? 4.986   5.712   -10.220 1.00 12.81 ? 185 VAL A N   1 
ATOM 1472 C CA  . VAL A 1 185 ? 4.506   6.602   -11.271 1.00 16.88 ? 185 VAL A CA  1 
ATOM 1473 C C   . VAL A 1 185 ? 5.629   7.591   -11.580 1.00 18.81 ? 185 VAL A C   1 
ATOM 1474 O O   . VAL A 1 185 ? 5.833   8.575   -10.851 1.00 14.88 ? 185 VAL A O   1 
ATOM 1475 C CB  . VAL A 1 185 ? 3.219   7.325   -10.854 1.00 16.05 ? 185 VAL A CB  1 
ATOM 1476 C CG1 . VAL A 1 185 ? 2.676   8.188   -12.003 1.00 15.95 ? 185 VAL A CG1 1 
ATOM 1477 C CG2 . VAL A 1 185 ? 2.176   6.325   -10.394 1.00 15.38 ? 185 VAL A CG2 1 
ATOM 1478 N N   . ALA A 1 186 ? 6.342   7.351   -12.681 1.00 16.95 ? 186 ALA A N   1 
ATOM 1479 C CA  . ALA A 1 186 ? 7.359   8.296   -13.124 1.00 15.93 ? 186 ALA A CA  1 
ATOM 1480 C C   . ALA A 1 186 ? 6.715   9.617   -13.522 1.00 14.34 ? 186 ALA A C   1 
ATOM 1481 O O   . ALA A 1 186 ? 5.640   9.647   -14.127 1.00 15.32 ? 186 ALA A O   1 
ATOM 1482 C CB  . ALA A 1 186 ? 8.148   7.728   -14.298 1.00 15.80 ? 186 ALA A CB  1 
ATOM 1483 N N   . GLY A 1 187 ? 7.363   10.717  -13.157 1.00 13.89 ? 187 GLY A N   1 
ATOM 1484 C CA  . GLY A 1 187 ? 6.918   12.040  -13.551 1.00 15.56 ? 187 GLY A CA  1 
ATOM 1485 C C   . GLY A 1 187 ? 6.313   12.879  -12.440 1.00 16.62 ? 187 GLY A C   1 
ATOM 1486 O O   . GLY A 1 187 ? 6.125   14.086  -12.636 1.00 15.12 ? 187 GLY A O   1 
ATOM 1487 N N   . ILE A 1 188 ? 6.000   12.289  -11.285 1.00 18.66 ? 188 ILE A N   1 
ATOM 1488 C CA  . ILE A 1 188 ? 5.339   13.033  -10.221 1.00 12.52 ? 188 ILE A CA  1 
ATOM 1489 C C   . ILE A 1 188 ? 6.280   14.103  -9.701  1.00 14.61 ? 188 ILE A C   1 
ATOM 1490 O O   . ILE A 1 188 ? 7.483   13.875  -9.547  1.00 16.15 ? 188 ILE A O   1 
ATOM 1491 C CB  . ILE A 1 188 ? 4.902   12.084  -9.094  1.00 13.72 ? 188 ILE A CB  1 
ATOM 1492 C CG1 . ILE A 1 188 ? 3.745   11.187  -9.557  1.00 13.43 ? 188 ILE A CG1 1 
ATOM 1493 C CG2 . ILE A 1 188 ? 4.492   12.874  -7.857  1.00 11.04 ? 188 ILE A CG2 1 
ATOM 1494 C CD1 . ILE A 1 188 ? 3.187   10.290  -8.449  1.00 9.79  ? 188 ILE A CD1 1 
ATOM 1495 N N   . ASN A 1 189 ? 5.745   15.290  -9.470  1.00 18.32 ? 189 ASN A N   1 
ATOM 1496 C CA  . ASN A 1 189 ? 6.471   16.344  -8.774  1.00 16.08 ? 189 ASN A CA  1 
ATOM 1497 C C   . ASN A 1 189 ? 6.181   16.165  -7.292  1.00 13.08 ? 189 ASN A C   1 
ATOM 1498 O O   . ASN A 1 189 ? 5.070   16.451  -6.840  1.00 17.95 ? 189 ASN A O   1 
ATOM 1499 C CB  . ASN A 1 189 ? 6.031   17.717  -9.277  1.00 19.97 ? 189 ASN A CB  1 
ATOM 1500 C CG  . ASN A 1 189 ? 6.904   18.845  -8.761  1.00 22.77 ? 189 ASN A CG  1 
ATOM 1501 O OD1 . ASN A 1 189 ? 7.678   18.680  -7.825  1.00 19.65 ? 189 ASN A OD1 1 
ATOM 1502 N ND2 . ASN A 1 189 ? 6.777   20.009  -9.384  1.00 27.45 ? 189 ASN A ND2 1 
ATOM 1503 N N   . TRP A 1 190 ? 7.170   15.664  -6.547  1.00 12.59 ? 190 TRP A N   1 
ATOM 1504 C CA  . TRP A 1 190 ? 7.020   15.374  -5.128  1.00 13.79 ? 190 TRP A CA  1 
ATOM 1505 C C   . TRP A 1 190 ? 7.422   16.592  -4.306  1.00 14.47 ? 190 TRP A C   1 
ATOM 1506 O O   . TRP A 1 190 ? 8.614   16.932  -4.271  1.00 12.82 ? 190 TRP A O   1 
ATOM 1507 C CB  . TRP A 1 190 ? 7.886   14.184  -4.731  1.00 9.95  ? 190 TRP A CB  1 
ATOM 1508 C CG  . TRP A 1 190 ? 7.360   12.872  -5.177  1.00 14.65 ? 190 TRP A CG  1 
ATOM 1509 C CD1 . TRP A 1 190 ? 7.601   12.260  -6.377  1.00 9.78  ? 190 TRP A CD1 1 
ATOM 1510 C CD2 . TRP A 1 190 ? 6.499   11.987  -4.435  1.00 12.88 ? 190 TRP A CD2 1 
ATOM 1511 N NE1 . TRP A 1 190 ? 6.945   11.057  -6.425  1.00 17.01 ? 190 TRP A NE1 1 
ATOM 1512 C CE2 . TRP A 1 190 ? 6.265   10.860  -5.251  1.00 12.46 ? 190 TRP A CE2 1 
ATOM 1513 C CE3 . TRP A 1 190 ? 5.911   12.039  -3.164  1.00 10.96 ? 190 TRP A CE3 1 
ATOM 1514 C CZ2 . TRP A 1 190 ? 5.467   9.793   -4.842  1.00 10.50 ? 190 TRP A CZ2 1 
ATOM 1515 C CZ3 . TRP A 1 190 ? 5.137   10.981  -2.747  1.00 10.91 ? 190 TRP A CZ3 1 
ATOM 1516 C CH2 . TRP A 1 190 ? 4.917   9.864   -3.587  1.00 13.32 ? 190 TRP A CH2 1 
ATOM 1517 N N   . PRO A 1 191 ? 6.493   17.241  -3.607  1.00 12.84 ? 191 PRO A N   1 
ATOM 1518 C CA  . PRO A 1 191 ? 6.861   18.350  -2.712  1.00 15.73 ? 191 PRO A CA  1 
ATOM 1519 C C   . PRO A 1 191 ? 7.702   17.889  -1.525  1.00 15.75 ? 191 PRO A C   1 
ATOM 1520 O O   . PRO A 1 191 ? 7.669   16.729  -1.109  1.00 13.80 ? 191 PRO A O   1 
ATOM 1521 C CB  . PRO A 1 191 ? 5.511   18.904  -2.242  1.00 18.02 ? 191 PRO A CB  1 
ATOM 1522 C CG  . PRO A 1 191 ? 4.461   18.198  -3.086  1.00 15.87 ? 191 PRO A CG  1 
ATOM 1523 C CD  . PRO A 1 191 ? 5.057   16.938  -3.588  1.00 11.50 ? 191 PRO A CD  1 
ATOM 1524 N N   . SER A 1 192 ? 8.424   18.860  -0.947  1.00 17.86 ? 192 SER A N   1 
ATOM 1525 C CA  . SER A 1 192 ? 9.524   18.573  -0.021  1.00 20.01 ? 192 SER A CA  1 
ATOM 1526 C C   . SER A 1 192 ? 9.070   17.779  1.203   1.00 17.29 ? 192 SER A C   1 
ATOM 1527 O O   . SER A 1 192 ? 9.682   16.765  1.557   1.00 17.05 ? 192 SER A O   1 
ATOM 1528 C CB  . SER A 1 192 ? 10.191  19.884  0.426   1.00 20.77 ? 192 SER A CB  1 
ATOM 1529 O OG  . SER A 1 192 ? 11.018  20.418  -0.596  1.00 25.73 ? 192 SER A OG  1 
ATOM 1530 N N   . ARG A 1 193 ? 8.030   18.245  1.888   1.00 15.78 ? 193 ARG A N   1 
ATOM 1531 C CA  . ARG A 1 193 ? 7.620   17.555  3.107   1.00 18.67 ? 193 ARG A CA  1 
ATOM 1532 C C   . ARG A 1 193 ? 7.005   16.200  2.785   1.00 17.29 ? 193 ARG A C   1 
ATOM 1533 O O   . ARG A 1 193 ? 7.245   15.224  3.502   1.00 16.90 ? 193 ARG A O   1 
ATOM 1534 C CB  . ARG A 1 193 ? 6.644   18.417  3.911   1.00 19.01 ? 193 ARG A CB  1 
ATOM 1535 C CG  . ARG A 1 193 ? 7.038   19.874  3.992   1.00 17.08 ? 193 ARG A CG  1 
ATOM 1536 C CD  . ARG A 1 193 ? 7.253   20.252  5.416   1.00 25.15 ? 193 ARG A CD  1 
ATOM 1537 N NE  . ARG A 1 193 ? 6.019   20.045  6.169   1.00 32.66 ? 193 ARG A NE  1 
ATOM 1538 C CZ  . ARG A 1 193 ? 5.047   20.951  6.296   1.00 34.92 ? 193 ARG A CZ  1 
ATOM 1539 N NH1 . ARG A 1 193 ? 3.958   20.655  7.003   1.00 23.19 ? 193 ARG A NH1 1 
ATOM 1540 N NH2 . ARG A 1 193 ? 5.157   22.154  5.725   1.00 35.69 ? 193 ARG A NH2 1 
ATOM 1541 N N   . VAL A 1 194 ? 6.218   16.111  1.708   1.00 16.50 ? 194 VAL A N   1 
ATOM 1542 C CA  . VAL A 1 194 ? 5.701   14.803  1.321   1.00 16.15 ? 194 VAL A CA  1 
ATOM 1543 C C   . VAL A 1 194 ? 6.856   13.849  1.076   1.00 13.93 ? 194 VAL A C   1 
ATOM 1544 O O   . VAL A 1 194 ? 6.852   12.712  1.552   1.00 11.42 ? 194 VAL A O   1 
ATOM 1545 C CB  . VAL A 1 194 ? 4.791   14.904  0.086   1.00 12.60 ? 194 VAL A CB  1 
ATOM 1546 C CG1 . VAL A 1 194 ? 4.271   13.511  -0.278  1.00 9.75  ? 194 VAL A CG1 1 
ATOM 1547 C CG2 . VAL A 1 194 ? 3.643   15.844  0.348   1.00 13.71 ? 194 VAL A CG2 1 
ATOM 1548 N N   . ALA A 1 195 ? 7.881   14.325  0.369   1.00 12.62 ? 195 ALA A N   1 
ATOM 1549 C CA  . ALA A 1 195 ? 9.046   13.510  0.069   1.00 13.95 ? 195 ALA A CA  1 
ATOM 1550 C C   . ALA A 1 195 ? 9.791   13.104  1.334   1.00 15.07 ? 195 ALA A C   1 
ATOM 1551 O O   . ALA A 1 195 ? 10.252  11.965  1.444   1.00 21.28 ? 195 ALA A O   1 
ATOM 1552 C CB  . ALA A 1 195 ? 9.966   14.271  -0.882  1.00 12.68 ? 195 ALA A CB  1 
ATOM 1553 N N   . ASP A 1 196 ? 9.935   14.023  2.296   1.00 19.09 ? 196 ASP A N   1 
ATOM 1554 C CA  . ASP A 1 196 ? 10.571  13.675  3.568   1.00 14.61 ? 196 ASP A CA  1 
ATOM 1555 C C   . ASP A 1 196 ? 9.760   12.634  4.316   1.00 13.25 ? 196 ASP A C   1 
ATOM 1556 O O   . ASP A 1 196 ? 10.313  11.682  4.870   1.00 12.92 ? 196 ASP A O   1 
ATOM 1557 C CB  . ASP A 1 196 ? 10.727  14.913  4.447   1.00 17.13 ? 196 ASP A CB  1 
ATOM 1558 C CG  . ASP A 1 196 ? 11.737  15.883  3.911   1.00 22.71 ? 196 ASP A CG  1 
ATOM 1559 O OD1 . ASP A 1 196 ? 12.484  15.516  2.984   1.00 31.67 ? 196 ASP A OD1 1 
ATOM 1560 O OD2 . ASP A 1 196 ? 11.767  17.023  4.404   1.00 26.96 ? 196 ASP A OD2 1 
ATOM 1561 N N   . TYR A 1 197 ? 8.443   12.832  4.384   1.00 12.31 ? 197 TYR A N   1 
ATOM 1562 C CA  . TYR A 1 197 ? 7.590   11.876  5.070   1.00 13.62 ? 197 TYR A CA  1 
ATOM 1563 C C   . TYR A 1 197 ? 7.627   10.520  4.370   1.00 16.74 ? 197 TYR A C   1 
ATOM 1564 O O   . TYR A 1 197 ? 7.760   9.473   5.019   1.00 16.90 ? 197 TYR A O   1 
ATOM 1565 C CB  . TYR A 1 197 ? 6.165   12.416  5.138   1.00 14.20 ? 197 TYR A CB  1 
ATOM 1566 C CG  . TYR A 1 197 ? 5.153   11.405  5.642   1.00 15.18 ? 197 TYR A CG  1 
ATOM 1567 C CD1 . TYR A 1 197 ? 4.962   11.213  7.005   1.00 11.88 ? 197 TYR A CD1 1 
ATOM 1568 C CD2 . TYR A 1 197 ? 4.373   10.662  4.756   1.00 10.90 ? 197 TYR A CD2 1 
ATOM 1569 C CE1 . TYR A 1 197 ? 4.041   10.300  7.476   1.00 12.59 ? 197 TYR A CE1 1 
ATOM 1570 C CE2 . TYR A 1 197 ? 3.456   9.735   5.220   1.00 11.26 ? 197 TYR A CE2 1 
ATOM 1571 C CZ  . TYR A 1 197 ? 3.291   9.554   6.583   1.00 14.01 ? 197 TYR A CZ  1 
ATOM 1572 O OH  . TYR A 1 197 ? 2.366   8.646   7.074   1.00 12.30 ? 197 TYR A OH  1 
ATOM 1573 N N   . ARG A 1 198 ? 7.529   10.532  3.036   1.00 12.26 ? 198 ARG A N   1 
ATOM 1574 C CA  . ARG A 1 198 ? 7.612   9.305   2.255   1.00 15.76 ? 198 ARG A CA  1 
ATOM 1575 C C   . ARG A 1 198 ? 8.894   8.529   2.574   1.00 16.73 ? 198 ARG A C   1 
ATOM 1576 O O   . ARG A 1 198 ? 8.851   7.327   2.865   1.00 12.22 ? 198 ARG A O   1 
ATOM 1577 C CB  . ARG A 1 198 ? 7.517   9.656   0.768   1.00 15.82 ? 198 ARG A CB  1 
ATOM 1578 C CG  . ARG A 1 198 ? 7.722   8.502   -0.215  1.00 16.47 ? 198 ARG A CG  1 
ATOM 1579 C CD  . ARG A 1 198 ? 8.282   9.030   -1.546  1.00 15.41 ? 198 ARG A CD  1 
ATOM 1580 N NE  . ARG A 1 198 ? 9.601   9.626   -1.347  1.00 16.48 ? 198 ARG A NE  1 
ATOM 1581 C CZ  . ARG A 1 198 ? 10.154  10.543  -2.131  1.00 16.26 ? 198 ARG A CZ  1 
ATOM 1582 N NH1 . ARG A 1 198 ? 11.360  11.010  -1.839  1.00 12.44 ? 198 ARG A NH1 1 
ATOM 1583 N NH2 . ARG A 1 198 ? 9.507   10.999  -3.194  1.00 14.57 ? 198 ARG A NH2 1 
ATOM 1584 N N   . ASP A 1 199 ? 10.044  9.215   2.562   1.00 12.59 ? 199 ASP A N   1 
ATOM 1585 C CA  . ASP A 1 199 ? 11.308  8.526   2.796   1.00 14.95 ? 199 ASP A CA  1 
ATOM 1586 C C   . ASP A 1 199 ? 11.465  8.121   4.258   1.00 17.63 ? 199 ASP A C   1 
ATOM 1587 O O   . ASP A 1 199 ? 11.958  7.028   4.546   1.00 14.94 ? 199 ASP A O   1 
ATOM 1588 C CB  . ASP A 1 199 ? 12.485  9.399   2.371   1.00 17.20 ? 199 ASP A CB  1 
ATOM 1589 C CG  . ASP A 1 199 ? 12.487  9.696   0.893   1.00 21.92 ? 199 ASP A CG  1 
ATOM 1590 O OD1 . ASP A 1 199 ? 11.848  8.931   0.146   1.00 20.75 ? 199 ASP A OD1 1 
ATOM 1591 O OD2 . ASP A 1 199 ? 13.127  10.694  0.484   1.00 27.99 ? 199 ASP A OD2 1 
ATOM 1592 N N   . ASN A 1 200 ? 11.073  8.996   5.192   1.00 12.79 ? 200 ASN A N   1 
ATOM 1593 C CA  . ASN A 1 200 ? 11.174  8.665   6.612   1.00 15.03 ? 200 ASN A CA  1 
ATOM 1594 C C   . ASN A 1 200 ? 10.292  7.469   6.961   1.00 18.58 ? 200 ASN A C   1 
ATOM 1595 O O   . ASN A 1 200 ? 10.752  6.506   7.591   1.00 19.77 ? 200 ASN A O   1 
ATOM 1596 C CB  . ASN A 1 200 ? 10.809  9.888   7.462   1.00 15.28 ? 200 ASN A CB  1 
ATOM 1597 C CG  . ASN A 1 200 ? 11.115  9.698   8.949   1.00 17.40 ? 200 ASN A CG  1 
ATOM 1598 O OD1 . ASN A 1 200 ? 10.724  8.708   9.552   1.00 22.16 ? 200 ASN A OD1 1 
ATOM 1599 N ND2 . ASN A 1 200 ? 11.783  10.674  9.546   1.00 13.71 ? 200 ASN A ND2 1 
ATOM 1600 N N   . MET A 1 201 ? 9.022   7.497   6.538   1.00 18.78 ? 201 MET A N   1 
ATOM 1601 C CA  . MET A 1 201 ? 8.120   6.402   6.898   1.00 18.27 ? 201 MET A CA  1 
ATOM 1602 C C   . MET A 1 201 ? 8.541   5.082   6.257   1.00 16.11 ? 201 MET A C   1 
ATOM 1603 O O   . MET A 1 201 ? 8.336   4.021   6.857   1.00 15.56 ? 201 MET A O   1 
ATOM 1604 C CB  . MET A 1 201 ? 6.671   6.758   6.531   1.00 15.35 ? 201 MET A CB  1 
ATOM 1605 C CG  . MET A 1 201 ? 5.608   5.816   7.138   1.00 15.97 ? 201 MET A CG  1 
ATOM 1606 S SD  . MET A 1 201 ? 5.383   6.009   8.936   1.00 23.72 ? 201 MET A SD  1 
ATOM 1607 C CE  . MET A 1 201 ? 5.674   7.754   9.082   1.00 10.37 ? 201 MET A CE  1 
ATOM 1608 N N   . ALA A 1 202 ? 9.136   5.124   5.057   1.00 14.92 ? 202 ALA A N   1 
ATOM 1609 C CA  . ALA A 1 202 ? 9.674   3.909   4.437   1.00 16.66 ? 202 ALA A CA  1 
ATOM 1610 C C   . ALA A 1 202 ? 10.855  3.343   5.223   1.00 17.22 ? 202 ALA A C   1 
ATOM 1611 O O   . ALA A 1 202 ? 11.016  2.117   5.324   1.00 17.21 ? 202 ALA A O   1 
ATOM 1612 C CB  . ALA A 1 202 ? 10.110  4.196   2.996   1.00 18.07 ? 202 ALA A CB  1 
ATOM 1613 N N   . LYS A 1 203 ? 11.706  4.219   5.765   1.00 18.15 ? 203 LYS A N   1 
ATOM 1614 C CA  . LYS A 1 203 ? 12.803  3.742   6.600   1.00 21.91 ? 203 LYS A CA  1 
ATOM 1615 C C   . LYS A 1 203 ? 12.269  3.154   7.901   1.00 21.40 ? 203 LYS A C   1 
ATOM 1616 O O   . LYS A 1 203 ? 12.710  2.080   8.326   1.00 20.82 ? 203 LYS A O   1 
ATOM 1617 C CB  . LYS A 1 203 ? 13.807  4.872   6.858   1.00 21.54 ? 203 LYS A CB  1 
ATOM 1618 C CG  . LYS A 1 203 ? 14.910  4.550   7.883   1.00 32.43 ? 203 LYS A CG  1 
ATOM 1619 C CD  . LYS A 1 203 ? 16.330  4.678   7.293   1.00 45.68 ? 203 LYS A CD  1 
ATOM 1620 C CE  . LYS A 1 203 ? 17.433  4.148   8.244   1.00 34.06 ? 203 LYS A CE  1 
ATOM 1621 N NZ  . LYS A 1 203 ? 17.760  2.693   8.055   1.00 32.37 ? 203 LYS A NZ  1 
ATOM 1622 N N   . GLN A 1 204 ? 11.290  3.821   8.524   1.00 18.29 ? 204 GLN A N   1 
ATOM 1623 C CA  . GLN A 1 204 ? 10.697  3.308   9.761   1.00 18.40 ? 204 GLN A CA  1 
ATOM 1624 C C   . GLN A 1 204 ? 9.985   1.980   9.534   1.00 19.11 ? 204 GLN A C   1 
ATOM 1625 O O   . GLN A 1 204 ? 10.132  1.044   10.320  1.00 16.49 ? 204 GLN A O   1 
ATOM 1626 C CB  . GLN A 1 204 ? 9.688   4.301   10.328  1.00 19.81 ? 204 GLN A CB  1 
ATOM 1627 C CG  . GLN A 1 204 ? 10.201  5.551   11.001  1.00 18.78 ? 204 GLN A CG  1 
ATOM 1628 C CD  . GLN A 1 204 ? 9.024   6.391   11.451  1.00 25.42 ? 204 GLN A CD  1 
ATOM 1629 O OE1 . GLN A 1 204 ? 8.300   6.030   12.387  1.00 26.60 ? 204 GLN A OE1 1 
ATOM 1630 N NE2 . GLN A 1 204 ? 8.781   7.479   10.744  1.00 24.19 ? 204 GLN A NE2 1 
ATOM 1631 N N   . THR A 1 205 ? 9.152   1.901   8.496   1.00 18.49 ? 205 THR A N   1 
ATOM 1632 C CA  . THR A 1 205 ? 8.321   0.719   8.294   1.00 19.06 ? 205 THR A CA  1 
ATOM 1633 C C   . THR A 1 205 ? 9.070   -0.442  7.676   1.00 16.96 ? 205 THR A C   1 
ATOM 1634 O O   . THR A 1 205 ? 8.517   -1.543  7.620   1.00 18.14 ? 205 THR A O   1 
ATOM 1635 C CB  . THR A 1 205 ? 7.125   1.039   7.402   1.00 18.73 ? 205 THR A CB  1 
ATOM 1636 O OG1 . THR A 1 205 ? 7.592   1.584   6.158   1.00 17.00 ? 205 THR A OG1 1 
ATOM 1637 C CG2 . THR A 1 205 ? 6.190   2.031   8.113   1.00 18.68 ? 205 THR A CG2 1 
ATOM 1638 N N   . GLN A 1 206 ? 10.297  -0.225  7.202   1.00 21.28 ? 206 GLN A N   1 
ATOM 1639 C CA  . GLN A 1 206 ? 11.086  -1.269  6.549   1.00 18.58 ? 206 GLN A CA  1 
ATOM 1640 C C   . GLN A 1 206 ? 10.427  -1.740  5.248   1.00 18.87 ? 206 GLN A C   1 
ATOM 1641 O O   . GLN A 1 206 ? 10.561  -2.892  4.845   1.00 16.40 ? 206 GLN A O   1 
ATOM 1642 C CB  . GLN A 1 206 ? 11.345  -2.435  7.513   1.00 16.61 ? 206 GLN A CB  1 
ATOM 1643 C CG  . GLN A 1 206 ? 11.871  -1.964  8.889   1.00 24.23 ? 206 GLN A CG  1 
ATOM 1644 C CD  . GLN A 1 206 ? 12.496  -3.085  9.719   1.00 25.55 ? 206 GLN A CD  1 
ATOM 1645 O OE1 . GLN A 1 206 ? 13.173  -3.966  9.186   1.00 30.18 ? 206 GLN A OE1 1 
ATOM 1646 N NE2 . GLN A 1 206 ? 12.235  -3.074  11.029  1.00 22.78 ? 206 GLN A NE2 1 
ATOM 1647 N N   . ILE A 1 207 ? 9.730   -0.830  4.570   1.00 19.12 ? 207 ILE A N   1 
ATOM 1648 C CA  . ILE A 1 207 ? 9.049   -1.100  3.318   1.00 14.60 ? 207 ILE A CA  1 
ATOM 1649 C C   . ILE A 1 207 ? 9.776   -0.350  2.209   1.00 16.47 ? 207 ILE A C   1 
ATOM 1650 O O   . ILE A 1 207 ? 10.122  0.825   2.375   1.00 15.10 ? 207 ILE A O   1 
ATOM 1651 C CB  . ILE A 1 207 ? 7.571   -0.685  3.412   1.00 17.36 ? 207 ILE A CB  1 
ATOM 1652 C CG1 . ILE A 1 207 ? 6.758   -1.814  4.052   1.00 16.74 ? 207 ILE A CG1 1 
ATOM 1653 C CG2 . ILE A 1 207 ? 7.020   -0.319  2.043   1.00 16.96 ? 207 ILE A CG2 1 
ATOM 1654 C CD1 . ILE A 1 207 ? 5.460   -1.342  4.685   1.00 17.14 ? 207 ILE A CD1 1 
ATOM 1655 N N   . ASN A 1 208 ? 10.010  -1.016  1.077   1.00 16.76 ? 208 ASN A N   1 
ATOM 1656 C CA  . ASN A 1 208 ? 10.764  -0.361  0.010   1.00 17.07 ? 208 ASN A CA  1 
ATOM 1657 C C   . ASN A 1 208 ? 9.860   0.551   -0.825  1.00 16.30 ? 208 ASN A C   1 
ATOM 1658 O O   . ASN A 1 208 ? 8.666   0.296   -0.985  1.00 16.69 ? 208 ASN A O   1 
ATOM 1659 C CB  . ASN A 1 208 ? 11.439  -1.395  -0.892  1.00 17.84 ? 208 ASN A CB  1 
ATOM 1660 C CG  . ASN A 1 208 ? 10.447  -2.181  -1.736  1.00 20.36 ? 208 ASN A CG  1 
ATOM 1661 O OD1 . ASN A 1 208 ? 9.462   -2.700  -1.226  1.00 23.17 ? 208 ASN A OD1 1 
ATOM 1662 N ND2 . ASN A 1 208 ? 10.710  -2.274  -3.030  1.00 15.73 ? 208 ASN A ND2 1 
ATOM 1663 N N   . LEU A 1 209 ? 10.440  1.634   -1.334  1.00 12.79 ? 209 LEU A N   1 
ATOM 1664 C CA  . LEU A 1 209 ? 9.792   2.414   -2.376  1.00 17.27 ? 209 LEU A CA  1 
ATOM 1665 C C   . LEU A 1 209 ? 10.095  1.800   -3.741  1.00 22.10 ? 209 LEU A C   1 
ATOM 1666 O O   . LEU A 1 209 ? 10.938  0.906   -3.878  1.00 18.71 ? 209 LEU A O   1 
ATOM 1667 C CB  . LEU A 1 209 ? 10.243  3.875   -2.338  1.00 14.51 ? 209 LEU A CB  1 
ATOM 1668 C CG  . LEU A 1 209 ? 10.114  4.598   -0.999  1.00 16.86 ? 209 LEU A CG  1 
ATOM 1669 C CD1 . LEU A 1 209 ? 10.653  6.032   -1.125  1.00 15.54 ? 209 LEU A CD1 1 
ATOM 1670 C CD2 . LEU A 1 209 ? 8.655   4.569   -0.519  1.00 11.29 ? 209 LEU A CD2 1 
ATOM 1671 N N   . LEU A 1 210 ? 9.389   2.288   -4.768  1.00 18.66 ? 210 LEU A N   1 
ATOM 1672 C CA  . LEU A 1 210 ? 9.413   1.660   -6.085  1.00 18.19 ? 210 LEU A CA  1 
ATOM 1673 C C   . LEU A 1 210 ? 10.104  2.522   -7.136  1.00 17.15 ? 210 LEU A C   1 
ATOM 1674 O O   . LEU A 1 210 ? 9.935   2.286   -8.338  1.00 19.74 ? 210 LEU A O   1 
ATOM 1675 C CB  . LEU A 1 210 ? 7.989   1.321   -6.521  1.00 14.06 ? 210 LEU A CB  1 
ATOM 1676 C CG  . LEU A 1 210 ? 7.218   0.489   -5.504  1.00 12.43 ? 210 LEU A CG  1 
ATOM 1677 C CD1 . LEU A 1 210 ? 5.738   0.551   -5.803  1.00 11.87 ? 210 LEU A CD1 1 
ATOM 1678 C CD2 . LEU A 1 210 ? 7.718   -0.966  -5.476  1.00 11.58 ? 210 LEU A CD2 1 
ATOM 1679 N N   . SER A 1 211 ? 10.896  3.498   -6.704  1.00 17.26 ? 211 SER A N   1 
ATOM 1680 C CA  . SER A 1 211 ? 11.420  4.498   -7.627  1.00 20.65 ? 211 SER A CA  1 
ATOM 1681 C C   . SER A 1 211 ? 12.256  3.870   -8.727  1.00 19.97 ? 211 SER A C   1 
ATOM 1682 O O   . SER A 1 211 ? 12.194  4.307   -9.882  1.00 22.95 ? 211 SER A O   1 
ATOM 1683 C CB  . SER A 1 211 ? 12.240  5.528   -6.854  1.00 21.98 ? 211 SER A CB  1 
ATOM 1684 O OG  . SER A 1 211 ? 11.412  6.614   -6.508  1.00 30.69 ? 211 SER A OG  1 
ATOM 1685 N N   . SER A 1 212 ? 13.052  2.853   -8.388  1.00 22.75 ? 212 SER A N   1 
ATOM 1686 C CA  . SER A 1 212 ? 13.921  2.202   -9.367  1.00 25.04 ? 212 SER A CA  1 
ATOM 1687 C C   . SER A 1 212 ? 13.158  1.553   -10.511 1.00 18.71 ? 212 SER A C   1 
ATOM 1688 O O   . SER A 1 212 ? 13.736  1.382   -11.583 1.00 24.73 ? 212 SER A O   1 
ATOM 1689 C CB  . SER A 1 212 ? 14.790  1.140   -8.692  1.00 20.37 ? 212 SER A CB  1 
ATOM 1690 O OG  . SER A 1 212 ? 13.987  0.182   -8.020  1.00 23.82 ? 212 SER A OG  1 
ATOM 1691 N N   . MET A 1 213 ? 11.890  1.174   -10.319 1.00 21.12 ? 213 MET A N   1 
ATOM 1692 C CA  . MET A 1 213 ? 11.076  0.630   -11.406 1.00 18.13 ? 213 MET A CA  1 
ATOM 1693 C C   . MET A 1 213 ? 9.943   1.565   -11.840 1.00 17.24 ? 213 MET A C   1 
ATOM 1694 O O   . MET A 1 213 ? 8.983   1.113   -12.464 1.00 15.25 ? 213 MET A O   1 
ATOM 1695 C CB  . MET A 1 213 ? 10.491  -0.728  -11.022 1.00 14.26 ? 213 MET A CB  1 
ATOM 1696 C CG  . MET A 1 213 ? 9.929   -0.815  -9.610  1.00 20.20 ? 213 MET A CG  1 
ATOM 1697 S SD  . MET A 1 213 ? 9.759   -2.532  -9.035  1.00 34.09 ? 213 MET A SD  1 
ATOM 1698 C CE  . MET A 1 213 ? 8.543   -3.118  -10.178 1.00 14.76 ? 213 MET A CE  1 
ATOM 1699 N N   . ALA A 1 214 ? 10.021  2.854   -11.518 1.00 17.91 ? 214 ALA A N   1 
ATOM 1700 C CA  . ALA A 1 214 ? 8.941   3.771   -11.866 1.00 18.72 ? 214 ALA A CA  1 
ATOM 1701 C C   . ALA A 1 214 ? 8.752   3.846   -13.381 1.00 16.49 ? 214 ALA A C   1 
ATOM 1702 O O   . ALA A 1 214 ? 9.718   3.820   -14.145 1.00 15.01 ? 214 ALA A O   1 
ATOM 1703 C CB  . ALA A 1 214 ? 9.226   5.165   -11.294 1.00 12.25 ? 214 ALA A CB  1 
ATOM 1704 N N   . ILE A 1 215 ? 7.496   3.943   -13.815 1.00 16.44 ? 215 ILE A N   1 
ATOM 1705 C CA  . ILE A 1 215 ? 7.179   4.071   -15.235 1.00 13.42 ? 215 ILE A CA  1 
ATOM 1706 C C   . ILE A 1 215 ? 6.059   5.089   -15.498 1.00 16.98 ? 215 ILE A C   1 
ATOM 1707 O O   . ILE A 1 215 ? 5.867   5.519   -16.628 1.00 22.23 ? 215 ILE A O   1 
ATOM 1708 C CB  . ILE A 1 215 ? 6.808   2.718   -15.840 1.00 15.38 ? 215 ILE A CB  1 
ATOM 1709 C CG1 . ILE A 1 215 ? 5.921   1.921   -14.880 1.00 12.69 ? 215 ILE A CG1 1 
ATOM 1710 C CG2 . ILE A 1 215 ? 8.068   1.935   -16.184 1.00 12.94 ? 215 ILE A CG2 1 
ATOM 1711 C CD1 . ILE A 1 215 ? 5.389   0.617   -15.501 1.00 10.63 ? 215 ILE A CD1 1 
ATOM 1712 O OXT . ILE A 1 215 ? 5.303   5.522   -14.625 1.00 19.79 ? 215 ILE A OXT 1 
# 
loop_
_pdbx_poly_seq_scheme.asym_id 
_pdbx_poly_seq_scheme.entity_id 
_pdbx_poly_seq_scheme.seq_id 
_pdbx_poly_seq_scheme.mon_id 
_pdbx_poly_seq_scheme.ndb_seq_num 
_pdbx_poly_seq_scheme.pdb_seq_num 
_pdbx_poly_seq_scheme.auth_seq_num 
_pdbx_poly_seq_scheme.pdb_mon_id 
_pdbx_poly_seq_scheme.auth_mon_id 
_pdbx_poly_seq_scheme.pdb_strand_id 
_pdbx_poly_seq_scheme.pdb_ins_code 
_pdbx_poly_seq_scheme.hetero 
A 1 1   MET 1   1   1   MET MET A . n 
A 1 2   LYS 2   2   2   LYS LYS A . n 
A 1 3   LEU 3   3   3   LEU LEU A . n 
A 1 4   TYR 4   4   4   TYR TYR A . n 
A 1 5   ILE 5   5   5   ILE ILE A . n 
A 1 6   TYR 6   6   6   TYR TYR A . n 
A 1 7   ASP 7   7   7   ASP ASP A . n 
A 1 8   HIS 8   8   8   HIS HIS A . n 
A 1 9   CYS 9   9   9   CYS CYS A . n 
A 1 10  PRO 10  10  10  PRO PRO A . n 
A 1 11  TYR 11  11  11  TYR TYR A . n 
A 1 12  CYS 12  12  12  CYS CYS A . n 
A 1 13  LEU 13  13  13  LEU LEU A . n 
A 1 14  LYS 14  14  14  LYS LYS A . n 
A 1 15  ALA 15  15  15  ALA ALA A . n 
A 1 16  ARG 16  16  16  ARG ARG A . n 
A 1 17  MET 17  17  17  MET MET A . n 
A 1 18  ILE 18  18  18  ILE ILE A . n 
A 1 19  PHE 19  19  19  PHE PHE A . n 
A 1 20  GLY 20  20  20  GLY GLY A . n 
A 1 21  LEU 21  21  21  LEU LEU A . n 
A 1 22  LYS 22  22  22  LYS LYS A . n 
A 1 23  ASN 23  23  23  ASN ASN A . n 
A 1 24  ILE 24  24  24  ILE ILE A . n 
A 1 25  PRO 25  25  25  PRO PRO A . n 
A 1 26  VAL 26  26  26  VAL VAL A . n 
A 1 27  GLU 27  27  27  GLU GLU A . n 
A 1 28  LEU 28  28  28  LEU LEU A . n 
A 1 29  HIS 29  29  29  HIS HIS A . n 
A 1 30  VAL 30  30  30  VAL VAL A . n 
A 1 31  LEU 31  31  31  LEU LEU A . n 
A 1 32  LEU 32  32  32  LEU LEU A . n 
A 1 33  ASN 33  33  33  ASN ASN A . n 
A 1 34  ASP 34  34  34  ASP ASP A . n 
A 1 35  ASP 35  35  35  ASP ASP A . n 
A 1 36  ALA 36  36  36  ALA ALA A . n 
A 1 37  GLU 37  37  37  GLU GLU A . n 
A 1 38  THR 38  38  38  THR THR A . n 
A 1 39  PRO 39  39  39  PRO PRO A . n 
A 1 40  THR 40  40  40  THR THR A . n 
A 1 41  ARG 41  41  41  ARG ARG A . n 
A 1 42  MET 42  42  42  MET MET A . n 
A 1 43  VAL 43  43  43  VAL VAL A . n 
A 1 44  GLY 44  44  44  GLY GLY A . n 
A 1 45  GLN 45  45  45  GLN GLN A . n 
A 1 46  LYS 46  46  46  LYS LYS A . n 
A 1 47  GLN 47  47  47  GLN GLN A . n 
A 1 48  VAL 48  48  48  VAL VAL A . n 
A 1 49  PRO 49  49  49  PRO PRO A . n 
A 1 50  ILE 50  50  50  ILE ILE A . n 
A 1 51  LEU 51  51  51  LEU LEU A . n 
A 1 52  GLN 52  52  52  GLN GLN A . n 
A 1 53  LYS 53  53  53  LYS LYS A . n 
A 1 54  ASP 54  54  54  ASP ASP A . n 
A 1 55  ASP 55  55  55  ASP ASP A . n 
A 1 56  SER 56  56  56  SER SER A . n 
A 1 57  ARG 57  57  57  ARG ARG A . n 
A 1 58  TYR 58  58  58  TYR TYR A . n 
A 1 59  MET 59  59  59  MET MET A . n 
A 1 60  PRO 60  60  60  PRO PRO A . n 
A 1 61  GLU 61  61  61  GLU GLU A . n 
A 1 62  SER 62  62  62  SER SER A . n 
A 1 63  MET 63  63  63  MET MET A . n 
A 1 64  ASP 64  64  64  ASP ASP A . n 
A 1 65  ILE 65  65  65  ILE ILE A . n 
A 1 66  VAL 66  66  66  VAL VAL A . n 
A 1 67  HIS 67  67  67  HIS HIS A . n 
A 1 68  TYR 68  68  68  TYR TYR A . n 
A 1 69  VAL 69  69  69  VAL VAL A . n 
A 1 70  ASP 70  70  70  ASP ASP A . n 
A 1 71  LYS 71  71  71  LYS LYS A . n 
A 1 72  LEU 72  72  72  LEU LEU A . n 
A 1 73  ASP 73  73  73  ASP ASP A . n 
A 1 74  GLY 74  74  74  GLY GLY A . n 
A 1 75  LYS 75  75  75  LYS LYS A . n 
A 1 76  PRO 76  76  76  PRO PRO A . n 
A 1 77  LEU 77  77  77  LEU LEU A . n 
A 1 78  LEU 78  78  78  LEU LEU A . n 
A 1 79  THR 79  79  79  THR THR A . n 
A 1 80  GLY 80  80  80  GLY GLY A . n 
A 1 81  LYS 81  81  81  LYS LYS A . n 
A 1 82  ARG 82  82  82  ARG ARG A . n 
A 1 83  SER 83  83  83  SER SER A . n 
A 1 84  PRO 84  84  84  PRO PRO A . n 
A 1 85  ALA 85  85  85  ALA ALA A . n 
A 1 86  ILE 86  86  86  ILE ILE A . n 
A 1 87  GLU 87  87  87  GLU GLU A . n 
A 1 88  GLU 88  88  88  GLU GLU A . n 
A 1 89  TRP 89  89  89  TRP TRP A . n 
A 1 90  LEU 90  90  90  LEU LEU A . n 
A 1 91  ARG 91  91  91  ARG ARG A . n 
A 1 92  LYS 92  92  92  LYS LYS A . n 
A 1 93  VAL 93  93  93  VAL VAL A . n 
A 1 94  ASN 94  94  94  ASN ASN A . n 
A 1 95  GLY 95  95  95  GLY GLY A . n 
A 1 96  TYR 96  96  96  TYR TYR A . n 
A 1 97  ALA 97  97  97  ALA ALA A . n 
A 1 98  ASN 98  98  98  ASN ASN A . n 
A 1 99  LYS 99  99  99  LYS LYS A . n 
A 1 100 LEU 100 100 100 LEU LEU A . n 
A 1 101 LEU 101 101 101 LEU LEU A . n 
A 1 102 LEU 102 102 102 LEU LEU A . n 
A 1 103 PRO 103 103 103 PRO PRO A . n 
A 1 104 ARG 104 104 104 ARG ARG A . n 
A 1 105 PHE 105 105 105 PHE PHE A . n 
A 1 106 ALA 106 106 106 ALA ALA A . n 
A 1 107 LYS 107 107 107 LYS LYS A . n 
A 1 108 SER 108 108 108 SER SER A . n 
A 1 109 ALA 109 109 109 ALA ALA A . n 
A 1 110 PHE 110 110 110 PHE PHE A . n 
A 1 111 ASP 111 111 111 ASP ASP A . n 
A 1 112 GLU 112 112 112 GLU GLU A . n 
A 1 113 PHE 113 113 113 PHE PHE A . n 
A 1 114 SER 114 114 114 SER SER A . n 
A 1 115 THR 115 115 115 THR THR A . n 
A 1 116 PRO 116 116 116 PRO PRO A . n 
A 1 117 ALA 117 117 117 ALA ALA A . n 
A 1 118 ALA 118 118 118 ALA ALA A . n 
A 1 119 ARG 119 119 119 ARG ARG A . n 
A 1 120 LYS 120 120 120 LYS LYS A . n 
A 1 121 TYR 121 121 121 TYR TYR A . n 
A 1 122 PHE 122 122 122 PHE PHE A . n 
A 1 123 VAL 123 123 123 VAL VAL A . n 
A 1 124 ASP 124 124 124 ASP ASP A . n 
A 1 125 LYS 125 125 125 LYS LYS A . n 
A 1 126 LYS 126 126 126 LYS LYS A . n 
A 1 127 GLU 127 127 127 GLU GLU A . n 
A 1 128 ALA 128 128 128 ALA ALA A . n 
A 1 129 SER 129 129 129 SER SER A . n 
A 1 130 ALA 130 130 130 ALA ALA A . n 
A 1 131 GLY 131 131 131 GLY GLY A . n 
A 1 132 ASN 132 132 132 ASN ASN A . n 
A 1 133 PHE 133 133 133 PHE PHE A . n 
A 1 134 ALA 134 134 134 ALA ALA A . n 
A 1 135 ASP 135 135 135 ASP ASP A . n 
A 1 136 LEU 136 136 136 LEU LEU A . n 
A 1 137 LEU 137 137 137 LEU LEU A . n 
A 1 138 ALA 138 138 138 ALA ALA A . n 
A 1 139 HIS 139 139 139 HIS HIS A . n 
A 1 140 SER 140 140 140 SER SER A . n 
A 1 141 ASP 141 141 141 ASP ASP A . n 
A 1 142 GLY 142 142 142 GLY GLY A . n 
A 1 143 LEU 143 143 143 LEU LEU A . n 
A 1 144 ILE 144 144 144 ILE ILE A . n 
A 1 145 LYS 145 145 145 LYS LYS A . n 
A 1 146 ASN 146 146 146 ASN ASN A . n 
A 1 147 ILE 147 147 147 ILE ILE A . n 
A 1 148 SER 148 148 148 SER SER A . n 
A 1 149 ASP 149 149 149 ASP ASP A . n 
A 1 150 ASP 150 150 150 ASP ASP A . n 
A 1 151 LEU 151 151 151 LEU LEU A . n 
A 1 152 ARG 152 152 152 ARG ARG A . n 
A 1 153 ALA 153 153 153 ALA ALA A . n 
A 1 154 LEU 154 154 154 LEU LEU A . n 
A 1 155 ASP 155 155 155 ASP ASP A . n 
A 1 156 LYS 156 156 156 LYS LYS A . n 
A 1 157 LEU 157 157 157 LEU LEU A . n 
A 1 158 ILE 158 158 158 ILE ILE A . n 
A 1 159 VAL 159 159 159 VAL VAL A . n 
A 1 160 LYS 160 160 160 LYS LYS A . n 
A 1 161 PRO 161 161 161 PRO PRO A . n 
A 1 162 ASN 162 162 162 ASN ASN A . n 
A 1 163 ALA 163 163 163 ALA ALA A . n 
A 1 164 VAL 164 164 164 VAL VAL A . n 
A 1 165 ASN 165 165 165 ASN ASN A . n 
A 1 166 GLY 166 166 166 GLY GLY A . n 
A 1 167 GLU 167 167 167 GLU GLU A . n 
A 1 168 LEU 168 168 168 LEU LEU A . n 
A 1 169 SER 169 169 169 SER SER A . n 
A 1 170 GLU 170 170 170 GLU GLU A . n 
A 1 171 ASP 171 171 171 ASP ASP A . n 
A 1 172 ASP 172 172 172 ASP ASP A . n 
A 1 173 ILE 173 173 173 ILE ILE A . n 
A 1 174 GLN 174 174 174 GLN GLN A . n 
A 1 175 LEU 175 175 175 LEU LEU A . n 
A 1 176 PHE 176 176 176 PHE PHE A . n 
A 1 177 PRO 177 177 177 PRO PRO A . n 
A 1 178 LEU 178 178 178 LEU LEU A . n 
A 1 179 LEU 179 179 179 LEU LEU A . n 
A 1 180 ARG 180 180 180 ARG ARG A . n 
A 1 181 ASN 181 181 181 ASN ASN A . n 
A 1 182 LEU 182 182 182 LEU LEU A . n 
A 1 183 THR 183 183 183 THR THR A . n 
A 1 184 LEU 184 184 184 LEU LEU A . n 
A 1 185 VAL 185 185 185 VAL VAL A . n 
A 1 186 ALA 186 186 186 ALA ALA A . n 
A 1 187 GLY 187 187 187 GLY GLY A . n 
A 1 188 ILE 188 188 188 ILE ILE A . n 
A 1 189 ASN 189 189 189 ASN ASN A . n 
A 1 190 TRP 190 190 190 TRP TRP A . n 
A 1 191 PRO 191 191 191 PRO PRO A . n 
A 1 192 SER 192 192 192 SER SER A . n 
A 1 193 ARG 193 193 193 ARG ARG A . n 
A 1 194 VAL 194 194 194 VAL VAL A . n 
A 1 195 ALA 195 195 195 ALA ALA A . n 
A 1 196 ASP 196 196 196 ASP ASP A . n 
A 1 197 TYR 197 197 197 TYR TYR A . n 
A 1 198 ARG 198 198 198 ARG ARG A . n 
A 1 199 ASP 199 199 199 ASP ASP A . n 
A 1 200 ASN 200 200 200 ASN ASN A . n 
A 1 201 MET 201 201 201 MET MET A . n 
A 1 202 ALA 202 202 202 ALA ALA A . n 
A 1 203 LYS 203 203 203 LYS LYS A . n 
A 1 204 GLN 204 204 204 GLN GLN A . n 
A 1 205 THR 205 205 205 THR THR A . n 
A 1 206 GLN 206 206 206 GLN GLN A . n 
A 1 207 ILE 207 207 207 ILE ILE A . n 
A 1 208 ASN 208 208 208 ASN ASN A . n 
A 1 209 LEU 209 209 209 LEU LEU A . n 
A 1 210 LEU 210 210 210 LEU LEU A . n 
A 1 211 SER 211 211 211 SER SER A . n 
A 1 212 SER 212 212 212 SER SER A . n 
A 1 213 MET 213 213 213 MET MET A . n 
A 1 214 ALA 214 214 214 ALA ALA A . n 
A 1 215 ILE 215 215 215 ILE ILE A . n 
# 
_pdbx_struct_assembly.id                   1 
_pdbx_struct_assembly.details              author_defined_assembly 
_pdbx_struct_assembly.method_details       ? 
_pdbx_struct_assembly.oligomeric_details   monomeric 
_pdbx_struct_assembly.oligomeric_count     1 
# 
_pdbx_struct_assembly_gen.assembly_id       1 
_pdbx_struct_assembly_gen.oper_expression   1 
_pdbx_struct_assembly_gen.asym_id_list      A 
# 
loop_
_pdbx_struct_assembly_prop.biol_id 
_pdbx_struct_assembly_prop.type 
_pdbx_struct_assembly_prop.value 
_pdbx_struct_assembly_prop.details 
1 'ABSA (A^2)' 0     ? 
1 MORE         0     ? 
1 'SSA (A^2)'  10430 ? 
# 
_pdbx_struct_oper_list.id                   1 
_pdbx_struct_oper_list.type                 'identity operation' 
_pdbx_struct_oper_list.name                 1_555 
_pdbx_struct_oper_list.symmetry_operation   x,y,z 
_pdbx_struct_oper_list.matrix[1][1]         1.0000000000 
_pdbx_struct_oper_list.matrix[1][2]         0.0000000000 
_pdbx_struct_oper_list.matrix[1][3]         0.0000000000 
_pdbx_struct_oper_list.vector[1]            0.0000000000 
_pdbx_struct_oper_list.matrix[2][1]         0.0000000000 
_pdbx_struct_oper_list.matrix[2][2]         1.0000000000 
_pdbx_struct_oper_list.matrix[2][3]         0.0000000000 
_pdbx_struct_oper_list.vector[2]            0.0000000000 
_pdbx_struct_oper_list.matrix[3][1]         0.0000000000 
_pdbx_struct_oper_list.matrix[3][2]         0.0000000000 
_pdbx_struct_oper_list.matrix[3][3]         1.0000000000 
_pdbx_struct_oper_list.vector[3]            0.0000000000 
# 
loop_
_pdbx_audit_revision_history.ordinal 
_pdbx_audit_revision_history.data_content_type 
_pdbx_audit_revision_history.major_revision 
_pdbx_audit_revision_history.minor_revision 
_pdbx_audit_revision_history.revision_date 
1 'Structure model' 1 0 2021-12-08 
2 'Structure model' 1 1 2023-11-29 
# 
_pdbx_audit_revision_details.ordinal             1 
_pdbx_audit_revision_details.revision_ordinal    1 
_pdbx_audit_revision_details.data_content_type   'Structure model' 
_pdbx_audit_revision_details.provider            repository 
_pdbx_audit_revision_details.type                'Initial release' 
_pdbx_audit_revision_details.description         ? 
_pdbx_audit_revision_details.details             ? 
# 
loop_
_pdbx_audit_revision_group.ordinal 
_pdbx_audit_revision_group.revision_ordinal 
_pdbx_audit_revision_group.data_content_type 
_pdbx_audit_revision_group.group 
1 2 'Structure model' 'Data collection'        
2 2 'Structure model' 'Refinement description' 
# 
loop_
_pdbx_audit_revision_category.ordinal 
_pdbx_audit_revision_category.revision_ordinal 
_pdbx_audit_revision_category.data_content_type 
_pdbx_audit_revision_category.category 
1 2 'Structure model' chem_comp_atom                
2 2 'Structure model' chem_comp_bond                
3 2 'Structure model' pdbx_initial_refinement_model 
# 
loop_
_software.citation_id 
_software.classification 
_software.compiler_name 
_software.compiler_version 
_software.contact_author 
_software.contact_author_email 
_software.date 
_software.description 
_software.dependencies 
_software.hardware 
_software.language 
_software.location 
_software.mods 
_software.name 
_software.os 
_software.os_version 
_software.type 
_software.version 
_software.pdbx_ordinal 
? 'data scaling'    ? ? ? ? ? ? ? ? ? ? ? SCALA       ? ? ? 0.7.4     1 
? refinement        ? ? ? ? ? ? ? ? ? ? ? PHENIX      ? ? ? 1.16_3549 2 
? 'data extraction' ? ? ? ? ? ? ? ? ? ? ? PDB_EXTRACT ? ? ? 3.25      3 
? 'data reduction'  ? ? ? ? ? ? ? ? ? ? ? iMOSFLM     ? ? ? .         4 
# 
loop_
_pdbx_validate_torsion.id 
_pdbx_validate_torsion.PDB_model_num 
_pdbx_validate_torsion.auth_comp_id 
_pdbx_validate_torsion.auth_asym_id 
_pdbx_validate_torsion.auth_seq_id 
_pdbx_validate_torsion.PDB_ins_code 
_pdbx_validate_torsion.label_alt_id 
_pdbx_validate_torsion.phi 
_pdbx_validate_torsion.psi 
1 1 GLU A 61  ? ? 71.36   125.46 
2 1 TYR A 96  ? ? -146.54 -11.90 
3 1 ALA A 163 ? ? -170.75 119.22 
# 
loop_
_chem_comp_atom.comp_id 
_chem_comp_atom.atom_id 
_chem_comp_atom.type_symbol 
_chem_comp_atom.pdbx_aromatic_flag 
_chem_comp_atom.pdbx_stereo_config 
_chem_comp_atom.pdbx_ordinal 
ALA N    N N N 1   
ALA CA   C N S 2   
ALA C    C N N 3   
ALA O    O N N 4   
ALA CB   C N N 5   
ALA OXT  O N N 6   
ALA H    H N N 7   
ALA H2   H N N 8   
ALA HA   H N N 9   
ALA HB1  H N N 10  
ALA HB2  H N N 11  
ALA HB3  H N N 12  
ALA HXT  H N N 13  
ARG N    N N N 14  
ARG CA   C N S 15  
ARG C    C N N 16  
ARG O    O N N 17  
ARG CB   C N N 18  
ARG CG   C N N 19  
ARG CD   C N N 20  
ARG NE   N N N 21  
ARG CZ   C N N 22  
ARG NH1  N N N 23  
ARG NH2  N N N 24  
ARG OXT  O N N 25  
ARG H    H N N 26  
ARG H2   H N N 27  
ARG HA   H N N 28  
ARG HB2  H N N 29  
ARG HB3  H N N 30  
ARG HG2  H N N 31  
ARG HG3  H N N 32  
ARG HD2  H N N 33  
ARG HD3  H N N 34  
ARG HE   H N N 35  
ARG HH11 H N N 36  
ARG HH12 H N N 37  
ARG HH21 H N N 38  
ARG HH22 H N N 39  
ARG HXT  H N N 40  
ASN N    N N N 41  
ASN CA   C N S 42  
ASN C    C N N 43  
ASN O    O N N 44  
ASN CB   C N N 45  
ASN CG   C N N 46  
ASN OD1  O N N 47  
ASN ND2  N N N 48  
ASN OXT  O N N 49  
ASN H    H N N 50  
ASN H2   H N N 51  
ASN HA   H N N 52  
ASN HB2  H N N 53  
ASN HB3  H N N 54  
ASN HD21 H N N 55  
ASN HD22 H N N 56  
ASN HXT  H N N 57  
ASP N    N N N 58  
ASP CA   C N S 59  
ASP C    C N N 60  
ASP O    O N N 61  
ASP CB   C N N 62  
ASP CG   C N N 63  
ASP OD1  O N N 64  
ASP OD2  O N N 65  
ASP OXT  O N N 66  
ASP H    H N N 67  
ASP H2   H N N 68  
ASP HA   H N N 69  
ASP HB2  H N N 70  
ASP HB3  H N N 71  
ASP HD2  H N N 72  
ASP HXT  H N N 73  
CYS N    N N N 74  
CYS CA   C N R 75  
CYS C    C N N 76  
CYS O    O N N 77  
CYS CB   C N N 78  
CYS SG   S N N 79  
CYS OXT  O N N 80  
CYS H    H N N 81  
CYS H2   H N N 82  
CYS HA   H N N 83  
CYS HB2  H N N 84  
CYS HB3  H N N 85  
CYS HG   H N N 86  
CYS HXT  H N N 87  
GLN N    N N N 88  
GLN CA   C N S 89  
GLN C    C N N 90  
GLN O    O N N 91  
GLN CB   C N N 92  
GLN CG   C N N 93  
GLN CD   C N N 94  
GLN OE1  O N N 95  
GLN NE2  N N N 96  
GLN OXT  O N N 97  
GLN H    H N N 98  
GLN H2   H N N 99  
GLN HA   H N N 100 
GLN HB2  H N N 101 
GLN HB3  H N N 102 
GLN HG2  H N N 103 
GLN HG3  H N N 104 
GLN HE21 H N N 105 
GLN HE22 H N N 106 
GLN HXT  H N N 107 
GLU N    N N N 108 
GLU CA   C N S 109 
GLU C    C N N 110 
GLU O    O N N 111 
GLU CB   C N N 112 
GLU CG   C N N 113 
GLU CD   C N N 114 
GLU OE1  O N N 115 
GLU OE2  O N N 116 
GLU OXT  O N N 117 
GLU H    H N N 118 
GLU H2   H N N 119 
GLU HA   H N N 120 
GLU HB2  H N N 121 
GLU HB3  H N N 122 
GLU HG2  H N N 123 
GLU HG3  H N N 124 
GLU HE2  H N N 125 
GLU HXT  H N N 126 
GLY N    N N N 127 
GLY CA   C N N 128 
GLY C    C N N 129 
GLY O    O N N 130 
GLY OXT  O N N 131 
GLY H    H N N 132 
GLY H2   H N N 133 
GLY HA2  H N N 134 
GLY HA3  H N N 135 
GLY HXT  H N N 136 
HIS N    N N N 137 
HIS CA   C N S 138 
HIS C    C N N 139 
HIS O    O N N 140 
HIS CB   C N N 141 
HIS CG   C Y N 142 
HIS ND1  N Y N 143 
HIS CD2  C Y N 144 
HIS CE1  C Y N 145 
HIS NE2  N Y N 146 
HIS OXT  O N N 147 
HIS H    H N N 148 
HIS H2   H N N 149 
HIS HA   H N N 150 
HIS HB2  H N N 151 
HIS HB3  H N N 152 
HIS HD1  H N N 153 
HIS HD2  H N N 154 
HIS HE1  H N N 155 
HIS HE2  H N N 156 
HIS HXT  H N N 157 
ILE N    N N N 158 
ILE CA   C N S 159 
ILE C    C N N 160 
ILE O    O N N 161 
ILE CB   C N S 162 
ILE CG1  C N N 163 
ILE CG2  C N N 164 
ILE CD1  C N N 165 
ILE OXT  O N N 166 
ILE H    H N N 167 
ILE H2   H N N 168 
ILE HA   H N N 169 
ILE HB   H N N 170 
ILE HG12 H N N 171 
ILE HG13 H N N 172 
ILE HG21 H N N 173 
ILE HG22 H N N 174 
ILE HG23 H N N 175 
ILE HD11 H N N 176 
ILE HD12 H N N 177 
ILE HD13 H N N 178 
ILE HXT  H N N 179 
LEU N    N N N 180 
LEU CA   C N S 181 
LEU C    C N N 182 
LEU O    O N N 183 
LEU CB   C N N 184 
LEU CG   C N N 185 
LEU CD1  C N N 186 
LEU CD2  C N N 187 
LEU OXT  O N N 188 
LEU H    H N N 189 
LEU H2   H N N 190 
LEU HA   H N N 191 
LEU HB2  H N N 192 
LEU HB3  H N N 193 
LEU HG   H N N 194 
LEU HD11 H N N 195 
LEU HD12 H N N 196 
LEU HD13 H N N 197 
LEU HD21 H N N 198 
LEU HD22 H N N 199 
LEU HD23 H N N 200 
LEU HXT  H N N 201 
LYS N    N N N 202 
LYS CA   C N S 203 
LYS C    C N N 204 
LYS O    O N N 205 
LYS CB   C N N 206 
LYS CG   C N N 207 
LYS CD   C N N 208 
LYS CE   C N N 209 
LYS NZ   N N N 210 
LYS OXT  O N N 211 
LYS H    H N N 212 
LYS H2   H N N 213 
LYS HA   H N N 214 
LYS HB2  H N N 215 
LYS HB3  H N N 216 
LYS HG2  H N N 217 
LYS HG3  H N N 218 
LYS HD2  H N N 219 
LYS HD3  H N N 220 
LYS HE2  H N N 221 
LYS HE3  H N N 222 
LYS HZ1  H N N 223 
LYS HZ2  H N N 224 
LYS HZ3  H N N 225 
LYS HXT  H N N 226 
MET N    N N N 227 
MET CA   C N S 228 
MET C    C N N 229 
MET O    O N N 230 
MET CB   C N N 231 
MET CG   C N N 232 
MET SD   S N N 233 
MET CE   C N N 234 
MET OXT  O N N 235 
MET H    H N N 236 
MET H2   H N N 237 
MET HA   H N N 238 
MET HB2  H N N 239 
MET HB3  H N N 240 
MET HG2  H N N 241 
MET HG3  H N N 242 
MET HE1  H N N 243 
MET HE2  H N N 244 
MET HE3  H N N 245 
MET HXT  H N N 246 
PHE N    N N N 247 
PHE CA   C N S 248 
PHE C    C N N 249 
PHE O    O N N 250 
PHE CB   C N N 251 
PHE CG   C Y N 252 
PHE CD1  C Y N 253 
PHE CD2  C Y N 254 
PHE CE1  C Y N 255 
PHE CE2  C Y N 256 
PHE CZ   C Y N 257 
PHE OXT  O N N 258 
PHE H    H N N 259 
PHE H2   H N N 260 
PHE HA   H N N 261 
PHE HB2  H N N 262 
PHE HB3  H N N 263 
PHE HD1  H N N 264 
PHE HD2  H N N 265 
PHE HE1  H N N 266 
PHE HE2  H N N 267 
PHE HZ   H N N 268 
PHE HXT  H N N 269 
PRO N    N N N 270 
PRO CA   C N S 271 
PRO C    C N N 272 
PRO O    O N N 273 
PRO CB   C N N 274 
PRO CG   C N N 275 
PRO CD   C N N 276 
PRO OXT  O N N 277 
PRO H    H N N 278 
PRO HA   H N N 279 
PRO HB2  H N N 280 
PRO HB3  H N N 281 
PRO HG2  H N N 282 
PRO HG3  H N N 283 
PRO HD2  H N N 284 
PRO HD3  H N N 285 
PRO HXT  H N N 286 
SER N    N N N 287 
SER CA   C N S 288 
SER C    C N N 289 
SER O    O N N 290 
SER CB   C N N 291 
SER OG   O N N 292 
SER OXT  O N N 293 
SER H    H N N 294 
SER H2   H N N 295 
SER HA   H N N 296 
SER HB2  H N N 297 
SER HB3  H N N 298 
SER HG   H N N 299 
SER HXT  H N N 300 
THR N    N N N 301 
THR CA   C N S 302 
THR C    C N N 303 
THR O    O N N 304 
THR CB   C N R 305 
THR OG1  O N N 306 
THR CG2  C N N 307 
THR OXT  O N N 308 
THR H    H N N 309 
THR H2   H N N 310 
THR HA   H N N 311 
THR HB   H N N 312 
THR HG1  H N N 313 
THR HG21 H N N 314 
THR HG22 H N N 315 
THR HG23 H N N 316 
THR HXT  H N N 317 
TRP N    N N N 318 
TRP CA   C N S 319 
TRP C    C N N 320 
TRP O    O N N 321 
TRP CB   C N N 322 
TRP CG   C Y N 323 
TRP CD1  C Y N 324 
TRP CD2  C Y N 325 
TRP NE1  N Y N 326 
TRP CE2  C Y N 327 
TRP CE3  C Y N 328 
TRP CZ2  C Y N 329 
TRP CZ3  C Y N 330 
TRP CH2  C Y N 331 
TRP OXT  O N N 332 
TRP H    H N N 333 
TRP H2   H N N 334 
TRP HA   H N N 335 
TRP HB2  H N N 336 
TRP HB3  H N N 337 
TRP HD1  H N N 338 
TRP HE1  H N N 339 
TRP HE3  H N N 340 
TRP HZ2  H N N 341 
TRP HZ3  H N N 342 
TRP HH2  H N N 343 
TRP HXT  H N N 344 
TYR N    N N N 345 
TYR CA   C N S 346 
TYR C    C N N 347 
TYR O    O N N 348 
TYR CB   C N N 349 
TYR CG   C Y N 350 
TYR CD1  C Y N 351 
TYR CD2  C Y N 352 
TYR CE1  C Y N 353 
TYR CE2  C Y N 354 
TYR CZ   C Y N 355 
TYR OH   O N N 356 
TYR OXT  O N N 357 
TYR H    H N N 358 
TYR H2   H N N 359 
TYR HA   H N N 360 
TYR HB2  H N N 361 
TYR HB3  H N N 362 
TYR HD1  H N N 363 
TYR HD2  H N N 364 
TYR HE1  H N N 365 
TYR HE2  H N N 366 
TYR HH   H N N 367 
TYR HXT  H N N 368 
VAL N    N N N 369 
VAL CA   C N S 370 
VAL C    C N N 371 
VAL O    O N N 372 
VAL CB   C N N 373 
VAL CG1  C N N 374 
VAL CG2  C N N 375 
VAL OXT  O N N 376 
VAL H    H N N 377 
VAL H2   H N N 378 
VAL HA   H N N 379 
VAL HB   H N N 380 
VAL HG11 H N N 381 
VAL HG12 H N N 382 
VAL HG13 H N N 383 
VAL HG21 H N N 384 
VAL HG22 H N N 385 
VAL HG23 H N N 386 
VAL HXT  H N N 387 
# 
loop_
_chem_comp_bond.comp_id 
_chem_comp_bond.atom_id_1 
_chem_comp_bond.atom_id_2 
_chem_comp_bond.value_order 
_chem_comp_bond.pdbx_aromatic_flag 
_chem_comp_bond.pdbx_stereo_config 
_chem_comp_bond.pdbx_ordinal 
ALA N   CA   sing N N 1   
ALA N   H    sing N N 2   
ALA N   H2   sing N N 3   
ALA CA  C    sing N N 4   
ALA CA  CB   sing N N 5   
ALA CA  HA   sing N N 6   
ALA C   O    doub N N 7   
ALA C   OXT  sing N N 8   
ALA CB  HB1  sing N N 9   
ALA CB  HB2  sing N N 10  
ALA CB  HB3  sing N N 11  
ALA OXT HXT  sing N N 12  
ARG N   CA   sing N N 13  
ARG N   H    sing N N 14  
ARG N   H2   sing N N 15  
ARG CA  C    sing N N 16  
ARG CA  CB   sing N N 17  
ARG CA  HA   sing N N 18  
ARG C   O    doub N N 19  
ARG C   OXT  sing N N 20  
ARG CB  CG   sing N N 21  
ARG CB  HB2  sing N N 22  
ARG CB  HB3  sing N N 23  
ARG CG  CD   sing N N 24  
ARG CG  HG2  sing N N 25  
ARG CG  HG3  sing N N 26  
ARG CD  NE   sing N N 27  
ARG CD  HD2  sing N N 28  
ARG CD  HD3  sing N N 29  
ARG NE  CZ   sing N N 30  
ARG NE  HE   sing N N 31  
ARG CZ  NH1  sing N N 32  
ARG CZ  NH2  doub N N 33  
ARG NH1 HH11 sing N N 34  
ARG NH1 HH12 sing N N 35  
ARG NH2 HH21 sing N N 36  
ARG NH2 HH22 sing N N 37  
ARG OXT HXT  sing N N 38  
ASN N   CA   sing N N 39  
ASN N   H    sing N N 40  
ASN N   H2   sing N N 41  
ASN CA  C    sing N N 42  
ASN CA  CB   sing N N 43  
ASN CA  HA   sing N N 44  
ASN C   O    doub N N 45  
ASN C   OXT  sing N N 46  
ASN CB  CG   sing N N 47  
ASN CB  HB2  sing N N 48  
ASN CB  HB3  sing N N 49  
ASN CG  OD1  doub N N 50  
ASN CG  ND2  sing N N 51  
ASN ND2 HD21 sing N N 52  
ASN ND2 HD22 sing N N 53  
ASN OXT HXT  sing N N 54  
ASP N   CA   sing N N 55  
ASP N   H    sing N N 56  
ASP N   H2   sing N N 57  
ASP CA  C    sing N N 58  
ASP CA  CB   sing N N 59  
ASP CA  HA   sing N N 60  
ASP C   O    doub N N 61  
ASP C   OXT  sing N N 62  
ASP CB  CG   sing N N 63  
ASP CB  HB2  sing N N 64  
ASP CB  HB3  sing N N 65  
ASP CG  OD1  doub N N 66  
ASP CG  OD2  sing N N 67  
ASP OD2 HD2  sing N N 68  
ASP OXT HXT  sing N N 69  
CYS N   CA   sing N N 70  
CYS N   H    sing N N 71  
CYS N   H2   sing N N 72  
CYS CA  C    sing N N 73  
CYS CA  CB   sing N N 74  
CYS CA  HA   sing N N 75  
CYS C   O    doub N N 76  
CYS C   OXT  sing N N 77  
CYS CB  SG   sing N N 78  
CYS CB  HB2  sing N N 79  
CYS CB  HB3  sing N N 80  
CYS SG  HG   sing N N 81  
CYS OXT HXT  sing N N 82  
GLN N   CA   sing N N 83  
GLN N   H    sing N N 84  
GLN N   H2   sing N N 85  
GLN CA  C    sing N N 86  
GLN CA  CB   sing N N 87  
GLN CA  HA   sing N N 88  
GLN C   O    doub N N 89  
GLN C   OXT  sing N N 90  
GLN CB  CG   sing N N 91  
GLN CB  HB2  sing N N 92  
GLN CB  HB3  sing N N 93  
GLN CG  CD   sing N N 94  
GLN CG  HG2  sing N N 95  
GLN CG  HG3  sing N N 96  
GLN CD  OE1  doub N N 97  
GLN CD  NE2  sing N N 98  
GLN NE2 HE21 sing N N 99  
GLN NE2 HE22 sing N N 100 
GLN OXT HXT  sing N N 101 
GLU N   CA   sing N N 102 
GLU N   H    sing N N 103 
GLU N   H2   sing N N 104 
GLU CA  C    sing N N 105 
GLU CA  CB   sing N N 106 
GLU CA  HA   sing N N 107 
GLU C   O    doub N N 108 
GLU C   OXT  sing N N 109 
GLU CB  CG   sing N N 110 
GLU CB  HB2  sing N N 111 
GLU CB  HB3  sing N N 112 
GLU CG  CD   sing N N 113 
GLU CG  HG2  sing N N 114 
GLU CG  HG3  sing N N 115 
GLU CD  OE1  doub N N 116 
GLU CD  OE2  sing N N 117 
GLU OE2 HE2  sing N N 118 
GLU OXT HXT  sing N N 119 
GLY N   CA   sing N N 120 
GLY N   H    sing N N 121 
GLY N   H2   sing N N 122 
GLY CA  C    sing N N 123 
GLY CA  HA2  sing N N 124 
GLY CA  HA3  sing N N 125 
GLY C   O    doub N N 126 
GLY C   OXT  sing N N 127 
GLY OXT HXT  sing N N 128 
HIS N   CA   sing N N 129 
HIS N   H    sing N N 130 
HIS N   H2   sing N N 131 
HIS CA  C    sing N N 132 
HIS CA  CB   sing N N 133 
HIS CA  HA   sing N N 134 
HIS C   O    doub N N 135 
HIS C   OXT  sing N N 136 
HIS CB  CG   sing N N 137 
HIS CB  HB2  sing N N 138 
HIS CB  HB3  sing N N 139 
HIS CG  ND1  sing Y N 140 
HIS CG  CD2  doub Y N 141 
HIS ND1 CE1  doub Y N 142 
HIS ND1 HD1  sing N N 143 
HIS CD2 NE2  sing Y N 144 
HIS CD2 HD2  sing N N 145 
HIS CE1 NE2  sing Y N 146 
HIS CE1 HE1  sing N N 147 
HIS NE2 HE2  sing N N 148 
HIS OXT HXT  sing N N 149 
ILE N   CA   sing N N 150 
ILE N   H    sing N N 151 
ILE N   H2   sing N N 152 
ILE CA  C    sing N N 153 
ILE CA  CB   sing N N 154 
ILE CA  HA   sing N N 155 
ILE C   O    doub N N 156 
ILE C   OXT  sing N N 157 
ILE CB  CG1  sing N N 158 
ILE CB  CG2  sing N N 159 
ILE CB  HB   sing N N 160 
ILE CG1 CD1  sing N N 161 
ILE CG1 HG12 sing N N 162 
ILE CG1 HG13 sing N N 163 
ILE CG2 HG21 sing N N 164 
ILE CG2 HG22 sing N N 165 
ILE CG2 HG23 sing N N 166 
ILE CD1 HD11 sing N N 167 
ILE CD1 HD12 sing N N 168 
ILE CD1 HD13 sing N N 169 
ILE OXT HXT  sing N N 170 
LEU N   CA   sing N N 171 
LEU N   H    sing N N 172 
LEU N   H2   sing N N 173 
LEU CA  C    sing N N 174 
LEU CA  CB   sing N N 175 
LEU CA  HA   sing N N 176 
LEU C   O    doub N N 177 
LEU C   OXT  sing N N 178 
LEU CB  CG   sing N N 179 
LEU CB  HB2  sing N N 180 
LEU CB  HB3  sing N N 181 
LEU CG  CD1  sing N N 182 
LEU CG  CD2  sing N N 183 
LEU CG  HG   sing N N 184 
LEU CD1 HD11 sing N N 185 
LEU CD1 HD12 sing N N 186 
LEU CD1 HD13 sing N N 187 
LEU CD2 HD21 sing N N 188 
LEU CD2 HD22 sing N N 189 
LEU CD2 HD23 sing N N 190 
LEU OXT HXT  sing N N 191 
LYS N   CA   sing N N 192 
LYS N   H    sing N N 193 
LYS N   H2   sing N N 194 
LYS CA  C    sing N N 195 
LYS CA  CB   sing N N 196 
LYS CA  HA   sing N N 197 
LYS C   O    doub N N 198 
LYS C   OXT  sing N N 199 
LYS CB  CG   sing N N 200 
LYS CB  HB2  sing N N 201 
LYS CB  HB3  sing N N 202 
LYS CG  CD   sing N N 203 
LYS CG  HG2  sing N N 204 
LYS CG  HG3  sing N N 205 
LYS CD  CE   sing N N 206 
LYS CD  HD2  sing N N 207 
LYS CD  HD3  sing N N 208 
LYS CE  NZ   sing N N 209 
LYS CE  HE2  sing N N 210 
LYS CE  HE3  sing N N 211 
LYS NZ  HZ1  sing N N 212 
LYS NZ  HZ2  sing N N 213 
LYS NZ  HZ3  sing N N 214 
LYS OXT HXT  sing N N 215 
MET N   CA   sing N N 216 
MET N   H    sing N N 217 
MET N   H2   sing N N 218 
MET CA  C    sing N N 219 
MET CA  CB   sing N N 220 
MET CA  HA   sing N N 221 
MET C   O    doub N N 222 
MET C   OXT  sing N N 223 
MET CB  CG   sing N N 224 
MET CB  HB2  sing N N 225 
MET CB  HB3  sing N N 226 
MET CG  SD   sing N N 227 
MET CG  HG2  sing N N 228 
MET CG  HG3  sing N N 229 
MET SD  CE   sing N N 230 
MET CE  HE1  sing N N 231 
MET CE  HE2  sing N N 232 
MET CE  HE3  sing N N 233 
MET OXT HXT  sing N N 234 
PHE N   CA   sing N N 235 
PHE N   H    sing N N 236 
PHE N   H2   sing N N 237 
PHE CA  C    sing N N 238 
PHE CA  CB   sing N N 239 
PHE CA  HA   sing N N 240 
PHE C   O    doub N N 241 
PHE C   OXT  sing N N 242 
PHE CB  CG   sing N N 243 
PHE CB  HB2  sing N N 244 
PHE CB  HB3  sing N N 245 
PHE CG  CD1  doub Y N 246 
PHE CG  CD2  sing Y N 247 
PHE CD1 CE1  sing Y N 248 
PHE CD1 HD1  sing N N 249 
PHE CD2 CE2  doub Y N 250 
PHE CD2 HD2  sing N N 251 
PHE CE1 CZ   doub Y N 252 
PHE CE1 HE1  sing N N 253 
PHE CE2 CZ   sing Y N 254 
PHE CE2 HE2  sing N N 255 
PHE CZ  HZ   sing N N 256 
PHE OXT HXT  sing N N 257 
PRO N   CA   sing N N 258 
PRO N   CD   sing N N 259 
PRO N   H    sing N N 260 
PRO CA  C    sing N N 261 
PRO CA  CB   sing N N 262 
PRO CA  HA   sing N N 263 
PRO C   O    doub N N 264 
PRO C   OXT  sing N N 265 
PRO CB  CG   sing N N 266 
PRO CB  HB2  sing N N 267 
PRO CB  HB3  sing N N 268 
PRO CG  CD   sing N N 269 
PRO CG  HG2  sing N N 270 
PRO CG  HG3  sing N N 271 
PRO CD  HD2  sing N N 272 
PRO CD  HD3  sing N N 273 
PRO OXT HXT  sing N N 274 
SER N   CA   sing N N 275 
SER N   H    sing N N 276 
SER N   H2   sing N N 277 
SER CA  C    sing N N 278 
SER CA  CB   sing N N 279 
SER CA  HA   sing N N 280 
SER C   O    doub N N 281 
SER C   OXT  sing N N 282 
SER CB  OG   sing N N 283 
SER CB  HB2  sing N N 284 
SER CB  HB3  sing N N 285 
SER OG  HG   sing N N 286 
SER OXT HXT  sing N N 287 
THR N   CA   sing N N 288 
THR N   H    sing N N 289 
THR N   H2   sing N N 290 
THR CA  C    sing N N 291 
THR CA  CB   sing N N 292 
THR CA  HA   sing N N 293 
THR C   O    doub N N 294 
THR C   OXT  sing N N 295 
THR CB  OG1  sing N N 296 
THR CB  CG2  sing N N 297 
THR CB  HB   sing N N 298 
THR OG1 HG1  sing N N 299 
THR CG2 HG21 sing N N 300 
THR CG2 HG22 sing N N 301 
THR CG2 HG23 sing N N 302 
THR OXT HXT  sing N N 303 
TRP N   CA   sing N N 304 
TRP N   H    sing N N 305 
TRP N   H2   sing N N 306 
TRP CA  C    sing N N 307 
TRP CA  CB   sing N N 308 
TRP CA  HA   sing N N 309 
TRP C   O    doub N N 310 
TRP C   OXT  sing N N 311 
TRP CB  CG   sing N N 312 
TRP CB  HB2  sing N N 313 
TRP CB  HB3  sing N N 314 
TRP CG  CD1  doub Y N 315 
TRP CG  CD2  sing Y N 316 
TRP CD1 NE1  sing Y N 317 
TRP CD1 HD1  sing N N 318 
TRP CD2 CE2  doub Y N 319 
TRP CD2 CE3  sing Y N 320 
TRP NE1 CE2  sing Y N 321 
TRP NE1 HE1  sing N N 322 
TRP CE2 CZ2  sing Y N 323 
TRP CE3 CZ3  doub Y N 324 
TRP CE3 HE3  sing N N 325 
TRP CZ2 CH2  doub Y N 326 
TRP CZ2 HZ2  sing N N 327 
TRP CZ3 CH2  sing Y N 328 
TRP CZ3 HZ3  sing N N 329 
TRP CH2 HH2  sing N N 330 
TRP OXT HXT  sing N N 331 
TYR N   CA   sing N N 332 
TYR N   H    sing N N 333 
TYR N   H2   sing N N 334 
TYR CA  C    sing N N 335 
TYR CA  CB   sing N N 336 
TYR CA  HA   sing N N 337 
TYR C   O    doub N N 338 
TYR C   OXT  sing N N 339 
TYR CB  CG   sing N N 340 
TYR CB  HB2  sing N N 341 
TYR CB  HB3  sing N N 342 
TYR CG  CD1  doub Y N 343 
TYR CG  CD2  sing Y N 344 
TYR CD1 CE1  sing Y N 345 
TYR CD1 HD1  sing N N 346 
TYR CD2 CE2  doub Y N 347 
TYR CD2 HD2  sing N N 348 
TYR CE1 CZ   doub Y N 349 
TYR CE1 HE1  sing N N 350 
TYR CE2 CZ   sing Y N 351 
TYR CE2 HE2  sing N N 352 
TYR CZ  OH   sing N N 353 
TYR OH  HH   sing N N 354 
TYR OXT HXT  sing N N 355 
VAL N   CA   sing N N 356 
VAL N   H    sing N N 357 
VAL N   H2   sing N N 358 
VAL CA  C    sing N N 359 
VAL CA  CB   sing N N 360 
VAL CA  HA   sing N N 361 
VAL C   O    doub N N 362 
VAL C   OXT  sing N N 363 
VAL CB  CG1  sing N N 364 
VAL CB  CG2  sing N N 365 
VAL CB  HB   sing N N 366 
VAL CG1 HG11 sing N N 367 
VAL CG1 HG12 sing N N 368 
VAL CG1 HG13 sing N N 369 
VAL CG2 HG21 sing N N 370 
VAL CG2 HG22 sing N N 371 
VAL CG2 HG23 sing N N 372 
VAL OXT HXT  sing N N 373 
# 
loop_
_pdbx_audit_support.funding_organization 
_pdbx_audit_support.country 
_pdbx_audit_support.grant_number 
_pdbx_audit_support.ordinal 
'Department of Biotechnology (DBT, India)' India BT/PR28766/BRB/10/1701/2018 1 
'Department of Biotechnology (DBT, India)' India BT/PR28080/BID/7/836/2018   2 
# 
_pdbx_initial_refinement_model.id               1 
_pdbx_initial_refinement_model.entity_id_list   ? 
_pdbx_initial_refinement_model.type             'experimental model' 
_pdbx_initial_refinement_model.source_name      PDB 
_pdbx_initial_refinement_model.accession_code   4KX4 
_pdbx_initial_refinement_model.details          ? 
# 
_pdbx_struct_assembly_auth_evidence.id                     1 
_pdbx_struct_assembly_auth_evidence.assembly_id            1 
_pdbx_struct_assembly_auth_evidence.experimental_support   'gel filtration' 
_pdbx_struct_assembly_auth_evidence.details                Monomer 
# 
